data_7RFM
#
_entry.id   7RFM
#
_cell.length_a   81.701
_cell.length_b   161.167
_cell.length_c   230.608
_cell.angle_alpha   90.000
_cell.angle_beta   90.000
_cell.angle_gamma   90.000
#
_symmetry.space_group_name_H-M   'P 21 21 21'
#
loop_
_entity.id
_entity.type
_entity.pdbx_description
1 polymer 'Site-specific DNA-methyltransferase (adenine-specific)'
2 polymer 'DNA Strand 2'
3 polymer 'DNA Strand 1'
4 non-polymer 7-{5-[(3-{[(4-tert-butylphenyl)carbamoyl]amino}propyl)(propan-2-yl)amino]-5-deoxy-beta-D-ribofuranosyl}-7H-pyrrolo[2,3-d]pyrimidin-4-amine
5 non-polymer 'POTASSIUM ION'
6 non-polymer 1,2-ETHANEDIOL
7 water water
#
loop_
_entity_poly.entity_id
_entity_poly.type
_entity_poly.pdbx_seq_one_letter_code
_entity_poly.pdbx_strand_id
1 'polypeptide(L)'
;HMDDISQDNFLLSKEYENSLDVDTKKASGIYYTPKIIVDYIVKKTLKNHDIIKNPYPRILDISCGCGNFLLEVYDILYDL
FEENIYELKKKYDENYWTVDNIHRHILNYCIYGADIDEKAISILKDSLTNKKVVNDLDESDIKINLFCCDSLKKKWRYKF
DYIVGNPPYIGHKKLEKKYKKFLLEKYSEVYKDKADLYFCFYKKIIDILKQGGIGSVITPRYFLESLSGKDLREYIKSNV
NVQEIVDFLGANIFKNIGVSSCILTFDKKKTKETYIDVFKIKNEDICINKFETLEELLKSSKFEHFNINQRLLSDEWILV
NKDDETFYNKIQEKCKYSLEDIAISFQGIITGCDKAFILSKDDVKLNLVDDKFLKCWIKSKNINKYIVDKSEYRLIYSND
IDNENTNKRILDEIIGLYKTKLENRRECKSGIRKWYELQWGREKLFFERKKIMYPYKSNENRFAIDYDNNFSSADVYSFF
IKEEYLDKFSYEYLVGILNSSVYDKYFKITAKKMSKNIYDYYPNKVMKIRIFRDNNYEEIENLSKQIISILLNKSIDKGK
VEKLQIKMDNLIMDSLGI
;
A,B,C
2 'polydeoxyribonucleotide' (DA)(DT)(DG)(DG)(DG)(DA)(DC)(DT)(DT)(DT)(DT)(DT)(DG)(DA) E,G,I
3 'polydeoxyribonucleotide' (DT)(DT)(DC)(DA)(DA)(DA)(DA)(DA)(DG)(DT)(DC)(DC)(DC)(DA) D,F,H
#
# COMPACT_ATOMS: atom_id res chain seq x y z
N LYS A 25 11.61 -48.99 5.64
CA LYS A 25 12.52 -48.58 4.59
C LYS A 25 13.97 -48.80 5.01
N LYS A 26 14.36 -48.17 6.11
CA LYS A 26 15.73 -48.26 6.61
C LYS A 26 15.92 -49.52 7.47
N ALA A 27 15.51 -50.67 6.94
CA ALA A 27 15.62 -51.95 7.63
C ALA A 27 16.44 -52.89 6.76
N SER A 28 17.76 -52.82 6.92
CA SER A 28 18.71 -53.61 6.13
C SER A 28 20.07 -53.50 6.80
N GLY A 29 21.10 -54.06 6.15
CA GLY A 29 22.45 -53.98 6.66
C GLY A 29 23.13 -52.64 6.49
N ILE A 30 22.56 -51.77 5.64
CA ILE A 30 23.10 -50.43 5.49
C ILE A 30 22.85 -49.62 6.77
N TYR A 31 23.60 -48.51 6.90
CA TYR A 31 23.57 -47.60 8.03
C TYR A 31 24.13 -48.23 9.30
N TYR A 32 24.49 -49.50 9.28
CA TYR A 32 25.19 -50.14 10.40
C TYR A 32 26.63 -49.65 10.38
N THR A 33 27.04 -48.95 11.43
CA THR A 33 28.40 -48.44 11.51
C THR A 33 29.37 -49.61 11.69
N PRO A 34 30.43 -49.70 10.89
CA PRO A 34 31.34 -50.85 10.98
C PRO A 34 31.95 -50.97 12.37
N LYS A 35 32.14 -52.22 12.80
CA LYS A 35 32.56 -52.47 14.18
C LYS A 35 33.90 -51.80 14.49
N ILE A 36 34.80 -51.75 13.52
CA ILE A 36 36.11 -51.14 13.73
C ILE A 36 35.95 -49.69 14.15
N ILE A 37 35.08 -48.95 13.45
CA ILE A 37 34.88 -47.54 13.77
C ILE A 37 34.14 -47.37 15.09
N VAL A 38 33.15 -48.23 15.35
CA VAL A 38 32.44 -48.15 16.63
C VAL A 38 33.41 -48.38 17.79
N ASP A 39 34.23 -49.42 17.68
CA ASP A 39 35.19 -49.71 18.74
C ASP A 39 36.14 -48.54 18.96
N TYR A 40 36.61 -47.93 17.86
CA TYR A 40 37.54 -46.82 17.99
C TYR A 40 36.90 -45.63 18.70
N ILE A 41 35.66 -45.29 18.34
CA ILE A 41 35.03 -44.09 18.90
C ILE A 41 34.72 -44.28 20.37
N VAL A 42 34.23 -45.47 20.76
CA VAL A 42 33.98 -45.74 22.17
C VAL A 42 35.27 -45.70 22.98
N LYS A 43 36.31 -46.37 22.48
CA LYS A 43 37.60 -46.37 23.18
C LYS A 43 38.18 -44.96 23.25
N LYS A 44 38.07 -44.19 22.16
CA LYS A 44 38.65 -42.86 22.12
C LYS A 44 38.09 -41.96 23.21
N THR A 45 36.84 -42.18 23.63
CA THR A 45 36.22 -41.32 24.62
C THR A 45 36.40 -41.84 26.06
N LEU A 46 36.44 -43.16 26.25
CA LEU A 46 36.49 -43.75 27.58
C LEU A 46 37.85 -44.35 27.92
N LYS A 47 38.86 -44.13 27.08
CA LYS A 47 40.16 -44.76 27.28
C LYS A 47 40.76 -44.36 28.62
N ASN A 48 40.61 -43.08 28.98
CA ASN A 48 41.27 -42.51 30.14
C ASN A 48 40.27 -41.96 31.15
N HIS A 49 39.11 -42.59 31.24
CA HIS A 49 38.13 -42.19 32.23
C HIS A 49 38.54 -42.70 33.60
N ASP A 50 38.50 -41.82 34.59
CA ASP A 50 38.88 -42.15 35.96
C ASP A 50 37.62 -42.63 36.69
N ILE A 51 37.33 -43.92 36.58
CA ILE A 51 36.11 -44.46 37.17
C ILE A 51 36.12 -44.36 38.69
N ILE A 52 37.31 -44.29 39.32
CA ILE A 52 37.35 -44.13 40.77
C ILE A 52 36.85 -42.75 41.17
N LYS A 53 37.34 -41.71 40.50
CA LYS A 53 36.96 -40.34 40.84
C LYS A 53 35.51 -40.07 40.47
N ASN A 54 35.05 -40.57 39.33
CA ASN A 54 33.68 -40.38 38.86
C ASN A 54 33.09 -41.70 38.42
N PRO A 55 32.47 -42.46 39.34
CA PRO A 55 31.81 -43.71 38.98
C PRO A 55 30.43 -43.56 38.38
N TYR A 56 30.00 -42.35 38.05
CA TYR A 56 28.67 -42.11 37.47
C TYR A 56 28.78 -41.33 36.16
N PRO A 57 29.50 -41.87 35.16
CA PRO A 57 29.58 -41.16 33.88
C PRO A 57 28.30 -41.41 33.08
N ARG A 58 27.85 -40.36 32.40
CA ARG A 58 26.67 -40.45 31.55
C ARG A 58 27.13 -40.46 30.10
N ILE A 59 26.85 -41.55 29.40
CA ILE A 59 27.22 -41.73 27.99
C ILE A 59 25.94 -41.72 27.16
N LEU A 60 25.91 -40.89 26.13
CA LEU A 60 24.72 -40.69 25.32
C LEU A 60 25.00 -40.98 23.85
N ASP A 61 24.01 -41.56 23.18
CA ASP A 61 23.93 -41.63 21.73
C ASP A 61 22.54 -41.17 21.33
N ILE A 62 22.46 -40.08 20.55
CA ILE A 62 21.16 -39.52 20.21
C ILE A 62 20.60 -40.04 18.89
N SER A 63 21.28 -40.99 18.25
CA SER A 63 20.73 -41.68 17.08
C SER A 63 21.09 -43.15 17.17
N CYS A 64 20.86 -43.72 18.36
CA CYS A 64 21.45 -45.01 18.71
C CYS A 64 20.99 -46.13 17.78
N GLY A 65 19.81 -46.00 17.19
CA GLY A 65 19.31 -47.07 16.35
C GLY A 65 19.15 -48.34 17.15
N CYS A 66 19.71 -49.44 16.66
CA CYS A 66 19.66 -50.70 17.39
C CYS A 66 20.75 -50.82 18.44
N GLY A 67 21.58 -49.78 18.60
CA GLY A 67 22.54 -49.75 19.68
C GLY A 67 23.91 -50.26 19.32
N ASN A 68 24.35 -49.98 18.09
CA ASN A 68 25.71 -50.38 17.69
C ASN A 68 26.74 -49.79 18.66
N PHE A 69 26.59 -48.51 19.00
CA PHE A 69 27.52 -47.88 19.92
C PHE A 69 27.23 -48.24 21.37
N LEU A 70 25.96 -48.22 21.78
CA LEU A 70 25.62 -48.35 23.19
C LEU A 70 25.97 -49.73 23.73
N LEU A 71 25.76 -50.78 22.95
CA LEU A 71 26.11 -52.13 23.42
C LEU A 71 27.61 -52.24 23.66
N GLU A 72 28.43 -51.62 22.81
CA GLU A 72 29.86 -51.62 23.05
C GLU A 72 30.22 -50.80 24.29
N VAL A 73 29.52 -49.69 24.51
CA VAL A 73 29.75 -48.88 25.71
C VAL A 73 29.48 -49.72 26.96
N TYR A 74 28.43 -50.53 26.94
CA TYR A 74 28.14 -51.40 28.07
C TYR A 74 29.33 -52.31 28.36
N ASP A 75 29.89 -52.94 27.32
CA ASP A 75 31.01 -53.85 27.53
C ASP A 75 32.22 -53.12 28.08
N ILE A 76 32.55 -51.96 27.49
CA ILE A 76 33.69 -51.18 27.97
C ILE A 76 33.48 -50.78 29.43
N LEU A 77 32.26 -50.36 29.76
CA LEU A 77 31.98 -50.00 31.15
C LEU A 77 32.08 -51.19 32.08
N TYR A 78 31.54 -52.34 31.68
CA TYR A 78 31.53 -53.50 32.56
C TYR A 78 32.93 -53.91 32.94
N ASP A 79 33.85 -53.94 31.96
CA ASP A 79 35.25 -54.22 32.28
C ASP A 79 35.83 -53.16 33.19
N LEU A 80 35.49 -51.89 32.94
CA LEU A 80 36.04 -50.79 33.72
C LEU A 80 35.61 -50.87 35.18
N PHE A 81 34.33 -51.18 35.44
CA PHE A 81 33.87 -51.33 36.81
C PHE A 81 34.44 -52.58 37.45
N GLU A 82 34.39 -53.71 36.73
CA GLU A 82 34.83 -54.98 37.32
C GLU A 82 36.31 -54.96 37.66
N GLU A 83 37.11 -54.20 36.91
CA GLU A 83 38.54 -54.15 37.20
C GLU A 83 38.86 -53.34 38.46
N ASN A 84 37.96 -52.45 38.88
CA ASN A 84 38.20 -51.60 40.04
C ASN A 84 37.12 -51.78 41.10
N ILE A 85 36.50 -52.96 41.12
CA ILE A 85 35.34 -53.16 41.98
C ILE A 85 35.73 -53.07 43.45
N TYR A 86 36.92 -53.54 43.82
CA TYR A 86 37.32 -53.48 45.22
C TYR A 86 37.77 -52.09 45.64
N GLU A 87 38.31 -51.29 44.72
CA GLU A 87 38.63 -49.92 45.07
C GLU A 87 37.37 -49.10 45.29
N LEU A 88 36.36 -49.30 44.43
CA LEU A 88 35.07 -48.63 44.62
C LEU A 88 34.40 -49.11 45.91
N LYS A 89 34.47 -50.41 46.20
CA LYS A 89 33.85 -50.95 47.41
C LYS A 89 34.45 -50.32 48.66
N LYS A 90 35.73 -49.90 48.59
CA LYS A 90 36.43 -49.34 49.73
C LYS A 90 36.25 -47.82 49.84
N LYS A 91 36.24 -47.10 48.71
CA LYS A 91 36.11 -45.65 48.76
C LYS A 91 34.67 -45.21 48.98
N TYR A 92 33.71 -46.02 48.55
CA TYR A 92 32.29 -45.69 48.61
C TYR A 92 31.53 -46.77 49.36
N ASP A 93 30.19 -46.75 49.25
CA ASP A 93 29.34 -47.75 49.89
C ASP A 93 29.79 -49.17 49.61
N GLU A 94 30.21 -49.89 50.66
CA GLU A 94 30.70 -51.26 50.51
C GLU A 94 29.61 -52.19 50.00
N ASN A 95 28.37 -51.98 50.44
CA ASN A 95 27.28 -52.87 50.04
C ASN A 95 26.80 -52.60 48.62
N TYR A 96 27.05 -51.41 48.08
CA TYR A 96 26.54 -51.05 46.76
C TYR A 96 27.42 -51.54 45.63
N TRP A 97 28.74 -51.57 45.84
CA TRP A 97 29.70 -51.89 44.78
C TRP A 97 30.08 -53.36 44.89
N THR A 98 29.36 -54.17 44.13
CA THR A 98 29.65 -55.59 43.98
C THR A 98 29.58 -55.93 42.51
N VAL A 99 30.19 -57.05 42.13
CA VAL A 99 30.16 -57.45 40.72
C VAL A 99 28.74 -57.74 40.28
N ASP A 100 27.94 -58.35 41.16
CA ASP A 100 26.56 -58.66 40.81
C ASP A 100 25.72 -57.42 40.57
N ASN A 101 26.14 -56.27 41.10
CA ASN A 101 25.40 -55.02 40.97
C ASN A 101 25.87 -54.15 39.81
N ILE A 102 26.92 -54.57 39.10
CA ILE A 102 27.48 -53.73 38.03
C ILE A 102 26.45 -53.53 36.92
N HIS A 103 25.78 -54.61 36.53
CA HIS A 103 24.81 -54.53 35.44
C HIS A 103 23.70 -53.53 35.75
N ARG A 104 23.13 -53.61 36.95
CA ARG A 104 22.06 -52.69 37.33
C ARG A 104 22.57 -51.25 37.35
N HIS A 105 23.77 -51.02 37.87
CA HIS A 105 24.28 -49.66 37.99
C HIS A 105 24.50 -49.02 36.61
N ILE A 106 25.03 -49.79 35.66
CA ILE A 106 25.30 -49.25 34.33
C ILE A 106 24.00 -48.77 33.68
N LEU A 107 22.97 -49.60 33.72
CA LEU A 107 21.72 -49.25 33.05
C LEU A 107 21.00 -48.11 33.76
N ASN A 108 21.12 -48.00 35.09
CA ASN A 108 20.41 -46.97 35.81
C ASN A 108 21.04 -45.59 35.58
N TYR A 109 22.36 -45.51 35.57
CA TYR A 109 23.02 -44.22 35.69
C TYR A 109 23.95 -43.86 34.55
N CYS A 110 24.27 -44.79 33.66
CA CYS A 110 25.39 -44.60 32.73
C CYS A 110 24.99 -44.53 31.27
N ILE A 111 24.20 -45.47 30.79
CA ILE A 111 23.90 -45.57 29.36
C ILE A 111 22.60 -44.84 29.06
N TYR A 112 22.65 -43.94 28.08
CA TYR A 112 21.49 -43.19 27.61
C TYR A 112 21.44 -43.27 26.09
N GLY A 113 20.24 -43.48 25.56
CA GLY A 113 20.06 -43.50 24.12
C GLY A 113 18.75 -42.85 23.73
N ALA A 114 18.74 -42.29 22.52
CA ALA A 114 17.54 -41.66 21.97
C ALA A 114 17.44 -41.99 20.49
N ASP A 115 16.24 -42.34 20.03
CA ASP A 115 16.03 -42.57 18.62
C ASP A 115 14.57 -42.37 18.27
N ILE A 116 14.33 -41.90 17.04
CA ILE A 116 12.96 -41.59 16.62
C ILE A 116 12.16 -42.83 16.25
N ASP A 117 12.82 -43.98 16.10
CA ASP A 117 12.15 -45.22 15.68
C ASP A 117 11.79 -46.04 16.91
N GLU A 118 10.48 -46.29 17.09
CA GLU A 118 10.02 -47.06 18.25
C GLU A 118 10.55 -48.48 18.21
N LYS A 119 10.60 -49.10 17.03
CA LYS A 119 11.06 -50.49 16.93
C LYS A 119 12.52 -50.61 17.31
N ALA A 120 13.34 -49.63 16.93
CA ALA A 120 14.76 -49.67 17.28
C ALA A 120 14.96 -49.63 18.79
N ILE A 121 14.25 -48.74 19.48
CA ILE A 121 14.36 -48.65 20.93
C ILE A 121 13.89 -49.96 21.58
N SER A 122 12.83 -50.55 21.04
CA SER A 122 12.33 -51.81 21.58
C SER A 122 13.39 -52.90 21.52
N ILE A 123 14.11 -52.97 20.39
CA ILE A 123 15.15 -53.97 20.24
C ILE A 123 16.34 -53.67 21.15
N LEU A 124 16.77 -52.41 21.19
CA LEU A 124 17.90 -52.03 22.03
C LEU A 124 17.60 -52.30 23.50
N LYS A 125 16.37 -52.01 23.94
CA LYS A 125 16.00 -52.25 25.33
C LYS A 125 16.13 -53.73 25.67
N ASP A 126 15.70 -54.60 24.75
CA ASP A 126 15.85 -56.05 24.99
C ASP A 126 17.31 -56.46 24.98
N SER A 127 18.12 -55.86 24.12
CA SER A 127 19.54 -56.22 24.06
C SER A 127 20.27 -55.85 25.34
N LEU A 128 20.02 -54.64 25.87
CA LEU A 128 20.64 -54.24 27.13
C LEU A 128 20.13 -55.11 28.29
N THR A 129 18.84 -55.44 28.29
CA THR A 129 18.30 -56.27 29.36
C THR A 129 18.95 -57.64 29.37
N ASN A 130 19.20 -58.21 28.18
CA ASN A 130 19.74 -59.56 28.05
C ASN A 130 21.26 -59.60 28.20
N LYS A 131 21.91 -58.48 28.51
CA LYS A 131 23.35 -58.50 28.76
C LYS A 131 23.69 -59.32 29.99
N LYS A 132 22.83 -59.27 31.02
CA LYS A 132 23.07 -60.03 32.24
C LYS A 132 22.37 -61.39 32.19
N VAL A 133 21.04 -61.38 32.05
CA VAL A 133 20.23 -62.60 31.98
C VAL A 133 20.54 -63.58 33.12
N ASP A 138 12.30 -61.39 37.70
CA ASP A 138 13.24 -61.63 38.79
C ASP A 138 13.10 -60.56 39.88
N GLU A 139 14.05 -59.62 39.88
CA GLU A 139 14.00 -58.50 40.82
C GLU A 139 13.12 -57.41 40.24
N SER A 140 13.16 -56.22 40.84
CA SER A 140 12.40 -55.08 40.31
C SER A 140 12.93 -54.71 38.93
N ASP A 141 12.02 -54.34 38.03
CA ASP A 141 12.40 -54.00 36.67
C ASP A 141 13.37 -52.83 36.67
N ILE A 142 14.45 -52.95 35.91
CA ILE A 142 15.48 -51.92 35.84
C ILE A 142 15.07 -50.88 34.82
N LYS A 143 15.15 -49.60 35.22
CA LYS A 143 14.76 -48.50 34.34
C LYS A 143 15.92 -48.15 33.42
N ILE A 144 15.74 -48.39 32.12
CA ILE A 144 16.76 -48.13 31.10
C ILE A 144 16.47 -46.80 30.44
N ASN A 145 17.49 -45.95 30.33
CA ASN A 145 17.30 -44.55 29.90
C ASN A 145 17.30 -44.44 28.38
N LEU A 146 16.27 -45.01 27.77
CA LEU A 146 16.07 -44.96 26.33
C LEU A 146 14.84 -44.11 26.02
N PHE A 147 15.00 -43.16 25.11
CA PHE A 147 13.93 -42.25 24.74
C PHE A 147 13.57 -42.45 23.27
N CYS A 148 12.29 -42.61 22.99
CA CYS A 148 11.77 -42.65 21.64
C CYS A 148 11.23 -41.26 21.33
N CYS A 149 12.04 -40.45 20.64
CA CYS A 149 11.72 -39.05 20.45
C CYS A 149 12.56 -38.49 19.30
N ASP A 150 12.23 -37.26 18.91
CA ASP A 150 13.06 -36.48 18.00
C ASP A 150 14.13 -35.79 18.84
N SER A 151 15.39 -36.20 18.65
CA SER A 151 16.48 -35.68 19.47
C SER A 151 16.65 -34.18 19.32
N LEU A 152 16.19 -33.59 18.22
CA LEU A 152 16.30 -32.15 17.99
C LEU A 152 15.16 -31.37 18.62
N LYS A 153 14.13 -32.03 19.14
CA LYS A 153 13.03 -31.36 19.81
C LYS A 153 12.99 -31.63 21.31
N LYS A 154 13.71 -32.65 21.79
CA LYS A 154 13.61 -33.03 23.19
C LYS A 154 14.13 -31.93 24.09
N LYS A 155 13.37 -31.62 25.14
CA LYS A 155 13.84 -30.74 26.21
C LYS A 155 14.78 -31.57 27.07
N TRP A 156 16.06 -31.55 26.72
CA TRP A 156 17.05 -32.33 27.45
C TRP A 156 17.24 -31.76 28.85
N ARG A 157 17.12 -32.63 29.85
CA ARG A 157 17.04 -32.21 31.23
C ARG A 157 18.38 -32.13 31.94
N TYR A 158 19.47 -32.57 31.30
CA TYR A 158 20.80 -32.45 31.89
C TYR A 158 21.83 -32.71 30.79
N LYS A 159 23.05 -32.25 31.05
CA LYS A 159 24.15 -32.44 30.13
C LYS A 159 24.83 -33.78 30.38
N PHE A 160 25.74 -34.15 29.49
CA PHE A 160 26.33 -35.49 29.49
C PHE A 160 27.85 -35.42 29.51
N ASP A 161 28.46 -36.47 30.08
CA ASP A 161 29.91 -36.59 30.12
C ASP A 161 30.50 -37.00 28.78
N TYR A 162 29.86 -37.94 28.08
CA TYR A 162 30.38 -38.46 26.82
C TYR A 162 29.23 -38.67 25.85
N ILE A 163 29.42 -38.22 24.60
CA ILE A 163 28.42 -38.37 23.55
C ILE A 163 29.09 -38.99 22.33
N VAL A 164 28.54 -40.10 21.85
CA VAL A 164 29.07 -40.81 20.70
C VAL A 164 27.91 -41.20 19.79
N GLY A 165 28.21 -41.42 18.52
CA GLY A 165 27.24 -42.03 17.65
C GLY A 165 27.38 -41.58 16.20
N ASN A 166 26.37 -41.95 15.42
CA ASN A 166 26.32 -41.74 13.98
C ASN A 166 25.00 -41.09 13.62
N PRO A 167 24.95 -39.76 13.55
CA PRO A 167 23.69 -39.04 13.32
C PRO A 167 23.17 -39.24 11.92
N PRO A 168 21.87 -39.00 11.67
CA PRO A 168 21.35 -39.13 10.30
C PRO A 168 21.77 -37.96 9.43
N TYR A 169 21.98 -38.26 8.15
CA TYR A 169 22.31 -37.26 7.14
C TYR A 169 21.12 -37.13 6.21
N ILE A 170 20.56 -35.92 6.11
CA ILE A 170 19.47 -35.66 5.16
C ILE A 170 19.72 -34.30 4.51
N GLY A 171 19.77 -34.29 3.18
CA GLY A 171 20.06 -33.10 2.43
C GLY A 171 18.86 -32.19 2.26
N HIS A 172 19.09 -31.10 1.52
CA HIS A 172 18.07 -30.06 1.41
C HIS A 172 16.89 -30.50 0.54
N LYS A 173 17.11 -31.42 -0.39
CA LYS A 173 16.01 -31.90 -1.23
C LYS A 173 15.14 -32.91 -0.51
N LYS A 174 15.72 -33.73 0.35
CA LYS A 174 15.04 -34.87 0.96
C LYS A 174 14.42 -34.55 2.31
N LEU A 175 14.53 -33.32 2.80
CA LEU A 175 13.88 -32.92 4.04
C LEU A 175 12.46 -32.44 3.76
N GLU A 176 11.56 -32.70 4.71
CA GLU A 176 10.19 -32.21 4.59
C GLU A 176 10.16 -30.70 4.81
N LYS A 177 9.23 -30.04 4.11
CA LYS A 177 9.15 -28.58 4.16
C LYS A 177 8.77 -28.09 5.55
N LYS A 178 7.78 -28.72 6.19
CA LYS A 178 7.38 -28.29 7.54
C LYS A 178 8.53 -28.45 8.52
N TYR A 179 9.25 -29.57 8.44
CA TYR A 179 10.36 -29.80 9.35
C TYR A 179 11.50 -28.83 9.08
N LYS A 180 11.73 -28.48 7.82
CA LYS A 180 12.83 -27.58 7.46
C LYS A 180 12.59 -26.18 8.04
N LYS A 181 11.33 -25.73 8.07
CA LYS A 181 11.04 -24.44 8.67
C LYS A 181 11.41 -24.43 10.15
N PHE A 182 11.16 -25.54 10.85
CA PHE A 182 11.54 -25.64 12.25
C PHE A 182 13.05 -25.54 12.43
N LEU A 183 13.82 -26.22 11.58
CA LEU A 183 15.27 -26.14 11.66
C LEU A 183 15.76 -24.72 11.42
N LEU A 184 15.18 -24.03 10.44
CA LEU A 184 15.60 -22.67 10.14
C LEU A 184 15.30 -21.73 11.29
N GLU A 185 14.15 -21.93 11.97
CA GLU A 185 13.78 -21.02 13.05
C GLU A 185 14.62 -21.26 14.30
N LYS A 186 14.91 -22.52 14.62
CA LYS A 186 15.52 -22.87 15.91
C LYS A 186 17.01 -23.18 15.83
N TYR A 187 17.49 -23.70 14.70
CA TYR A 187 18.90 -24.04 14.52
C TYR A 187 19.57 -23.11 13.52
N SER A 188 19.16 -21.84 13.52
CA SER A 188 19.70 -20.88 12.55
C SER A 188 21.20 -20.67 12.71
N GLU A 189 21.76 -20.96 13.88
CA GLU A 189 23.18 -20.75 14.10
C GLU A 189 24.05 -21.67 13.25
N VAL A 190 23.52 -22.82 12.83
CA VAL A 190 24.27 -23.73 11.96
C VAL A 190 23.50 -24.14 10.72
N TYR A 191 22.18 -23.96 10.64
CA TYR A 191 21.38 -24.47 9.55
C TYR A 191 20.74 -23.30 8.81
N LYS A 192 21.16 -23.09 7.57
CA LYS A 192 20.50 -22.15 6.66
C LYS A 192 20.82 -22.59 5.24
N ASP A 193 19.99 -22.11 4.31
CA ASP A 193 20.19 -22.33 2.87
C ASP A 193 20.29 -23.82 2.60
N LYS A 194 21.36 -24.32 1.97
CA LYS A 194 21.46 -25.71 1.54
C LYS A 194 22.14 -26.59 2.59
N ALA A 195 22.04 -26.23 3.87
CA ALA A 195 22.68 -26.99 4.94
C ALA A 195 22.03 -28.37 5.09
N ASP A 196 22.68 -29.22 5.90
CA ASP A 196 22.24 -30.59 6.09
C ASP A 196 21.72 -30.81 7.52
N LEU A 197 20.94 -31.87 7.66
CA LEU A 197 20.32 -32.17 8.95
C LEU A 197 21.36 -32.43 10.04
N TYR A 198 22.46 -33.11 9.69
CA TYR A 198 23.47 -33.42 10.70
C TYR A 198 24.24 -32.19 11.15
N PHE A 199 24.07 -31.04 10.49
CA PHE A 199 24.59 -29.80 11.07
C PHE A 199 23.95 -29.54 12.42
N CYS A 200 22.64 -29.79 12.52
CA CYS A 200 21.90 -29.53 13.75
C CYS A 200 22.29 -30.51 14.86
N PHE A 201 22.56 -31.76 14.50
CA PHE A 201 23.00 -32.73 15.50
C PHE A 201 24.35 -32.31 16.10
N TYR A 202 25.25 -31.78 15.27
CA TYR A 202 26.50 -31.24 15.80
C TYR A 202 26.23 -30.15 16.83
N LYS A 203 25.29 -29.24 16.54
CA LYS A 203 24.96 -28.19 17.49
C LYS A 203 24.34 -28.78 18.76
N LYS A 204 23.44 -29.75 18.61
CA LYS A 204 22.80 -30.34 19.77
C LYS A 204 23.81 -31.03 20.67
N ILE A 205 24.71 -31.81 20.09
CA ILE A 205 25.71 -32.54 20.88
C ILE A 205 26.59 -31.56 21.65
N ILE A 206 27.08 -30.54 20.97
CA ILE A 206 27.92 -29.56 21.65
C ILE A 206 27.15 -28.90 22.78
N ASP A 207 25.87 -28.59 22.54
CA ASP A 207 25.09 -27.85 23.52
C ASP A 207 24.86 -28.64 24.80
N ILE A 208 24.69 -29.96 24.71
CA ILE A 208 24.35 -30.77 25.88
C ILE A 208 25.57 -31.55 26.35
N LEU A 209 26.76 -31.05 26.08
CA LEU A 209 28.00 -31.65 26.54
C LEU A 209 28.44 -30.93 27.82
N LYS A 210 28.77 -31.71 28.85
CA LYS A 210 29.24 -31.14 30.10
C LYS A 210 30.60 -30.48 29.93
N GLN A 211 30.87 -29.50 30.78
CA GLN A 211 32.22 -28.97 30.87
C GLN A 211 33.18 -30.10 31.18
N GLY A 212 34.24 -30.22 30.38
CA GLY A 212 35.17 -31.32 30.49
C GLY A 212 34.75 -32.59 29.78
N GLY A 213 33.56 -32.61 29.16
CA GLY A 213 33.12 -33.80 28.46
C GLY A 213 33.83 -34.01 27.13
N ILE A 214 33.62 -35.19 26.56
CA ILE A 214 34.26 -35.60 25.30
C ILE A 214 33.20 -36.14 24.36
N GLY A 215 33.17 -35.62 23.14
CA GLY A 215 32.26 -36.11 22.11
C GLY A 215 33.01 -36.62 20.93
N SER A 216 32.50 -37.69 20.31
CA SER A 216 33.15 -38.32 19.18
C SER A 216 32.09 -38.91 18.27
N VAL A 217 32.05 -38.46 17.01
CA VAL A 217 31.00 -38.84 16.08
C VAL A 217 31.60 -39.07 14.69
N ILE A 218 30.87 -39.83 13.88
CA ILE A 218 31.20 -40.02 12.48
C ILE A 218 30.09 -39.38 11.66
N THR A 219 30.46 -38.42 10.82
CA THR A 219 29.52 -37.67 9.98
C THR A 219 30.09 -37.59 8.56
N PRO A 220 29.35 -37.06 7.60
CA PRO A 220 29.97 -36.79 6.29
C PRO A 220 31.06 -35.75 6.42
N ARG A 221 32.05 -35.85 5.54
CA ARG A 221 33.18 -34.94 5.61
C ARG A 221 32.88 -33.57 5.02
N TYR A 222 31.79 -33.44 4.26
CA TYR A 222 31.63 -32.30 3.36
C TYR A 222 31.59 -30.97 4.11
N PHE A 223 31.18 -30.96 5.37
CA PHE A 223 31.13 -29.69 6.10
C PHE A 223 32.51 -29.10 6.34
N LEU A 224 33.57 -29.90 6.23
CA LEU A 224 34.92 -29.37 6.43
C LEU A 224 35.29 -28.33 5.38
N GLU A 225 34.72 -28.45 4.18
CA GLU A 225 35.05 -27.54 3.09
C GLU A 225 33.85 -26.82 2.49
N SER A 226 32.63 -27.33 2.65
CA SER A 226 31.50 -26.81 1.92
C SER A 226 31.15 -25.40 2.38
N LEU A 227 30.58 -24.63 1.46
CA LEU A 227 30.08 -23.30 1.78
C LEU A 227 28.93 -23.36 2.77
N SER A 228 28.14 -24.44 2.74
CA SER A 228 27.05 -24.56 3.69
C SER A 228 27.56 -24.71 5.11
N GLY A 229 28.68 -25.38 5.29
CA GLY A 229 29.20 -25.61 6.62
C GLY A 229 29.93 -24.46 7.25
N LYS A 230 29.94 -23.28 6.63
CA LYS A 230 30.71 -22.17 7.17
C LYS A 230 30.29 -21.86 8.60
N ASP A 231 28.98 -21.71 8.84
CA ASP A 231 28.50 -21.39 10.18
C ASP A 231 28.69 -22.56 11.13
N LEU A 232 28.55 -23.79 10.65
CA LEU A 232 28.78 -24.94 11.52
C LEU A 232 30.24 -25.04 11.97
N ARG A 233 31.18 -24.82 11.05
CA ARG A 233 32.59 -24.79 11.42
C ARG A 233 32.87 -23.70 12.43
N GLU A 234 32.25 -22.52 12.24
CA GLU A 234 32.41 -21.44 13.22
C GLU A 234 31.86 -21.85 14.58
N TYR A 235 30.74 -22.56 14.60
CA TYR A 235 30.16 -23.00 15.86
C TYR A 235 31.08 -23.97 16.59
N ILE A 236 31.64 -24.94 15.86
CA ILE A 236 32.53 -25.92 16.47
C ILE A 236 33.79 -25.23 17.00
N LYS A 237 34.41 -24.40 16.17
CA LYS A 237 35.67 -23.76 16.54
C LYS A 237 35.52 -22.92 17.79
N SER A 238 34.39 -22.23 17.93
CA SER A 238 34.18 -21.26 19.00
C SER A 238 33.59 -21.87 20.27
N ASN A 239 33.26 -23.16 20.27
CA ASN A 239 32.57 -23.74 21.41
C ASN A 239 33.21 -25.01 21.96
N VAL A 240 33.98 -25.75 21.17
CA VAL A 240 34.66 -26.95 21.66
C VAL A 240 36.10 -26.91 21.21
N ASN A 241 36.91 -27.75 21.86
CA ASN A 241 38.29 -27.99 21.46
C ASN A 241 38.30 -29.25 20.61
N VAL A 242 38.57 -29.08 19.31
CA VAL A 242 38.64 -30.23 18.43
C VAL A 242 39.92 -30.98 18.72
N GLN A 243 39.80 -32.24 19.15
CA GLN A 243 40.98 -33.03 19.47
C GLN A 243 41.57 -33.67 18.23
N GLU A 244 40.72 -34.30 17.42
CA GLU A 244 41.20 -35.15 16.34
C GLU A 244 40.16 -35.20 15.23
N ILE A 245 40.64 -35.16 13.98
CA ILE A 245 39.80 -35.35 12.80
C ILE A 245 40.39 -36.48 11.99
N VAL A 246 39.59 -37.50 11.72
CA VAL A 246 39.98 -38.57 10.82
C VAL A 246 39.22 -38.38 9.52
N ASP A 247 39.94 -38.07 8.45
CA ASP A 247 39.35 -37.80 7.15
C ASP A 247 39.61 -38.99 6.24
N PHE A 248 38.57 -39.75 5.93
CA PHE A 248 38.70 -40.89 5.02
C PHE A 248 38.62 -40.48 3.55
N LEU A 249 38.41 -39.20 3.25
CA LEU A 249 38.33 -38.69 1.88
C LEU A 249 37.29 -39.54 1.15
N GLY A 250 37.60 -40.09 -0.02
CA GLY A 250 36.61 -40.80 -0.81
C GLY A 250 36.57 -42.29 -0.58
N ALA A 251 37.15 -42.77 0.52
CA ALA A 251 37.09 -44.19 0.83
C ALA A 251 35.65 -44.62 1.07
N ASN A 252 35.36 -45.87 0.73
CA ASN A 252 34.02 -46.43 0.91
C ASN A 252 33.95 -47.08 2.30
N ILE A 253 33.44 -46.31 3.27
CA ILE A 253 33.31 -46.80 4.64
C ILE A 253 32.07 -47.65 4.80
N PHE A 254 30.93 -47.12 4.35
CA PHE A 254 29.66 -47.83 4.42
C PHE A 254 29.44 -48.56 3.11
N LYS A 255 29.29 -49.88 3.19
CA LYS A 255 29.12 -50.68 1.98
C LYS A 255 27.83 -50.28 1.26
N ASN A 256 27.93 -50.14 -0.06
CA ASN A 256 26.79 -49.82 -0.92
C ASN A 256 26.13 -48.50 -0.52
N ILE A 257 26.91 -47.54 -0.01
CA ILE A 257 26.42 -46.22 0.35
C ILE A 257 27.33 -45.18 -0.25
N GLY A 258 26.76 -44.23 -0.98
CA GLY A 258 27.54 -43.19 -1.60
C GLY A 258 27.76 -41.99 -0.71
N VAL A 259 28.60 -42.13 0.31
CA VAL A 259 28.90 -41.02 1.21
C VAL A 259 30.36 -41.11 1.66
N SER A 260 30.96 -39.94 1.86
CA SER A 260 32.33 -39.84 2.32
C SER A 260 32.35 -39.36 3.76
N SER A 261 33.08 -40.06 4.60
CA SER A 261 32.94 -39.99 6.04
C SER A 261 34.18 -39.38 6.70
N CYS A 262 33.97 -38.83 7.89
CA CYS A 262 35.08 -38.44 8.75
C CYS A 262 34.66 -38.65 10.19
N ILE A 263 35.64 -38.69 11.08
CA ILE A 263 35.42 -38.86 12.51
C ILE A 263 35.97 -37.63 13.23
N LEU A 264 35.11 -36.99 14.01
CA LEU A 264 35.48 -35.81 14.78
C LEU A 264 35.48 -36.17 16.25
N THR A 265 36.51 -35.71 16.97
CA THR A 265 36.56 -35.85 18.41
C THR A 265 36.85 -34.48 19.02
N PHE A 266 36.01 -34.07 19.96
CA PHE A 266 36.10 -32.74 20.55
C PHE A 266 35.76 -32.83 22.02
N ASP A 267 36.24 -31.86 22.78
CA ASP A 267 36.03 -31.83 24.22
C ASP A 267 35.72 -30.40 24.65
N LYS A 268 35.39 -30.27 25.94
CA LYS A 268 35.17 -28.97 26.58
C LYS A 268 36.06 -28.82 27.79
N LYS A 269 37.33 -29.18 27.63
CA LYS A 269 38.29 -29.15 28.72
C LYS A 269 39.02 -27.81 28.76
N LYS A 270 39.42 -27.41 29.96
CA LYS A 270 40.22 -26.20 30.14
C LYS A 270 41.67 -26.53 29.83
N THR A 271 42.12 -26.16 28.63
CA THR A 271 43.50 -26.38 28.22
C THR A 271 44.06 -25.10 27.62
N LYS A 272 45.36 -24.89 27.82
CA LYS A 272 46.01 -23.69 27.32
C LYS A 272 46.29 -23.77 25.82
N GLU A 273 46.68 -24.94 25.32
CA GLU A 273 47.03 -25.11 23.92
C GLU A 273 46.01 -26.02 23.25
N THR A 274 45.56 -25.61 22.06
CA THR A 274 44.54 -26.33 21.30
C THR A 274 45.09 -26.66 19.92
N TYR A 275 45.77 -27.79 19.81
CA TYR A 275 46.20 -28.34 18.53
C TYR A 275 45.34 -29.54 18.18
N ILE A 276 45.10 -29.72 16.89
CA ILE A 276 44.28 -30.80 16.37
C ILE A 276 45.16 -31.87 15.77
N ASP A 277 44.87 -33.13 16.06
CA ASP A 277 45.48 -34.27 15.38
C ASP A 277 44.65 -34.57 14.15
N VAL A 278 45.23 -34.38 12.96
CA VAL A 278 44.55 -34.69 11.71
C VAL A 278 45.15 -35.96 11.12
N PHE A 279 44.29 -36.94 10.83
CA PHE A 279 44.68 -38.19 10.17
C PHE A 279 43.95 -38.24 8.83
N LYS A 280 44.68 -37.91 7.76
CA LYS A 280 44.14 -37.92 6.41
C LYS A 280 44.63 -39.17 5.70
N ILE A 281 43.71 -39.88 5.03
CA ILE A 281 44.06 -41.13 4.39
C ILE A 281 44.88 -40.86 3.13
N LYS A 282 45.75 -41.81 2.79
CA LYS A 282 46.63 -41.73 1.62
C LYS A 282 46.13 -42.55 0.44
N ASN A 283 45.66 -43.77 0.69
CA ASN A 283 45.13 -44.65 -0.35
C ASN A 283 43.63 -44.82 -0.10
N GLU A 284 42.81 -44.46 -1.09
CA GLU A 284 41.37 -44.57 -0.97
C GLU A 284 40.83 -45.93 -1.35
N ASP A 285 41.67 -46.83 -1.85
CA ASP A 285 41.25 -48.15 -2.28
C ASP A 285 41.37 -49.20 -1.19
N ILE A 286 41.71 -48.79 0.04
CA ILE A 286 41.82 -49.74 1.13
C ILE A 286 40.43 -50.26 1.52
N CYS A 287 40.42 -51.45 2.10
CA CYS A 287 39.22 -52.02 2.69
C CYS A 287 39.34 -51.97 4.19
N ILE A 288 38.46 -51.18 4.83
CA ILE A 288 38.55 -50.96 6.27
C ILE A 288 38.28 -52.25 7.04
N ASN A 289 37.35 -53.08 6.57
CA ASN A 289 37.01 -54.32 7.26
C ASN A 289 38.03 -55.40 6.93
N LYS A 290 39.31 -55.09 7.18
CA LYS A 290 40.40 -56.03 6.97
C LYS A 290 41.47 -55.94 8.03
N PHE A 291 41.60 -54.81 8.72
CA PHE A 291 42.56 -54.61 9.80
C PHE A 291 41.87 -54.85 11.15
N GLU A 292 42.69 -55.21 12.14
CA GLU A 292 42.15 -55.57 13.45
C GLU A 292 41.55 -54.36 14.15
N THR A 293 42.28 -53.25 14.19
CA THR A 293 41.84 -52.05 14.88
C THR A 293 42.05 -50.84 13.98
N LEU A 294 41.25 -49.80 14.21
CA LEU A 294 41.46 -48.56 13.48
C LEU A 294 42.76 -47.88 13.89
N GLU A 295 43.21 -48.08 15.13
CA GLU A 295 44.47 -47.47 15.56
C GLU A 295 45.63 -47.98 14.75
N GLU A 296 45.66 -49.29 14.45
CA GLU A 296 46.72 -49.84 13.61
C GLU A 296 46.71 -49.19 12.23
N LEU A 297 45.52 -48.97 11.67
CA LEU A 297 45.43 -48.34 10.35
C LEU A 297 45.97 -46.91 10.37
N LEU A 298 45.64 -46.14 11.40
CA LEU A 298 46.04 -44.73 11.44
C LEU A 298 47.54 -44.57 11.62
N LYS A 299 48.18 -45.43 12.40
CA LYS A 299 49.62 -45.31 12.63
C LYS A 299 50.45 -45.85 11.46
N SER A 300 49.80 -46.49 10.48
CA SER A 300 50.51 -47.13 9.39
C SER A 300 50.81 -46.13 8.28
N SER A 301 51.41 -46.64 7.20
CA SER A 301 51.68 -45.85 6.00
C SER A 301 50.44 -45.54 5.20
N LYS A 302 49.31 -46.17 5.52
CA LYS A 302 48.08 -45.90 4.79
C LYS A 302 47.49 -44.54 5.13
N PHE A 303 47.92 -43.93 6.23
CA PHE A 303 47.47 -42.61 6.67
C PHE A 303 48.67 -41.70 6.86
N GLU A 304 48.40 -40.39 6.79
CA GLU A 304 49.37 -39.38 7.17
C GLU A 304 48.83 -38.59 8.36
N HIS A 305 49.75 -38.14 9.22
CA HIS A 305 49.38 -37.40 10.41
C HIS A 305 50.05 -36.03 10.40
N PHE A 306 49.31 -35.02 10.83
CA PHE A 306 49.87 -33.68 10.99
C PHE A 306 48.99 -32.90 11.96
N ASN A 307 49.51 -31.77 12.40
CA ASN A 307 48.88 -30.95 13.43
C ASN A 307 48.43 -29.62 12.86
N ILE A 308 47.22 -29.21 13.22
CA ILE A 308 46.67 -27.92 12.83
C ILE A 308 46.33 -27.16 14.10
N ASN A 309 46.74 -25.89 14.14
CA ASN A 309 46.46 -25.04 15.29
C ASN A 309 45.06 -24.46 15.16
N GLN A 310 44.17 -24.82 16.08
CA GLN A 310 42.78 -24.42 15.99
C GLN A 310 42.61 -22.90 16.06
N ARG A 311 43.53 -22.21 16.72
CA ARG A 311 43.46 -20.75 16.75
C ARG A 311 43.70 -20.16 15.36
N LEU A 312 44.46 -20.85 14.51
CA LEU A 312 44.79 -20.34 13.19
C LEU A 312 43.75 -20.66 12.13
N LEU A 313 42.69 -21.37 12.50
CA LEU A 313 41.62 -21.64 11.54
C LEU A 313 40.83 -20.38 11.24
N SER A 314 40.67 -20.08 9.96
CA SER A 314 39.77 -19.03 9.50
C SER A 314 38.39 -19.63 9.28
N ASP A 315 37.52 -18.91 8.58
CA ASP A 315 36.24 -19.49 8.19
C ASP A 315 36.45 -20.75 7.35
N GLU A 316 37.58 -20.84 6.66
CA GLU A 316 37.98 -22.05 5.95
C GLU A 316 38.95 -22.84 6.81
N TRP A 317 38.82 -24.16 6.78
CA TRP A 317 39.72 -25.05 7.50
C TRP A 317 40.68 -25.67 6.49
N ILE A 318 41.90 -25.16 6.45
CA ILE A 318 42.91 -25.65 5.50
C ILE A 318 43.72 -26.69 6.26
N LEU A 319 43.31 -27.95 6.11
CA LEU A 319 43.89 -29.07 6.86
C LEU A 319 44.89 -29.79 5.95
N VAL A 320 46.11 -29.24 5.89
CA VAL A 320 47.18 -29.78 5.08
C VAL A 320 48.47 -29.78 5.88
N ASN A 321 49.45 -30.56 5.42
CA ASN A 321 50.72 -30.65 6.12
C ASN A 321 51.57 -29.41 5.83
N LYS A 322 52.77 -29.37 6.42
CA LYS A 322 53.61 -28.19 6.33
C LYS A 322 54.10 -27.95 4.91
N ASP A 323 54.40 -29.02 4.16
CA ASP A 323 54.81 -28.86 2.77
C ASP A 323 53.70 -28.24 1.95
N ASP A 324 52.47 -28.75 2.09
CA ASP A 324 51.34 -28.24 1.32
C ASP A 324 50.93 -26.85 1.78
N GLU A 325 51.03 -26.58 3.09
CA GLU A 325 50.76 -25.23 3.58
C GLU A 325 51.74 -24.23 2.99
N THR A 326 53.03 -24.57 3.00
CA THR A 326 54.03 -23.69 2.39
C THR A 326 53.75 -23.51 0.90
N PHE A 327 53.42 -24.60 0.21
CA PHE A 327 53.05 -24.54 -1.20
C PHE A 327 51.87 -23.62 -1.42
N TYR A 328 50.79 -23.81 -0.64
CA TYR A 328 49.59 -22.98 -0.78
C TYR A 328 49.91 -21.52 -0.50
N ASN A 329 50.59 -21.24 0.61
CA ASN A 329 50.84 -19.85 1.00
C ASN A 329 51.75 -19.14 0.00
N LYS A 330 52.66 -19.86 -0.66
CA LYS A 330 53.48 -19.22 -1.68
C LYS A 330 52.63 -18.71 -2.83
N ILE A 331 51.69 -19.54 -3.30
CA ILE A 331 50.85 -19.15 -4.42
C ILE A 331 49.95 -17.98 -4.03
N GLN A 332 49.34 -18.03 -2.85
CA GLN A 332 48.47 -16.96 -2.41
C GLN A 332 49.21 -15.63 -2.35
N GLU A 333 50.43 -15.63 -1.81
CA GLU A 333 51.18 -14.37 -1.69
C GLU A 333 51.64 -13.86 -3.04
N LYS A 334 52.02 -14.76 -3.96
CA LYS A 334 52.59 -14.32 -5.23
C LYS A 334 51.52 -13.76 -6.16
N CYS A 335 50.30 -14.31 -6.13
CA CYS A 335 49.25 -13.94 -7.06
C CYS A 335 48.49 -12.72 -6.56
N LYS A 336 48.42 -11.68 -7.39
CA LYS A 336 47.75 -10.44 -7.02
C LYS A 336 46.31 -10.37 -7.52
N TYR A 337 45.85 -11.35 -8.31
CA TYR A 337 44.52 -11.36 -8.87
C TYR A 337 43.84 -12.69 -8.57
N SER A 338 42.52 -12.66 -8.49
CA SER A 338 41.71 -13.88 -8.41
C SER A 338 40.81 -13.95 -9.63
N LEU A 339 40.30 -15.15 -9.90
CA LEU A 339 39.40 -15.30 -11.05
C LEU A 339 38.16 -14.43 -10.89
N GLU A 340 37.60 -14.37 -9.68
CA GLU A 340 36.45 -13.51 -9.44
C GLU A 340 36.74 -12.06 -9.78
N ASP A 341 37.97 -11.60 -9.55
CA ASP A 341 38.33 -10.22 -9.88
C ASP A 341 38.23 -9.95 -11.36
N ILE A 342 38.60 -10.93 -12.19
CA ILE A 342 38.78 -10.71 -13.62
C ILE A 342 37.71 -11.37 -14.47
N ALA A 343 36.86 -12.21 -13.90
CA ALA A 343 35.94 -13.02 -14.68
C ALA A 343 34.51 -12.84 -14.20
N ILE A 344 33.58 -13.19 -15.07
CA ILE A 344 32.15 -13.26 -14.76
C ILE A 344 31.73 -14.71 -14.87
N SER A 345 31.24 -15.27 -13.77
CA SER A 345 30.90 -16.68 -13.70
C SER A 345 29.38 -16.87 -13.76
N PHE A 346 28.95 -18.01 -14.31
CA PHE A 346 27.54 -18.32 -14.29
C PHE A 346 27.31 -19.82 -14.40
N GLN A 347 26.25 -20.29 -13.76
CA GLN A 347 25.85 -21.68 -13.86
C GLN A 347 25.13 -21.92 -15.18
N GLY A 348 25.06 -23.19 -15.58
CA GLY A 348 24.44 -23.54 -16.83
C GLY A 348 22.93 -23.54 -16.79
N ILE A 349 22.35 -23.88 -17.96
CA ILE A 349 20.90 -23.95 -18.10
C ILE A 349 20.34 -25.02 -17.17
N ILE A 350 19.18 -24.74 -16.58
CA ILE A 350 18.42 -25.73 -15.83
C ILE A 350 17.05 -25.81 -16.49
N THR A 351 16.83 -26.86 -17.28
CA THR A 351 15.56 -26.98 -17.99
C THR A 351 14.42 -27.34 -17.05
N GLY A 352 14.70 -28.13 -16.02
CA GLY A 352 13.68 -28.69 -15.17
C GLY A 352 13.14 -30.03 -15.64
N CYS A 353 13.35 -30.36 -16.93
CA CYS A 353 13.07 -31.70 -17.44
C CYS A 353 13.90 -31.86 -18.72
N ASP A 354 15.07 -32.50 -18.59
CA ASP A 354 15.99 -32.57 -19.73
C ASP A 354 15.42 -33.39 -20.87
N LYS A 355 14.74 -34.50 -20.57
CA LYS A 355 14.19 -35.35 -21.63
C LYS A 355 13.17 -34.62 -22.48
N ALA A 356 12.52 -33.59 -21.94
CA ALA A 356 11.53 -32.85 -22.72
C ALA A 356 12.17 -31.91 -23.72
N PHE A 357 13.36 -31.38 -23.41
CA PHE A 357 13.97 -30.33 -24.21
C PHE A 357 15.28 -30.72 -24.90
N ILE A 358 15.88 -31.84 -24.56
CA ILE A 358 17.16 -32.26 -25.11
C ILE A 358 16.91 -33.42 -26.06
N LEU A 359 17.41 -33.29 -27.30
CA LEU A 359 17.28 -34.33 -28.30
C LEU A 359 18.63 -34.57 -28.96
N SER A 360 18.82 -35.79 -29.45
CA SER A 360 20.00 -36.09 -30.24
C SER A 360 19.98 -35.27 -31.52
N LYS A 361 21.18 -34.84 -31.95
CA LYS A 361 21.27 -34.01 -33.16
C LYS A 361 20.80 -34.75 -34.40
N ASP A 362 20.74 -36.08 -34.36
CA ASP A 362 20.26 -36.90 -35.47
C ASP A 362 18.81 -37.34 -35.30
N ASP A 363 18.12 -36.87 -34.27
CA ASP A 363 16.72 -37.21 -34.08
C ASP A 363 15.87 -36.57 -35.17
N VAL A 364 14.93 -37.35 -35.71
CA VAL A 364 14.10 -36.86 -36.81
C VAL A 364 13.15 -35.75 -36.35
N LYS A 365 12.87 -35.67 -35.04
CA LYS A 365 11.97 -34.64 -34.54
C LYS A 365 12.52 -33.23 -34.71
N LEU A 366 13.85 -33.08 -34.88
CA LEU A 366 14.43 -31.76 -35.03
C LEU A 366 14.03 -31.08 -36.34
N ASN A 367 13.49 -31.83 -37.30
CA ASN A 367 13.00 -31.22 -38.52
C ASN A 367 11.75 -30.39 -38.27
N LEU A 368 11.01 -30.66 -37.19
CA LEU A 368 9.88 -29.83 -36.80
C LEU A 368 10.30 -28.54 -36.13
N VAL A 369 11.51 -28.48 -35.59
CA VAL A 369 11.99 -27.32 -34.84
C VAL A 369 12.85 -26.45 -35.75
N ASP A 370 12.49 -25.17 -35.83
CA ASP A 370 13.30 -24.22 -36.58
C ASP A 370 14.67 -24.10 -35.95
N ASP A 371 15.71 -23.97 -36.80
CA ASP A 371 17.07 -23.87 -36.30
C ASP A 371 17.30 -22.62 -35.46
N LYS A 372 16.39 -21.65 -35.55
CA LYS A 372 16.45 -20.46 -34.71
C LYS A 372 16.39 -20.81 -33.22
N PHE A 373 15.62 -21.83 -32.87
CA PHE A 373 15.42 -22.22 -31.48
C PHE A 373 16.42 -23.26 -30.99
N LEU A 374 17.28 -23.78 -31.84
CA LEU A 374 18.16 -24.88 -31.49
C LEU A 374 19.51 -24.36 -31.02
N LYS A 375 20.02 -24.94 -29.94
CA LYS A 375 21.34 -24.62 -29.41
C LYS A 375 22.14 -25.89 -29.23
N CYS A 376 23.45 -25.77 -29.35
CA CYS A 376 24.35 -26.89 -29.09
C CYS A 376 24.40 -27.20 -27.60
N TRP A 377 24.41 -28.49 -27.27
CA TRP A 377 24.28 -28.97 -25.90
C TRP A 377 25.38 -29.98 -25.61
N ILE A 378 26.16 -29.73 -24.56
CA ILE A 378 27.24 -30.61 -24.15
C ILE A 378 27.04 -31.01 -22.70
N LYS A 379 27.64 -32.15 -22.34
CA LYS A 379 27.67 -32.63 -20.98
C LYS A 379 29.07 -32.45 -20.41
N SER A 380 29.22 -32.77 -19.12
CA SER A 380 30.51 -32.60 -18.46
C SER A 380 31.58 -33.48 -19.10
N LYS A 381 31.23 -34.71 -19.50
CA LYS A 381 32.21 -35.59 -20.14
C LYS A 381 32.73 -35.03 -21.45
N ASN A 382 31.97 -34.16 -22.11
CA ASN A 382 32.45 -33.53 -23.34
C ASN A 382 33.53 -32.50 -23.08
N ILE A 383 33.81 -32.15 -21.82
CA ILE A 383 34.85 -31.19 -21.51
C ILE A 383 36.15 -31.93 -21.26
N ASN A 384 37.16 -31.64 -22.07
CA ASN A 384 38.53 -32.06 -21.85
C ASN A 384 39.35 -30.84 -21.47
N LYS A 385 40.65 -31.05 -21.30
CA LYS A 385 41.55 -29.93 -21.12
C LYS A 385 41.68 -29.17 -22.44
N TYR A 386 41.54 -27.85 -22.35
CA TYR A 386 41.79 -26.89 -23.42
C TYR A 386 40.72 -26.85 -24.52
N ILE A 387 39.89 -27.88 -24.66
CA ILE A 387 38.94 -27.95 -25.77
C ILE A 387 37.77 -28.86 -25.42
N VAL A 388 36.66 -28.64 -26.11
CA VAL A 388 35.41 -29.36 -25.89
C VAL A 388 35.17 -30.32 -27.03
N ASP A 389 34.65 -31.50 -26.70
CA ASP A 389 34.24 -32.44 -27.74
C ASP A 389 33.11 -31.84 -28.56
N LYS A 390 32.97 -32.33 -29.79
CA LYS A 390 31.89 -31.89 -30.66
C LYS A 390 30.55 -32.26 -30.05
N SER A 391 29.61 -31.32 -30.07
CA SER A 391 28.30 -31.56 -29.46
C SER A 391 27.55 -32.65 -30.19
N GLU A 392 26.89 -33.51 -29.43
CA GLU A 392 26.02 -34.54 -29.97
C GLU A 392 24.55 -34.31 -29.66
N TYR A 393 24.22 -33.33 -28.83
CA TYR A 393 22.86 -33.07 -28.41
C TYR A 393 22.47 -31.64 -28.75
N ARG A 394 21.16 -31.42 -28.81
CA ARG A 394 20.58 -30.11 -29.08
C ARG A 394 19.60 -29.74 -27.97
N LEU A 395 19.53 -28.44 -27.69
CA LEU A 395 18.59 -27.89 -26.72
C LEU A 395 17.55 -27.05 -27.45
N ILE A 396 16.28 -27.29 -27.16
CA ILE A 396 15.19 -26.48 -27.70
C ILE A 396 15.03 -25.30 -26.75
N TYR A 397 15.51 -24.12 -27.15
CA TYR A 397 15.39 -22.93 -26.30
C TYR A 397 13.96 -22.41 -26.42
N SER A 398 13.06 -23.06 -25.67
CA SER A 398 11.63 -22.84 -25.83
C SER A 398 11.19 -21.44 -25.38
N ASN A 399 12.02 -20.70 -24.66
CA ASN A 399 11.63 -19.36 -24.22
C ASN A 399 11.33 -18.45 -25.41
N ASP A 400 11.98 -18.67 -26.55
CA ASP A 400 11.80 -17.82 -27.71
C ASP A 400 10.52 -18.13 -28.49
N ILE A 401 9.81 -19.20 -28.12
CA ILE A 401 8.52 -19.51 -28.73
C ILE A 401 7.47 -18.55 -28.18
N ASP A 402 6.87 -17.76 -29.07
CA ASP A 402 5.97 -16.70 -28.64
C ASP A 402 4.57 -17.23 -28.35
N ASN A 403 3.91 -17.77 -29.37
CA ASN A 403 2.51 -18.18 -29.27
C ASN A 403 2.40 -19.70 -29.39
N GLU A 404 1.37 -20.26 -28.74
CA GLU A 404 1.12 -21.69 -28.83
C GLU A 404 0.51 -22.09 -30.17
N ASN A 405 -0.22 -21.18 -30.82
CA ASN A 405 -0.81 -21.49 -32.12
C ASN A 405 0.27 -21.75 -33.16
N THR A 406 1.32 -20.94 -33.16
CA THR A 406 2.47 -21.18 -34.02
C THR A 406 3.42 -22.19 -33.37
N ASN A 407 4.04 -23.01 -34.21
CA ASN A 407 4.93 -24.08 -33.73
C ASN A 407 4.17 -25.02 -32.79
N LYS A 408 2.91 -25.29 -33.13
CA LYS A 408 2.10 -26.17 -32.30
C LYS A 408 2.61 -27.61 -32.34
N ARG A 409 3.15 -28.05 -33.47
CA ARG A 409 3.68 -29.41 -33.56
C ARG A 409 4.83 -29.63 -32.60
N ILE A 410 5.67 -28.59 -32.40
CA ILE A 410 6.75 -28.69 -31.43
C ILE A 410 6.20 -28.90 -30.03
N LEU A 411 5.16 -28.13 -29.67
CA LEU A 411 4.55 -28.27 -28.36
C LEU A 411 3.80 -29.58 -28.21
N ASP A 412 3.18 -30.07 -29.27
CA ASP A 412 2.31 -31.23 -29.18
C ASP A 412 3.05 -32.56 -29.34
N GLU A 413 4.16 -32.57 -30.07
CA GLU A 413 4.83 -33.82 -30.41
C GLU A 413 6.21 -33.99 -29.80
N ILE A 414 6.79 -32.96 -29.20
CA ILE A 414 8.11 -33.09 -28.59
C ILE A 414 8.02 -32.77 -27.11
N ILE A 415 7.70 -31.52 -26.78
CA ILE A 415 7.70 -31.08 -25.39
C ILE A 415 6.48 -31.60 -24.64
N GLY A 416 5.32 -31.67 -25.29
CA GLY A 416 4.10 -32.05 -24.63
C GLY A 416 4.05 -33.48 -24.13
N LEU A 417 4.98 -34.33 -24.59
CA LEU A 417 5.03 -35.70 -24.11
C LEU A 417 5.29 -35.77 -22.61
N TYR A 418 5.92 -34.73 -22.07
CA TYR A 418 6.23 -34.64 -20.65
C TYR A 418 5.48 -33.48 -20.00
N LYS A 419 4.29 -33.16 -20.51
CA LYS A 419 3.56 -31.99 -20.04
C LYS A 419 3.20 -32.12 -18.56
N THR A 420 2.80 -33.32 -18.14
CA THR A 420 2.43 -33.52 -16.74
C THR A 420 3.60 -33.21 -15.81
N LYS A 421 4.79 -33.71 -16.13
CA LYS A 421 5.96 -33.44 -15.31
C LYS A 421 6.35 -31.97 -15.35
N LEU A 422 6.28 -31.36 -16.55
CA LEU A 422 6.67 -29.96 -16.69
C LEU A 422 5.79 -29.06 -15.85
N GLU A 423 4.48 -29.36 -15.78
CA GLU A 423 3.56 -28.57 -14.99
C GLU A 423 3.78 -28.70 -13.49
N ASN A 424 4.53 -29.71 -13.05
CA ASN A 424 4.77 -29.93 -11.64
C ASN A 424 6.01 -29.19 -11.13
N ARG A 425 6.67 -28.42 -11.99
CA ARG A 425 7.77 -27.60 -11.54
C ARG A 425 7.26 -26.41 -10.73
N ARG A 426 8.10 -25.90 -9.83
CA ARG A 426 7.67 -24.86 -8.91
C ARG A 426 7.19 -23.62 -9.65
N GLU A 427 7.96 -23.17 -10.65
CA GLU A 427 7.63 -21.94 -11.35
C GLU A 427 6.43 -22.11 -12.27
N CYS A 428 6.12 -23.35 -12.70
CA CYS A 428 4.87 -23.57 -13.43
C CYS A 428 3.67 -23.55 -12.50
N LYS A 429 3.81 -24.12 -11.29
CA LYS A 429 2.69 -24.14 -10.35
C LYS A 429 2.32 -22.73 -9.89
N SER A 430 3.30 -21.85 -9.77
CA SER A 430 3.07 -20.46 -9.38
C SER A 430 2.77 -19.55 -10.57
N GLY A 431 2.86 -20.07 -11.79
CA GLY A 431 2.54 -19.29 -12.97
C GLY A 431 3.65 -18.39 -13.47
N ILE A 432 4.85 -18.47 -12.89
CA ILE A 432 5.95 -17.64 -13.37
C ILE A 432 6.39 -18.08 -14.76
N ARG A 433 6.38 -19.39 -15.02
CA ARG A 433 6.75 -19.95 -16.30
C ARG A 433 5.55 -20.64 -16.93
N LYS A 434 5.46 -20.57 -18.26
CA LYS A 434 4.54 -21.42 -18.99
C LYS A 434 5.04 -22.86 -18.95
N TRP A 435 4.11 -23.80 -19.12
CA TRP A 435 4.46 -25.20 -18.93
C TRP A 435 5.53 -25.69 -19.90
N TYR A 436 5.69 -25.03 -21.05
CA TYR A 436 6.67 -25.44 -22.04
C TYR A 436 7.98 -24.67 -21.98
N GLU A 437 8.12 -23.73 -21.06
CA GLU A 437 9.34 -22.93 -20.99
C GLU A 437 10.41 -23.61 -20.14
N LEU A 438 11.65 -23.21 -20.37
CA LEU A 438 12.74 -23.68 -19.52
C LEU A 438 12.61 -23.07 -18.13
N GLN A 439 12.87 -23.88 -17.11
CA GLN A 439 12.73 -23.39 -15.74
C GLN A 439 13.70 -22.25 -15.45
N TRP A 440 14.97 -22.42 -15.79
CA TRP A 440 15.97 -21.35 -15.65
C TRP A 440 16.77 -21.31 -16.96
N GLY A 441 16.28 -20.51 -17.91
CA GLY A 441 16.91 -20.37 -19.20
C GLY A 441 18.07 -19.41 -19.27
N ARG A 442 18.39 -18.74 -18.17
CA ARG A 442 19.55 -17.84 -18.07
C ARG A 442 19.42 -16.76 -19.16
N GLU A 443 20.55 -16.28 -19.65
CA GLU A 443 20.59 -15.34 -20.76
C GLU A 443 21.44 -15.92 -21.89
N LYS A 444 20.87 -16.00 -23.09
CA LYS A 444 21.56 -16.58 -24.22
C LYS A 444 22.89 -15.86 -24.48
N LEU A 445 22.90 -14.54 -24.34
CA LEU A 445 24.08 -13.75 -24.64
C LEU A 445 25.28 -14.18 -23.82
N PHE A 446 25.06 -14.75 -22.63
CA PHE A 446 26.17 -15.25 -21.83
C PHE A 446 26.80 -16.49 -22.46
N PHE A 447 25.98 -17.35 -23.08
CA PHE A 447 26.51 -18.58 -23.67
C PHE A 447 27.02 -18.37 -25.08
N GLU A 448 26.44 -17.45 -25.84
CA GLU A 448 26.79 -17.26 -27.25
C GLU A 448 27.95 -16.28 -27.39
N ARG A 449 29.08 -16.68 -26.82
CA ARG A 449 30.31 -15.92 -26.88
C ARG A 449 31.46 -16.85 -26.53
N LYS A 450 32.67 -16.40 -26.86
CA LYS A 450 33.86 -17.12 -26.43
C LYS A 450 33.89 -17.15 -24.91
N LYS A 451 34.15 -18.33 -24.33
CA LYS A 451 34.14 -18.47 -22.89
C LYS A 451 34.92 -19.72 -22.51
N ILE A 452 35.13 -19.89 -21.21
CA ILE A 452 35.79 -21.07 -20.65
C ILE A 452 34.74 -21.89 -19.91
N MET A 453 34.82 -23.21 -20.06
CA MET A 453 33.90 -24.13 -19.43
C MET A 453 34.66 -25.23 -18.68
N TYR A 454 34.08 -25.70 -17.58
CA TYR A 454 34.69 -26.78 -16.82
C TYR A 454 33.59 -27.65 -16.21
N PRO A 455 33.85 -28.94 -16.02
CA PRO A 455 32.83 -29.80 -15.40
C PRO A 455 32.66 -29.48 -13.93
N TYR A 456 31.44 -29.72 -13.43
CA TYR A 456 31.16 -29.38 -12.04
C TYR A 456 31.72 -30.40 -11.07
N LYS A 457 32.05 -31.59 -11.55
CA LYS A 457 32.63 -32.65 -10.72
C LYS A 457 33.66 -33.39 -11.57
N SER A 458 34.91 -33.43 -11.13
CA SER A 458 35.93 -34.09 -11.93
C SER A 458 37.05 -34.59 -11.02
N ASN A 459 37.85 -35.50 -11.58
CA ASN A 459 39.05 -35.98 -10.92
C ASN A 459 40.25 -35.06 -11.10
N GLU A 460 40.18 -34.11 -12.04
CA GLU A 460 41.31 -33.21 -12.30
C GLU A 460 40.78 -31.93 -12.92
N ASN A 461 41.66 -30.93 -12.99
CA ASN A 461 41.33 -29.67 -13.64
C ASN A 461 41.12 -29.91 -15.13
N ARG A 462 39.94 -29.54 -15.63
CA ARG A 462 39.62 -29.61 -17.05
CA ARG A 462 39.62 -29.61 -17.05
C ARG A 462 38.94 -28.29 -17.42
N PHE A 463 39.75 -27.32 -17.82
CA PHE A 463 39.25 -26.01 -18.26
C PHE A 463 39.46 -25.89 -19.76
N ALA A 464 38.38 -25.65 -20.49
CA ALA A 464 38.41 -25.61 -21.94
C ALA A 464 37.94 -24.25 -22.43
N ILE A 465 38.45 -23.86 -23.59
CA ILE A 465 37.91 -22.71 -24.32
C ILE A 465 36.80 -23.22 -25.23
N ASP A 466 35.63 -22.60 -25.12
CA ASP A 466 34.52 -22.92 -26.00
C ASP A 466 34.49 -21.93 -27.16
N TYR A 467 34.56 -22.45 -28.38
CA TYR A 467 34.47 -21.63 -29.57
C TYR A 467 33.12 -21.73 -30.26
N ASP A 468 32.26 -22.66 -29.86
CA ASP A 468 31.08 -23.04 -30.63
C ASP A 468 29.78 -22.62 -29.98
N ASN A 469 29.81 -21.62 -29.09
CA ASN A 469 28.61 -21.12 -28.43
C ASN A 469 27.82 -22.27 -27.79
N ASN A 470 28.54 -23.14 -27.10
CA ASN A 470 27.91 -24.31 -26.51
C ASN A 470 27.06 -23.90 -25.31
N PHE A 471 25.89 -24.52 -25.21
CA PHE A 471 25.08 -24.48 -24.02
C PHE A 471 25.29 -25.78 -23.24
N SER A 472 24.89 -25.76 -21.97
CA SER A 472 25.06 -26.92 -21.11
C SER A 472 24.12 -26.79 -19.94
N SER A 473 23.93 -27.91 -19.24
CA SER A 473 23.14 -27.94 -18.01
C SER A 473 24.02 -27.43 -16.86
N ALA A 474 23.56 -27.66 -15.63
CA ALA A 474 24.32 -27.22 -14.46
C ALA A 474 25.46 -28.16 -14.10
N ASP A 475 25.70 -29.20 -14.88
CA ASP A 475 26.88 -30.03 -14.70
C ASP A 475 28.11 -29.44 -15.38
N VAL A 476 27.98 -28.31 -16.06
CA VAL A 476 29.09 -27.59 -16.64
C VAL A 476 28.97 -26.12 -16.24
N TYR A 477 30.04 -25.56 -15.71
CA TYR A 477 30.08 -24.15 -15.35
C TYR A 477 30.91 -23.39 -16.39
N SER A 478 30.65 -22.09 -16.50
CA SER A 478 31.28 -21.26 -17.51
C SER A 478 31.72 -19.94 -16.90
N PHE A 479 32.72 -19.33 -17.51
CA PHE A 479 33.00 -17.92 -17.25
C PHE A 479 33.68 -17.30 -18.45
N PHE A 480 33.56 -15.98 -18.52
CA PHE A 480 34.26 -15.18 -19.51
C PHE A 480 34.97 -14.03 -18.81
N ILE A 481 36.00 -13.51 -19.48
CA ILE A 481 36.85 -12.47 -18.91
C ILE A 481 36.15 -11.13 -19.03
N LYS A 482 36.22 -10.32 -17.98
CA LYS A 482 35.70 -8.95 -18.04
C LYS A 482 36.47 -8.17 -19.08
N GLU A 483 35.81 -7.19 -19.69
CA GLU A 483 36.44 -6.42 -20.77
C GLU A 483 37.68 -5.68 -20.26
N GLU A 484 37.61 -5.11 -19.06
CA GLU A 484 38.72 -4.33 -18.54
C GLU A 484 39.95 -5.17 -18.20
N TYR A 485 39.84 -6.50 -18.16
CA TYR A 485 40.98 -7.37 -17.93
C TYR A 485 41.39 -8.14 -19.17
N LEU A 486 40.84 -7.80 -20.34
CA LEU A 486 41.21 -8.50 -21.56
C LEU A 486 42.64 -8.20 -21.98
N ASP A 487 43.13 -6.98 -21.71
CA ASP A 487 44.51 -6.65 -22.04
C ASP A 487 45.50 -7.39 -21.15
N LYS A 488 45.13 -7.67 -19.89
CA LYS A 488 46.06 -8.32 -18.98
C LYS A 488 46.04 -9.84 -19.13
N PHE A 489 44.86 -10.42 -19.34
CA PHE A 489 44.71 -11.87 -19.40
C PHE A 489 43.96 -12.27 -20.66
N SER A 490 44.38 -13.38 -21.26
CA SER A 490 43.75 -13.97 -22.43
C SER A 490 43.20 -15.33 -22.06
N TYR A 491 42.24 -15.81 -22.85
CA TYR A 491 41.69 -17.13 -22.59
C TYR A 491 42.75 -18.22 -22.73
N GLU A 492 43.66 -18.05 -23.70
CA GLU A 492 44.70 -19.05 -23.89
C GLU A 492 45.65 -19.12 -22.71
N TYR A 493 46.02 -17.97 -22.14
CA TYR A 493 46.89 -17.99 -20.96
C TYR A 493 46.20 -18.64 -19.77
N LEU A 494 44.90 -18.36 -19.57
CA LEU A 494 44.19 -18.86 -18.39
C LEU A 494 44.05 -20.38 -18.42
N VAL A 495 43.66 -20.95 -19.57
CA VAL A 495 43.53 -22.40 -19.60
C VAL A 495 44.89 -23.07 -19.46
N GLY A 496 45.97 -22.38 -19.86
CA GLY A 496 47.30 -22.92 -19.68
C GLY A 496 47.63 -23.16 -18.22
N ILE A 497 47.54 -22.12 -17.40
CA ILE A 497 47.92 -22.27 -16.00
C ILE A 497 46.89 -23.10 -15.25
N LEU A 498 45.60 -22.93 -15.55
CA LEU A 498 44.57 -23.63 -14.79
C LEU A 498 44.61 -25.14 -15.02
N ASN A 499 45.06 -25.58 -16.18
CA ASN A 499 45.21 -27.00 -16.46
C ASN A 499 46.57 -27.55 -16.05
N SER A 500 47.42 -26.72 -15.47
CA SER A 500 48.75 -27.16 -15.12
C SER A 500 48.71 -28.03 -13.85
N SER A 501 49.76 -28.82 -13.67
CA SER A 501 49.85 -29.64 -12.47
C SER A 501 49.95 -28.79 -11.22
N VAL A 502 50.64 -27.65 -11.31
CA VAL A 502 50.73 -26.75 -10.17
C VAL A 502 49.33 -26.33 -9.73
N TYR A 503 48.50 -25.86 -10.67
CA TYR A 503 47.17 -25.41 -10.30
C TYR A 503 46.23 -26.56 -10.00
N ASP A 504 46.47 -27.73 -10.57
CA ASP A 504 45.67 -28.89 -10.18
C ASP A 504 45.87 -29.20 -8.70
N LYS A 505 47.13 -29.23 -8.25
CA LYS A 505 47.41 -29.46 -6.84
C LYS A 505 46.94 -28.29 -5.98
N TYR A 506 47.12 -27.06 -6.48
CA TYR A 506 46.74 -25.88 -5.71
C TYR A 506 45.24 -25.82 -5.46
N PHE A 507 44.43 -26.19 -6.45
CA PHE A 507 43.00 -26.17 -6.25
C PHE A 507 42.55 -27.27 -5.29
N LYS A 508 43.12 -28.47 -5.43
CA LYS A 508 42.67 -29.59 -4.62
C LYS A 508 43.01 -29.45 -3.14
N ILE A 509 43.87 -28.51 -2.76
CA ILE A 509 44.18 -28.31 -1.35
C ILE A 509 42.92 -27.93 -0.59
N THR A 510 42.14 -27.00 -1.13
CA THR A 510 40.95 -26.48 -0.48
C THR A 510 39.65 -26.92 -1.16
N ALA A 511 39.73 -27.78 -2.17
CA ALA A 511 38.53 -28.20 -2.88
C ALA A 511 37.69 -29.12 -2.00
N LYS A 512 36.48 -29.39 -2.46
CA LYS A 512 35.53 -30.21 -1.74
C LYS A 512 35.58 -31.63 -2.32
N LYS A 513 36.15 -32.56 -1.55
CA LYS A 513 36.25 -33.95 -1.96
C LYS A 513 34.88 -34.63 -1.82
N MET A 514 34.34 -35.13 -2.93
CA MET A 514 32.98 -35.65 -2.96
C MET A 514 32.91 -37.16 -2.84
N SER A 515 33.50 -37.88 -3.79
CA SER A 515 33.59 -39.33 -3.73
C SER A 515 34.97 -39.71 -4.26
N LYS A 516 35.22 -41.02 -4.35
CA LYS A 516 36.53 -41.49 -4.76
C LYS A 516 36.90 -40.88 -6.11
N ASN A 517 38.00 -40.13 -6.12
CA ASN A 517 38.52 -39.47 -7.33
C ASN A 517 37.50 -38.52 -7.96
N ILE A 518 36.73 -37.82 -7.13
CA ILE A 518 35.85 -36.75 -7.60
C ILE A 518 35.95 -35.57 -6.66
N TYR A 519 36.20 -34.38 -7.23
CA TYR A 519 36.15 -33.14 -6.50
C TYR A 519 35.05 -32.25 -7.07
N ASP A 520 34.48 -31.40 -6.22
CA ASP A 520 33.56 -30.38 -6.71
C ASP A 520 34.35 -29.27 -7.39
N TYR A 521 33.96 -28.92 -8.60
CA TYR A 521 34.46 -27.73 -9.27
C TYR A 521 33.29 -26.75 -9.38
N TYR A 522 33.06 -25.99 -8.32
CA TYR A 522 31.97 -25.03 -8.31
C TYR A 522 32.52 -23.63 -8.16
N PRO A 523 31.80 -22.63 -8.67
CA PRO A 523 32.30 -21.25 -8.59
C PRO A 523 32.61 -20.79 -7.19
N ASN A 524 31.89 -21.28 -6.17
CA ASN A 524 32.15 -20.82 -4.81
C ASN A 524 33.57 -21.13 -4.35
N LYS A 525 34.25 -22.06 -5.02
CA LYS A 525 35.68 -22.25 -4.81
C LYS A 525 36.52 -21.95 -6.04
N VAL A 526 36.05 -22.32 -7.24
CA VAL A 526 36.81 -22.10 -8.46
C VAL A 526 37.09 -20.61 -8.66
N MET A 527 36.11 -19.76 -8.36
CA MET A 527 36.34 -18.33 -8.56
C MET A 527 37.28 -17.73 -7.53
N LYS A 528 37.65 -18.49 -6.50
CA LYS A 528 38.64 -18.04 -5.52
C LYS A 528 40.07 -18.37 -5.92
N ILE A 529 40.27 -19.11 -7.02
CA ILE A 529 41.61 -19.38 -7.50
C ILE A 529 42.30 -18.07 -7.85
N ARG A 530 43.55 -17.95 -7.44
CA ARG A 530 44.34 -16.75 -7.68
C ARG A 530 45.32 -16.99 -8.83
N ILE A 531 45.57 -15.93 -9.60
CA ILE A 531 46.37 -15.99 -10.82
C ILE A 531 47.38 -14.86 -10.80
N PHE A 532 48.35 -14.92 -11.72
CA PHE A 532 49.50 -14.04 -11.70
C PHE A 532 49.88 -13.62 -13.12
N ARG A 533 50.62 -12.52 -13.21
N ARG A 533 50.62 -12.52 -13.21
CA ARG A 533 51.24 -12.07 -14.45
CA ARG A 533 51.24 -12.06 -14.45
C ARG A 533 52.70 -11.74 -14.18
C ARG A 533 52.70 -11.74 -14.18
N ASP A 534 53.60 -12.33 -14.97
CA ASP A 534 55.02 -12.03 -14.85
C ASP A 534 55.69 -12.23 -16.21
N ASN A 535 57.02 -12.31 -16.20
CA ASN A 535 57.80 -12.41 -17.42
C ASN A 535 57.51 -13.69 -18.21
N ASN A 536 56.95 -14.71 -17.57
CA ASN A 536 56.68 -15.98 -18.26
C ASN A 536 55.37 -15.97 -19.01
N TYR A 537 54.61 -14.86 -18.98
CA TYR A 537 53.28 -14.83 -19.58
C TYR A 537 53.33 -15.23 -21.04
N GLU A 538 54.22 -14.61 -21.81
CA GLU A 538 54.24 -14.83 -23.26
C GLU A 538 54.53 -16.28 -23.60
N GLU A 539 55.52 -16.89 -22.94
CA GLU A 539 55.89 -18.26 -23.28
C GLU A 539 54.81 -19.24 -22.84
N ILE A 540 54.17 -19.00 -21.70
CA ILE A 540 53.06 -19.85 -21.25
C ILE A 540 51.91 -19.76 -22.23
N GLU A 541 51.55 -18.54 -22.65
CA GLU A 541 50.46 -18.35 -23.60
C GLU A 541 50.76 -19.05 -24.92
N ASN A 542 52.01 -18.95 -25.37
CA ASN A 542 52.38 -19.55 -26.65
C ASN A 542 52.33 -21.08 -26.57
N LEU A 543 52.80 -21.66 -25.47
CA LEU A 543 52.69 -23.10 -25.29
C LEU A 543 51.24 -23.55 -25.28
N SER A 544 50.38 -22.79 -24.61
CA SER A 544 48.97 -23.13 -24.60
C SER A 544 48.37 -23.06 -26.01
N LYS A 545 48.78 -22.08 -26.79
CA LYS A 545 48.33 -22.02 -28.19
C LYS A 545 48.79 -23.24 -28.97
N GLN A 546 50.02 -23.70 -28.72
CA GLN A 546 50.50 -24.89 -29.40
C GLN A 546 49.68 -26.12 -29.02
N ILE A 547 49.39 -26.26 -27.72
CA ILE A 547 48.58 -27.39 -27.26
C ILE A 547 47.20 -27.35 -27.89
N ILE A 548 46.57 -26.18 -27.91
CA ILE A 548 45.26 -26.05 -28.53
C ILE A 548 45.36 -26.37 -30.01
N SER A 549 46.41 -25.91 -30.68
CA SER A 549 46.56 -26.16 -32.11
C SER A 549 46.66 -27.66 -32.40
N ILE A 550 47.44 -28.38 -31.60
CA ILE A 550 47.58 -29.82 -31.78
C ILE A 550 46.25 -30.53 -31.51
N LEU A 551 45.58 -30.16 -30.41
CA LEU A 551 44.39 -30.88 -30.00
C LEU A 551 43.25 -30.74 -31.00
N LEU A 552 43.27 -29.72 -31.86
CA LEU A 552 42.21 -29.48 -32.83
C LEU A 552 42.50 -30.06 -34.22
N ASN A 553 43.63 -30.74 -34.39
CA ASN A 553 43.94 -31.34 -35.68
C ASN A 553 43.24 -32.69 -35.83
N LYS A 554 42.91 -33.03 -37.08
CA LYS A 554 42.28 -34.32 -37.35
C LYS A 554 43.27 -35.47 -37.13
N SER A 555 44.48 -35.35 -37.70
CA SER A 555 45.53 -36.33 -37.49
C SER A 555 46.29 -36.02 -36.20
N ILE A 556 45.54 -36.01 -35.10
CA ILE A 556 46.07 -35.53 -33.83
C ILE A 556 47.00 -36.60 -33.25
N ASP A 557 48.30 -36.29 -33.22
CA ASP A 557 49.29 -37.11 -32.52
C ASP A 557 49.49 -36.48 -31.15
N LYS A 558 48.52 -36.73 -30.26
CA LYS A 558 48.47 -36.07 -28.96
C LYS A 558 49.46 -36.70 -27.98
N GLY A 559 50.72 -36.73 -28.40
CA GLY A 559 51.79 -37.14 -27.52
C GLY A 559 52.68 -35.97 -27.19
N LYS A 560 52.93 -35.11 -28.18
CA LYS A 560 53.71 -33.90 -27.94
C LYS A 560 53.00 -32.97 -26.96
N VAL A 561 51.69 -33.11 -26.78
CA VAL A 561 50.96 -32.28 -25.84
C VAL A 561 51.51 -32.48 -24.43
N GLU A 562 51.83 -33.72 -24.06
CA GLU A 562 52.34 -33.97 -22.73
C GLU A 562 53.68 -33.28 -22.51
N LYS A 563 54.55 -33.31 -23.51
CA LYS A 563 55.85 -32.65 -23.39
C LYS A 563 55.67 -31.14 -23.22
N LEU A 564 54.78 -30.54 -24.01
CA LEU A 564 54.53 -29.10 -23.87
C LEU A 564 53.94 -28.77 -22.51
N GLN A 565 53.08 -29.63 -21.98
CA GLN A 565 52.56 -29.40 -20.65
C GLN A 565 53.67 -29.43 -19.60
N ILE A 566 54.60 -30.38 -19.73
CA ILE A 566 55.71 -30.46 -18.79
C ILE A 566 56.54 -29.20 -18.83
N LYS A 567 56.82 -28.69 -20.05
CA LYS A 567 57.56 -27.43 -20.16
C LYS A 567 56.78 -26.28 -19.53
N MET A 568 55.47 -26.24 -19.72
CA MET A 568 54.68 -25.16 -19.13
C MET A 568 54.67 -25.25 -17.60
N ASP A 569 54.53 -26.45 -17.05
CA ASP A 569 54.57 -26.60 -15.60
C ASP A 569 55.87 -26.08 -15.02
N ASN A 570 56.99 -26.28 -15.74
CA ASN A 570 58.27 -25.77 -15.26
C ASN A 570 58.27 -24.25 -15.21
N LEU A 571 57.70 -23.61 -16.22
CA LEU A 571 57.63 -22.14 -16.23
C LEU A 571 56.79 -21.64 -15.07
N ILE A 572 55.65 -22.28 -14.84
CA ILE A 572 54.75 -21.89 -13.76
C ILE A 572 55.42 -22.09 -12.41
N MET A 573 56.10 -23.23 -12.22
CA MET A 573 56.84 -23.45 -10.99
C MET A 573 57.96 -22.43 -10.82
N ASP A 574 58.62 -22.07 -11.93
CA ASP A 574 59.59 -20.98 -11.87
C ASP A 574 58.93 -19.67 -11.46
N SER A 575 57.76 -19.38 -12.01
CA SER A 575 57.08 -18.12 -11.73
C SER A 575 56.69 -18.01 -10.26
N LEU A 576 56.12 -19.07 -9.70
CA LEU A 576 55.64 -19.05 -8.33
C LEU A 576 56.73 -19.36 -7.32
N GLY A 577 57.94 -19.66 -7.77
CA GLY A 577 59.05 -19.93 -6.86
C GLY A 577 58.90 -21.17 -6.02
N ILE A 578 58.44 -22.26 -6.62
CA ILE A 578 58.29 -23.52 -5.90
C ILE A 578 59.26 -24.57 -6.45
N THR B 24 -15.69 5.63 0.05
CA THR B 24 -16.49 6.53 0.88
C THR B 24 -16.75 7.84 0.13
N LYS B 25 -16.02 8.04 -0.96
CA LYS B 25 -16.19 9.22 -1.80
C LYS B 25 -17.32 9.06 -2.79
N LYS B 26 -17.97 7.89 -2.83
CA LYS B 26 -19.13 7.68 -3.68
C LYS B 26 -20.36 8.42 -3.17
N ALA B 27 -20.36 8.83 -1.90
CA ALA B 27 -21.45 9.63 -1.35
C ALA B 27 -21.39 11.08 -1.81
N SER B 28 -20.30 11.50 -2.45
CA SER B 28 -20.16 12.83 -3.01
C SER B 28 -20.66 12.83 -4.46
N GLY B 29 -20.36 13.91 -5.19
CA GLY B 29 -20.75 14.01 -6.58
C GLY B 29 -19.79 13.40 -7.58
N ILE B 30 -18.61 12.95 -7.14
CA ILE B 30 -17.62 12.37 -8.04
C ILE B 30 -18.03 10.96 -8.42
N TYR B 31 -17.38 10.39 -9.43
CA TYR B 31 -17.71 9.11 -10.06
C TYR B 31 -19.08 9.14 -10.74
N TYR B 32 -19.73 10.29 -10.78
CA TYR B 32 -20.97 10.47 -11.51
C TYR B 32 -20.63 10.70 -12.98
N THR B 33 -21.02 9.76 -13.83
CA THR B 33 -20.74 9.89 -15.26
C THR B 33 -21.48 11.10 -15.81
N PRO B 34 -20.83 11.95 -16.60
CA PRO B 34 -21.51 13.14 -17.14
C PRO B 34 -22.74 12.75 -17.97
N LYS B 35 -23.79 13.56 -17.86
CA LYS B 35 -25.05 13.21 -18.52
C LYS B 35 -24.87 13.11 -20.03
N ILE B 36 -24.11 14.04 -20.62
CA ILE B 36 -23.92 14.06 -22.06
C ILE B 36 -23.31 12.75 -22.54
N ILE B 37 -22.54 12.08 -21.69
CA ILE B 37 -21.95 10.79 -22.02
C ILE B 37 -22.93 9.66 -21.77
N VAL B 38 -23.64 9.70 -20.63
CA VAL B 38 -24.69 8.70 -20.39
C VAL B 38 -25.71 8.72 -21.51
N ASP B 39 -26.14 9.92 -21.92
CA ASP B 39 -27.10 10.03 -23.01
C ASP B 39 -26.55 9.41 -24.28
N TYR B 40 -25.29 9.68 -24.58
CA TYR B 40 -24.67 9.13 -25.79
C TYR B 40 -24.58 7.62 -25.75
N ILE B 41 -24.16 7.06 -24.62
CA ILE B 41 -23.96 5.61 -24.54
C ILE B 41 -25.30 4.90 -24.70
N VAL B 42 -26.32 5.38 -24.00
CA VAL B 42 -27.63 4.74 -24.05
C VAL B 42 -28.21 4.83 -25.46
N LYS B 43 -28.15 6.02 -26.06
CA LYS B 43 -28.64 6.16 -27.42
C LYS B 43 -27.82 5.34 -28.41
N LYS B 44 -26.51 5.19 -28.17
CA LYS B 44 -25.67 4.41 -29.08
C LYS B 44 -26.07 2.94 -29.14
N THR B 45 -26.78 2.44 -28.12
CA THR B 45 -27.15 1.04 -28.05
C THR B 45 -28.60 0.78 -28.42
N LEU B 46 -29.49 1.75 -28.22
CA LEU B 46 -30.92 1.52 -28.32
C LEU B 46 -31.57 2.25 -29.49
N LYS B 47 -30.84 3.13 -30.18
CA LYS B 47 -31.49 4.02 -31.15
C LYS B 47 -32.09 3.27 -32.32
N ASN B 48 -31.53 2.11 -32.69
CA ASN B 48 -32.01 1.34 -33.83
C ASN B 48 -32.62 0.02 -33.42
N HIS B 49 -33.12 -0.09 -32.19
CA HIS B 49 -33.77 -1.32 -31.76
C HIS B 49 -35.17 -1.41 -32.34
N ASP B 50 -35.56 -2.61 -32.76
CA ASP B 50 -36.87 -2.86 -33.34
C ASP B 50 -37.78 -3.38 -32.23
N ILE B 51 -38.50 -2.47 -31.59
CA ILE B 51 -39.36 -2.84 -30.47
C ILE B 51 -40.52 -3.70 -30.92
N ILE B 52 -40.98 -3.54 -32.16
CA ILE B 52 -42.05 -4.40 -32.66
C ILE B 52 -41.56 -5.83 -32.80
N LYS B 53 -40.37 -6.00 -33.39
CA LYS B 53 -39.85 -7.35 -33.61
C LYS B 53 -39.49 -8.03 -32.30
N ASN B 54 -38.83 -7.31 -31.39
CA ASN B 54 -38.46 -7.82 -30.07
C ASN B 54 -38.91 -6.83 -29.00
N PRO B 55 -40.11 -7.00 -28.46
CA PRO B 55 -40.58 -6.14 -27.37
C PRO B 55 -40.04 -6.52 -26.00
N TYR B 56 -39.06 -7.43 -25.91
CA TYR B 56 -38.48 -7.84 -24.63
C TYR B 56 -36.97 -7.70 -24.65
N PRO B 57 -36.45 -6.50 -24.86
CA PRO B 57 -34.99 -6.32 -24.79
C PRO B 57 -34.52 -6.29 -23.35
N ARG B 58 -33.49 -7.08 -23.05
CA ARG B 58 -32.87 -7.06 -21.72
C ARG B 58 -31.69 -6.11 -21.73
N ILE B 59 -31.75 -5.06 -20.91
CA ILE B 59 -30.69 -4.08 -20.79
C ILE B 59 -30.11 -4.15 -19.39
N LEU B 60 -28.80 -4.34 -19.30
CA LEU B 60 -28.12 -4.64 -18.05
C LEU B 60 -27.01 -3.63 -17.77
N ASP B 61 -26.84 -3.29 -16.50
CA ASP B 61 -25.70 -2.51 -16.01
C ASP B 61 -25.16 -3.21 -14.77
N ILE B 62 -23.94 -3.76 -14.87
CA ILE B 62 -23.38 -4.57 -13.79
C ILE B 62 -22.64 -3.75 -12.75
N SER B 63 -22.64 -2.42 -12.86
CA SER B 63 -22.13 -1.53 -11.83
C SER B 63 -23.03 -0.31 -11.73
N CYS B 64 -24.35 -0.56 -11.68
CA CYS B 64 -25.34 0.48 -11.90
C CYS B 64 -25.24 1.61 -10.88
N GLY B 65 -24.86 1.29 -9.66
CA GLY B 65 -24.80 2.32 -8.62
C GLY B 65 -26.19 2.85 -8.33
N CYS B 66 -26.33 4.17 -8.35
CA CYS B 66 -27.63 4.82 -8.16
C CYS B 66 -28.48 4.80 -9.41
N GLY B 67 -27.95 4.29 -10.53
CA GLY B 67 -28.73 4.17 -11.74
C GLY B 67 -28.61 5.37 -12.64
N ASN B 68 -27.41 5.93 -12.75
CA ASN B 68 -27.21 7.02 -13.70
C ASN B 68 -27.57 6.56 -15.11
N PHE B 69 -27.11 5.36 -15.48
CA PHE B 69 -27.45 4.83 -16.80
C PHE B 69 -28.86 4.28 -16.85
N LEU B 70 -29.26 3.48 -15.85
CA LEU B 70 -30.53 2.75 -15.92
C LEU B 70 -31.73 3.70 -15.94
N LEU B 71 -31.68 4.78 -15.18
CA LEU B 71 -32.78 5.73 -15.21
C LEU B 71 -32.93 6.35 -16.59
N GLU B 72 -31.81 6.64 -17.25
CA GLU B 72 -31.85 7.11 -18.64
C GLU B 72 -32.36 6.02 -19.57
N VAL B 73 -31.97 4.77 -19.32
CA VAL B 73 -32.48 3.64 -20.09
C VAL B 73 -33.99 3.54 -19.96
N TYR B 74 -34.53 3.80 -18.76
CA TYR B 74 -35.96 3.72 -18.56
C TYR B 74 -36.68 4.71 -19.46
N ASP B 75 -36.21 5.96 -19.49
CA ASP B 75 -36.88 6.99 -20.28
C ASP B 75 -36.82 6.68 -21.78
N ILE B 76 -35.66 6.21 -22.26
CA ILE B 76 -35.55 5.86 -23.67
C ILE B 76 -36.48 4.70 -24.00
N LEU B 77 -36.50 3.67 -23.14
CA LEU B 77 -37.40 2.56 -23.35
C LEU B 77 -38.86 2.99 -23.29
N TYR B 78 -39.20 3.85 -22.32
CA TYR B 78 -40.59 4.25 -22.17
C TYR B 78 -41.11 4.92 -23.43
N ASP B 79 -40.31 5.85 -23.98
CA ASP B 79 -40.72 6.50 -25.23
C ASP B 79 -40.76 5.52 -26.38
N LEU B 80 -39.85 4.55 -26.39
CA LEU B 80 -39.84 3.55 -27.44
C LEU B 80 -41.11 2.72 -27.44
N PHE B 81 -41.58 2.32 -26.25
CA PHE B 81 -42.83 1.58 -26.16
C PHE B 81 -44.03 2.47 -26.46
N GLU B 82 -44.02 3.70 -25.93
CA GLU B 82 -45.19 4.56 -26.05
C GLU B 82 -45.49 4.88 -27.52
N GLU B 83 -44.46 5.16 -28.30
CA GLU B 83 -44.65 5.57 -29.70
C GLU B 83 -45.18 4.44 -30.57
N ASN B 84 -45.02 3.19 -30.16
CA ASN B 84 -45.44 2.03 -30.95
C ASN B 84 -46.47 1.17 -30.21
N ILE B 85 -47.18 1.75 -29.25
CA ILE B 85 -48.02 0.94 -28.37
C ILE B 85 -49.15 0.29 -29.16
N TYR B 86 -49.76 1.01 -30.10
CA TYR B 86 -50.87 0.42 -30.85
C TYR B 86 -50.38 -0.65 -31.82
N GLU B 87 -49.18 -0.52 -32.37
CA GLU B 87 -48.65 -1.57 -33.22
C GLU B 87 -48.37 -2.84 -32.41
N LEU B 88 -47.84 -2.69 -31.20
CA LEU B 88 -47.65 -3.83 -30.31
C LEU B 88 -48.99 -4.47 -29.95
N LYS B 89 -50.00 -3.64 -29.66
CA LYS B 89 -51.31 -4.13 -29.25
C LYS B 89 -51.94 -4.97 -30.35
N LYS B 90 -51.72 -4.58 -31.60
CA LYS B 90 -52.32 -5.29 -32.74
C LYS B 90 -51.59 -6.59 -33.04
N LYS B 91 -50.27 -6.61 -32.89
CA LYS B 91 -49.47 -7.79 -33.22
C LYS B 91 -49.49 -8.84 -32.10
N TYR B 92 -49.70 -8.40 -30.85
CA TYR B 92 -49.65 -9.27 -29.68
C TYR B 92 -50.95 -9.17 -28.88
N ASP B 93 -50.94 -9.65 -27.64
CA ASP B 93 -52.15 -9.63 -26.82
C ASP B 93 -52.64 -8.19 -26.59
N GLU B 94 -53.86 -7.91 -27.05
CA GLU B 94 -54.42 -6.57 -26.99
C GLU B 94 -54.62 -6.09 -25.56
N ASN B 95 -55.07 -6.98 -24.67
CA ASN B 95 -55.36 -6.57 -23.31
C ASN B 95 -54.10 -6.22 -22.53
N TYR B 96 -52.93 -6.70 -22.97
CA TYR B 96 -51.70 -6.50 -22.23
C TYR B 96 -50.99 -5.19 -22.59
N TRP B 97 -51.01 -4.79 -23.86
CA TRP B 97 -50.21 -3.66 -24.33
C TRP B 97 -51.02 -2.37 -24.23
N THR B 98 -50.88 -1.69 -23.10
CA THR B 98 -51.51 -0.40 -22.84
C THR B 98 -50.46 0.54 -22.30
N VAL B 99 -50.75 1.86 -22.37
CA VAL B 99 -49.74 2.84 -21.95
C VAL B 99 -49.47 2.73 -20.46
N ASP B 100 -50.51 2.57 -19.64
CA ASP B 100 -50.29 2.45 -18.21
C ASP B 100 -49.59 1.15 -17.81
N ASN B 101 -49.53 0.17 -18.71
CA ASN B 101 -48.83 -1.08 -18.43
C ASN B 101 -47.38 -1.08 -18.90
N ILE B 102 -46.93 -0.01 -19.57
CA ILE B 102 -45.53 0.04 -20.01
C ILE B 102 -44.59 0.01 -18.82
N HIS B 103 -44.93 0.77 -17.78
CA HIS B 103 -44.06 0.88 -16.60
C HIS B 103 -43.81 -0.48 -15.98
N ARG B 104 -44.86 -1.28 -15.82
CA ARG B 104 -44.68 -2.62 -15.26
C ARG B 104 -43.91 -3.53 -16.21
N HIS B 105 -44.15 -3.39 -17.51
CA HIS B 105 -43.45 -4.25 -18.47
C HIS B 105 -41.96 -3.98 -18.48
N ILE B 106 -41.54 -2.71 -18.41
CA ILE B 106 -40.13 -2.36 -18.41
C ILE B 106 -39.44 -2.99 -17.21
N LEU B 107 -40.04 -2.88 -16.02
CA LEU B 107 -39.38 -3.34 -14.81
C LEU B 107 -39.34 -4.86 -14.73
N ASN B 108 -40.37 -5.54 -15.26
CA ASN B 108 -40.41 -6.99 -15.13
C ASN B 108 -39.41 -7.68 -16.06
N TYR B 109 -39.27 -7.19 -17.29
CA TYR B 109 -38.61 -7.95 -18.33
C TYR B 109 -37.43 -7.25 -18.99
N CYS B 110 -37.23 -5.96 -18.77
CA CYS B 110 -36.31 -5.20 -19.60
C CYS B 110 -35.10 -4.64 -18.85
N ILE B 111 -35.30 -4.07 -17.67
CA ILE B 111 -34.22 -3.39 -16.95
C ILE B 111 -33.64 -4.34 -15.91
N TYR B 112 -32.32 -4.52 -15.94
CA TYR B 112 -31.59 -5.35 -15.00
C TYR B 112 -30.42 -4.55 -14.45
N GLY B 113 -30.16 -4.71 -13.15
CA GLY B 113 -29.06 -4.01 -12.52
C GLY B 113 -28.35 -4.89 -11.52
N ALA B 114 -27.09 -4.54 -11.26
CA ALA B 114 -26.29 -5.22 -10.25
C ALA B 114 -25.28 -4.24 -9.67
N ASP B 115 -25.03 -4.36 -8.35
CA ASP B 115 -24.05 -3.56 -7.64
C ASP B 115 -23.81 -4.19 -6.28
N ILE B 116 -22.59 -4.02 -5.75
CA ILE B 116 -22.24 -4.58 -4.43
C ILE B 116 -22.73 -3.73 -3.27
N ASP B 117 -23.18 -2.51 -3.52
CA ASP B 117 -23.58 -1.58 -2.47
C ASP B 117 -25.08 -1.73 -2.20
N GLU B 118 -25.43 -2.13 -0.97
CA GLU B 118 -26.85 -2.30 -0.62
C GLU B 118 -27.58 -0.96 -0.68
N LYS B 119 -26.94 0.12 -0.22
CA LYS B 119 -27.59 1.43 -0.23
C LYS B 119 -27.90 1.90 -1.65
N ALA B 120 -26.98 1.63 -2.59
CA ALA B 120 -27.21 2.05 -3.97
C ALA B 120 -28.40 1.33 -4.59
N ILE B 121 -28.52 0.03 -4.35
CA ILE B 121 -29.65 -0.72 -4.88
C ILE B 121 -30.95 -0.26 -4.23
N SER B 122 -30.90 0.11 -2.95
CA SER B 122 -32.08 0.63 -2.28
C SER B 122 -32.55 1.91 -2.96
N ILE B 123 -31.62 2.84 -3.20
CA ILE B 123 -31.98 4.13 -3.79
C ILE B 123 -32.48 3.95 -5.22
N LEU B 124 -31.79 3.11 -6.00
CA LEU B 124 -32.19 2.87 -7.37
C LEU B 124 -33.57 2.21 -7.44
N LYS B 125 -33.86 1.30 -6.52
CA LYS B 125 -35.18 0.67 -6.49
C LYS B 125 -36.27 1.70 -6.29
N ASP B 126 -36.05 2.64 -5.35
CA ASP B 126 -37.03 3.70 -5.14
C ASP B 126 -37.16 4.61 -6.36
N SER B 127 -36.04 4.93 -6.99
CA SER B 127 -36.10 5.82 -8.15
C SER B 127 -36.89 5.19 -9.29
N LEU B 128 -36.67 3.89 -9.54
CA LEU B 128 -37.42 3.21 -10.60
C LEU B 128 -38.90 3.12 -10.29
N THR B 129 -39.26 2.85 -9.03
CA THR B 129 -40.68 2.80 -8.69
C THR B 129 -41.33 4.17 -8.79
N ASN B 130 -40.61 5.23 -8.45
CA ASN B 130 -41.16 6.58 -8.47
C ASN B 130 -41.29 7.16 -9.88
N LYS B 131 -40.84 6.43 -10.91
CA LYS B 131 -41.09 6.85 -12.28
C LYS B 131 -42.57 6.91 -12.60
N LYS B 132 -43.37 6.07 -11.95
CA LYS B 132 -44.80 6.01 -12.15
C LYS B 132 -45.50 6.71 -10.98
N VAL B 133 -46.35 7.69 -11.29
CA VAL B 133 -47.07 8.44 -10.26
C VAL B 133 -48.35 7.75 -9.82
N VAL B 134 -48.72 6.64 -10.46
CA VAL B 134 -49.94 5.92 -10.08
C VAL B 134 -49.73 5.28 -8.71
N ASN B 135 -50.70 5.49 -7.82
CA ASN B 135 -50.61 5.01 -6.45
C ASN B 135 -51.28 3.65 -6.34
N ASP B 136 -50.46 2.61 -6.09
CA ASP B 136 -50.94 1.26 -5.81
C ASP B 136 -51.79 0.71 -6.97
N LEU B 137 -51.15 0.56 -8.13
CA LEU B 137 -51.82 -0.07 -9.26
C LEU B 137 -52.17 -1.52 -8.95
N ASP B 138 -51.25 -2.25 -8.34
CA ASP B 138 -51.49 -3.61 -7.86
C ASP B 138 -50.87 -3.81 -6.49
N GLU B 139 -50.98 -2.78 -5.63
CA GLU B 139 -50.33 -2.77 -4.32
C GLU B 139 -48.83 -3.02 -4.44
N SER B 140 -48.21 -2.37 -5.43
CA SER B 140 -46.77 -2.47 -5.70
C SER B 140 -46.35 -3.93 -5.94
N ASP B 141 -47.12 -4.63 -6.77
CA ASP B 141 -46.80 -6.01 -7.15
C ASP B 141 -45.97 -6.01 -8.43
N ILE B 142 -44.76 -5.46 -8.33
CA ILE B 142 -43.83 -5.33 -9.44
C ILE B 142 -42.52 -6.02 -9.08
N LYS B 143 -42.02 -6.86 -9.98
CA LYS B 143 -40.76 -7.56 -9.79
C LYS B 143 -39.68 -6.78 -10.52
N ILE B 144 -38.73 -6.24 -9.76
CA ILE B 144 -37.62 -5.46 -10.30
C ILE B 144 -36.37 -6.32 -10.29
N ASN B 145 -35.60 -6.28 -11.37
CA ASN B 145 -34.44 -7.14 -11.53
C ASN B 145 -33.16 -6.41 -11.12
N LEU B 146 -33.08 -6.10 -9.83
CA LEU B 146 -31.90 -5.52 -9.22
C LEU B 146 -31.27 -6.56 -8.29
N PHE B 147 -29.97 -6.76 -8.44
CA PHE B 147 -29.24 -7.74 -7.64
C PHE B 147 -28.15 -7.04 -6.84
N CYS B 148 -28.06 -7.35 -5.55
CA CYS B 148 -26.99 -6.83 -4.69
C CYS B 148 -25.98 -7.95 -4.51
N CYS B 149 -24.95 -7.95 -5.36
CA CYS B 149 -24.05 -9.09 -5.47
C CYS B 149 -22.75 -8.62 -6.11
N ASP B 150 -21.80 -9.56 -6.22
CA ASP B 150 -20.55 -9.35 -6.94
C ASP B 150 -20.77 -9.78 -8.38
N SER B 151 -20.78 -8.81 -9.31
CA SER B 151 -21.05 -9.13 -10.71
C SER B 151 -20.04 -10.10 -11.28
N LEU B 152 -18.81 -10.09 -10.76
CA LEU B 152 -17.78 -11.00 -11.25
C LEU B 152 -17.94 -12.41 -10.71
N LYS B 153 -18.80 -12.62 -9.73
CA LYS B 153 -19.04 -13.96 -9.17
C LYS B 153 -20.40 -14.53 -9.54
N LYS B 154 -21.38 -13.70 -9.88
CA LYS B 154 -22.73 -14.19 -10.09
C LYS B 154 -22.82 -15.10 -11.31
N LYS B 155 -23.51 -16.23 -11.14
CA LYS B 155 -23.82 -17.11 -12.25
C LYS B 155 -25.10 -16.61 -12.91
N TRP B 156 -25.03 -16.30 -14.20
CA TRP B 156 -26.14 -15.72 -14.95
C TRP B 156 -26.84 -16.82 -15.73
N ARG B 157 -28.16 -16.90 -15.57
CA ARG B 157 -28.94 -17.92 -16.25
C ARG B 157 -29.07 -17.67 -17.75
N TYR B 158 -28.89 -16.43 -18.19
CA TYR B 158 -29.09 -16.07 -19.59
C TYR B 158 -28.29 -14.82 -19.91
N LYS B 159 -28.08 -14.60 -21.21
CA LYS B 159 -27.32 -13.45 -21.69
C LYS B 159 -28.26 -12.27 -21.94
N PHE B 160 -27.68 -11.13 -22.29
CA PHE B 160 -28.40 -9.87 -22.29
C PHE B 160 -28.29 -9.18 -23.65
N ASP B 161 -29.38 -8.53 -24.06
CA ASP B 161 -29.41 -7.88 -25.37
C ASP B 161 -28.52 -6.65 -25.41
N TYR B 162 -28.52 -5.85 -24.34
CA TYR B 162 -27.71 -4.64 -24.29
C TYR B 162 -27.09 -4.51 -22.91
N ILE B 163 -25.84 -4.04 -22.88
CA ILE B 163 -25.10 -3.83 -21.63
C ILE B 163 -24.42 -2.47 -21.70
N VAL B 164 -24.68 -1.62 -20.71
CA VAL B 164 -24.09 -0.28 -20.63
C VAL B 164 -23.59 -0.04 -19.22
N GLY B 165 -22.81 1.02 -19.04
CA GLY B 165 -22.48 1.49 -17.72
C GLY B 165 -21.03 1.95 -17.61
N ASN B 166 -20.63 2.17 -16.36
CA ASN B 166 -19.31 2.70 -16.01
C ASN B 166 -18.73 1.85 -14.89
N PRO B 167 -17.85 0.90 -15.20
CA PRO B 167 -17.37 -0.05 -14.18
C PRO B 167 -16.39 0.61 -13.24
N PRO B 168 -16.13 0.01 -12.07
CA PRO B 168 -15.10 0.54 -11.18
C PRO B 168 -13.71 0.37 -11.77
N TYR B 169 -12.82 1.32 -11.45
CA TYR B 169 -11.41 1.22 -11.80
C TYR B 169 -10.63 1.07 -10.50
N ILE B 170 -9.94 -0.06 -10.33
CA ILE B 170 -9.10 -0.29 -9.17
C ILE B 170 -7.81 -0.96 -9.63
N GLY B 171 -6.67 -0.35 -9.33
CA GLY B 171 -5.38 -0.85 -9.75
C GLY B 171 -4.84 -1.93 -8.81
N HIS B 172 -3.60 -2.34 -9.09
CA HIS B 172 -3.01 -3.44 -8.34
C HIS B 172 -2.75 -3.06 -6.88
N LYS B 173 -2.52 -1.78 -6.61
CA LYS B 173 -2.23 -1.35 -5.24
C LYS B 173 -3.49 -1.33 -4.37
N LYS B 174 -4.60 -0.86 -4.91
CA LYS B 174 -5.78 -0.58 -4.11
C LYS B 174 -6.74 -1.76 -4.03
N LEU B 175 -6.53 -2.82 -4.79
CA LEU B 175 -7.30 -4.04 -4.63
C LEU B 175 -6.79 -4.82 -3.43
N GLU B 176 -7.71 -5.47 -2.71
CA GLU B 176 -7.32 -6.35 -1.62
C GLU B 176 -6.71 -7.64 -2.16
N LYS B 177 -5.67 -8.13 -1.49
CA LYS B 177 -4.95 -9.29 -1.98
C LYS B 177 -5.85 -10.53 -2.04
N LYS B 178 -6.70 -10.72 -1.02
CA LYS B 178 -7.58 -11.89 -1.03
C LYS B 178 -8.48 -11.89 -2.26
N TYR B 179 -9.01 -10.72 -2.63
CA TYR B 179 -9.81 -10.63 -3.85
C TYR B 179 -8.97 -10.90 -5.08
N LYS B 180 -7.74 -10.38 -5.13
CA LYS B 180 -6.89 -10.58 -6.30
C LYS B 180 -6.62 -12.06 -6.55
N LYS B 181 -6.60 -12.88 -5.50
CA LYS B 181 -6.47 -14.31 -5.69
C LYS B 181 -7.65 -14.86 -6.48
N PHE B 182 -8.87 -14.39 -6.18
CA PHE B 182 -10.03 -14.83 -6.96
C PHE B 182 -9.94 -14.38 -8.41
N LEU B 183 -9.53 -13.13 -8.65
CA LEU B 183 -9.42 -12.64 -10.01
C LEU B 183 -8.34 -13.39 -10.79
N LEU B 184 -7.22 -13.69 -10.15
CA LEU B 184 -6.13 -14.38 -10.85
C LEU B 184 -6.48 -15.80 -11.24
N GLU B 185 -7.44 -16.43 -10.53
CA GLU B 185 -7.80 -17.81 -10.82
C GLU B 185 -8.96 -17.93 -11.81
N LYS B 186 -9.91 -17.00 -11.76
CA LYS B 186 -11.10 -17.08 -12.59
C LYS B 186 -11.07 -16.14 -13.80
N TYR B 187 -10.28 -15.07 -13.74
CA TYR B 187 -10.22 -14.11 -14.83
C TYR B 187 -8.82 -14.00 -15.41
N SER B 188 -8.05 -15.10 -15.35
CA SER B 188 -6.67 -15.06 -15.82
C SER B 188 -6.58 -14.78 -17.31
N GLU B 189 -7.66 -14.96 -18.07
CA GLU B 189 -7.63 -14.65 -19.49
C GLU B 189 -7.37 -13.17 -19.74
N VAL B 190 -7.73 -12.29 -18.79
CA VAL B 190 -7.48 -10.87 -18.99
C VAL B 190 -6.79 -10.24 -17.78
N TYR B 191 -6.77 -10.94 -16.65
CA TYR B 191 -6.22 -10.38 -15.41
C TYR B 191 -4.96 -11.15 -15.00
N LYS B 192 -3.82 -10.46 -15.04
CA LYS B 192 -2.55 -10.95 -14.51
C LYS B 192 -1.74 -9.76 -14.04
N ASP B 193 -0.75 -10.03 -13.19
CA ASP B 193 0.25 -9.03 -12.82
C ASP B 193 -0.39 -7.72 -12.36
N LYS B 194 -0.13 -6.62 -13.09
CA LYS B 194 -0.58 -5.29 -12.69
C LYS B 194 -1.82 -4.86 -13.45
N ALA B 195 -2.68 -5.80 -13.79
CA ALA B 195 -3.93 -5.47 -14.47
C ALA B 195 -4.87 -4.71 -13.54
N ASP B 196 -5.90 -4.11 -14.13
CA ASP B 196 -6.88 -3.33 -13.39
C ASP B 196 -8.19 -4.11 -13.27
N LEU B 197 -9.00 -3.73 -12.28
CA LEU B 197 -10.25 -4.43 -12.02
C LEU B 197 -11.20 -4.33 -13.22
N TYR B 198 -11.18 -3.20 -13.93
CA TYR B 198 -12.12 -3.04 -15.03
C TYR B 198 -11.80 -3.94 -16.20
N PHE B 199 -10.61 -4.55 -16.23
CA PHE B 199 -10.33 -5.57 -17.24
C PHE B 199 -11.31 -6.72 -17.12
N CYS B 200 -11.59 -7.16 -15.89
CA CYS B 200 -12.49 -8.29 -15.67
C CYS B 200 -13.92 -7.93 -16.03
N PHE B 201 -14.32 -6.68 -15.81
CA PHE B 201 -15.67 -6.26 -16.19
C PHE B 201 -15.84 -6.31 -17.70
N TYR B 202 -14.82 -5.91 -18.45
CA TYR B 202 -14.87 -6.10 -19.90
C TYR B 202 -15.14 -7.56 -20.25
N LYS B 203 -14.41 -8.49 -19.63
CA LYS B 203 -14.60 -9.90 -19.93
C LYS B 203 -16.00 -10.36 -19.56
N LYS B 204 -16.48 -10.02 -18.36
CA LYS B 204 -17.80 -10.47 -17.94
C LYS B 204 -18.87 -9.94 -18.88
N ILE B 205 -18.77 -8.68 -19.27
CA ILE B 205 -19.73 -8.07 -20.20
C ILE B 205 -19.74 -8.83 -21.51
N ILE B 206 -18.55 -9.09 -22.06
CA ILE B 206 -18.45 -9.83 -23.32
C ILE B 206 -19.03 -11.22 -23.16
N ASP B 207 -18.75 -11.87 -22.04
CA ASP B 207 -19.22 -13.25 -21.83
C ASP B 207 -20.73 -13.33 -21.84
N ILE B 208 -21.41 -12.42 -21.16
CA ILE B 208 -22.85 -12.52 -20.95
C ILE B 208 -23.64 -11.67 -21.96
N LEU B 209 -23.01 -11.29 -23.07
CA LEU B 209 -23.68 -10.52 -24.10
C LEU B 209 -24.35 -11.47 -25.09
N LYS B 210 -25.63 -11.23 -25.37
CA LYS B 210 -26.39 -12.08 -26.28
C LYS B 210 -25.84 -11.93 -27.70
N GLN B 211 -25.98 -13.00 -28.48
CA GLN B 211 -25.62 -12.92 -29.90
C GLN B 211 -26.44 -11.85 -30.59
N GLY B 212 -25.75 -10.98 -31.33
CA GLY B 212 -26.40 -9.82 -31.90
C GLY B 212 -26.60 -8.69 -30.93
N GLY B 213 -26.15 -8.82 -29.68
CA GLY B 213 -26.29 -7.75 -28.72
C GLY B 213 -25.26 -6.66 -28.91
N ILE B 214 -25.48 -5.54 -28.21
CA ILE B 214 -24.58 -4.40 -28.28
C ILE B 214 -24.23 -3.99 -26.85
N GLY B 215 -22.93 -3.78 -26.60
CA GLY B 215 -22.46 -3.25 -25.33
C GLY B 215 -21.71 -1.96 -25.54
N SER B 216 -21.82 -1.06 -24.57
CA SER B 216 -21.14 0.24 -24.66
C SER B 216 -20.84 0.74 -23.25
N VAL B 217 -19.56 0.95 -22.96
CA VAL B 217 -19.09 1.31 -21.62
C VAL B 217 -18.06 2.43 -21.73
N ILE B 218 -17.83 3.09 -20.60
CA ILE B 218 -16.78 4.09 -20.47
C ILE B 218 -15.77 3.58 -19.44
N THR B 219 -14.52 3.45 -19.84
CA THR B 219 -13.48 2.94 -18.96
C THR B 219 -12.25 3.84 -19.07
N PRO B 220 -11.18 3.59 -18.32
CA PRO B 220 -9.93 4.31 -18.60
C PRO B 220 -9.40 3.93 -19.97
N ARG B 221 -8.60 4.83 -20.55
CA ARG B 221 -8.07 4.60 -21.89
C ARG B 221 -6.82 3.74 -21.90
N TYR B 222 -6.22 3.49 -20.73
CA TYR B 222 -4.85 2.99 -20.66
C TYR B 222 -4.70 1.61 -21.28
N PHE B 223 -5.75 0.78 -21.24
CA PHE B 223 -5.64 -0.57 -21.79
C PHE B 223 -5.43 -0.56 -23.30
N LEU B 224 -5.73 0.55 -23.97
CA LEU B 224 -5.47 0.64 -25.41
C LEU B 224 -3.99 0.63 -25.72
N GLU B 225 -3.13 0.96 -24.76
CA GLU B 225 -1.70 1.07 -25.04
C GLU B 225 -0.86 0.30 -24.04
N SER B 226 -1.35 0.12 -22.82
CA SER B 226 -0.50 -0.36 -21.72
C SER B 226 -0.07 -1.81 -21.94
N LEU B 227 1.11 -2.13 -21.40
CA LEU B 227 1.60 -3.50 -21.41
C LEU B 227 0.67 -4.45 -20.67
N SER B 228 0.02 -3.98 -19.61
CA SER B 228 -0.84 -4.86 -18.83
C SER B 228 -2.06 -5.30 -19.63
N GLY B 229 -2.58 -4.43 -20.50
CA GLY B 229 -3.78 -4.69 -21.25
C GLY B 229 -3.61 -5.55 -22.49
N LYS B 230 -2.45 -6.19 -22.67
CA LYS B 230 -2.24 -7.01 -23.86
C LYS B 230 -3.29 -8.10 -23.98
N ASP B 231 -3.48 -8.89 -22.92
CA ASP B 231 -4.44 -9.99 -22.98
C ASP B 231 -5.86 -9.48 -23.17
N LEU B 232 -6.20 -8.36 -22.53
CA LEU B 232 -7.54 -7.80 -22.70
C LEU B 232 -7.80 -7.44 -24.16
N ARG B 233 -6.83 -6.78 -24.80
CA ARG B 233 -7.00 -6.38 -26.20
C ARG B 233 -7.19 -7.58 -27.09
N GLU B 234 -6.45 -8.67 -26.85
CA GLU B 234 -6.66 -9.90 -27.61
C GLU B 234 -8.05 -10.47 -27.36
N TYR B 235 -8.54 -10.40 -26.12
CA TYR B 235 -9.84 -10.98 -25.80
C TYR B 235 -10.97 -10.21 -26.46
N ILE B 236 -10.89 -8.87 -26.44
CA ILE B 236 -11.89 -8.05 -27.12
C ILE B 236 -11.83 -8.28 -28.62
N LYS B 237 -10.62 -8.25 -29.19
CA LYS B 237 -10.48 -8.33 -30.64
C LYS B 237 -11.07 -9.63 -31.19
N SER B 238 -10.89 -10.74 -30.48
CA SER B 238 -11.25 -12.05 -30.99
C SER B 238 -12.64 -12.52 -30.56
N ASN B 239 -13.36 -11.75 -29.75
CA ASN B 239 -14.68 -12.18 -29.30
C ASN B 239 -15.81 -11.24 -29.69
N VAL B 240 -15.54 -9.96 -29.95
CA VAL B 240 -16.58 -9.03 -30.36
C VAL B 240 -16.07 -8.18 -31.52
N ASN B 241 -17.02 -7.58 -32.24
CA ASN B 241 -16.72 -6.58 -33.25
C ASN B 241 -16.76 -5.21 -32.57
N VAL B 242 -15.64 -4.48 -32.62
CA VAL B 242 -15.59 -3.15 -32.03
C VAL B 242 -16.20 -2.17 -33.02
N GLN B 243 -17.37 -1.61 -32.67
CA GLN B 243 -18.05 -0.67 -33.54
C GLN B 243 -17.36 0.69 -33.55
N GLU B 244 -16.96 1.17 -32.37
CA GLU B 244 -16.49 2.54 -32.24
C GLU B 244 -15.64 2.67 -30.99
N ILE B 245 -14.68 3.59 -31.04
CA ILE B 245 -13.85 3.94 -29.89
C ILE B 245 -13.76 5.47 -29.86
N VAL B 246 -14.14 6.07 -28.74
CA VAL B 246 -13.98 7.50 -28.53
C VAL B 246 -12.87 7.68 -27.50
N ASP B 247 -11.76 8.24 -27.94
CA ASP B 247 -10.58 8.46 -27.10
C ASP B 247 -10.50 9.94 -26.78
N PHE B 248 -10.68 10.28 -25.52
CA PHE B 248 -10.55 11.66 -25.07
C PHE B 248 -9.10 12.01 -24.70
N LEU B 249 -8.17 11.10 -24.95
CA LEU B 249 -6.73 11.30 -24.68
C LEU B 249 -6.61 11.77 -23.23
N GLY B 250 -5.91 12.87 -22.96
CA GLY B 250 -5.73 13.35 -21.61
C GLY B 250 -6.77 14.33 -21.11
N ALA B 251 -7.89 14.48 -21.80
CA ALA B 251 -8.91 15.44 -21.38
C ALA B 251 -9.54 15.01 -20.06
N ASN B 252 -9.98 16.00 -19.29
CA ASN B 252 -10.55 15.76 -17.96
C ASN B 252 -12.06 15.64 -18.08
N ILE B 253 -12.54 14.39 -18.19
CA ILE B 253 -13.97 14.11 -18.33
C ILE B 253 -14.65 14.08 -16.96
N PHE B 254 -13.99 13.49 -15.97
CA PHE B 254 -14.51 13.44 -14.61
C PHE B 254 -13.84 14.53 -13.80
N LYS B 255 -14.65 15.46 -13.28
CA LYS B 255 -14.12 16.56 -12.48
C LYS B 255 -13.51 16.04 -11.19
N ASN B 256 -12.34 16.58 -10.85
CA ASN B 256 -11.60 16.21 -9.64
C ASN B 256 -11.19 14.74 -9.64
N ILE B 257 -11.02 14.16 -10.81
CA ILE B 257 -10.57 12.77 -10.93
C ILE B 257 -9.35 12.73 -11.83
N GLY B 258 -8.27 12.13 -11.33
CA GLY B 258 -7.07 11.96 -12.13
C GLY B 258 -7.11 10.71 -12.98
N VAL B 259 -8.07 10.64 -13.91
CA VAL B 259 -8.15 9.52 -14.83
C VAL B 259 -8.35 10.07 -16.24
N SER B 260 -7.95 9.29 -17.24
CA SER B 260 -8.13 9.62 -18.64
C SER B 260 -9.00 8.54 -19.28
N SER B 261 -10.06 8.97 -19.95
CA SER B 261 -11.21 8.11 -20.24
C SER B 261 -11.33 7.80 -21.72
N CYS B 262 -12.12 6.77 -22.01
CA CYS B 262 -12.51 6.46 -23.38
C CYS B 262 -13.85 5.73 -23.35
N ILE B 263 -14.50 5.69 -24.50
CA ILE B 263 -15.79 5.04 -24.67
C ILE B 263 -15.66 3.98 -25.75
N LEU B 264 -16.00 2.74 -25.40
CA LEU B 264 -15.95 1.62 -26.33
C LEU B 264 -17.36 1.13 -26.61
N THR B 265 -17.69 0.90 -27.88
CA THR B 265 -18.95 0.30 -28.28
C THR B 265 -18.67 -0.92 -29.13
N PHE B 266 -19.25 -2.05 -28.77
CA PHE B 266 -18.99 -3.31 -29.45
C PHE B 266 -20.29 -4.11 -29.56
N ASP B 267 -20.25 -5.14 -30.41
CA ASP B 267 -21.43 -5.96 -30.65
C ASP B 267 -21.01 -7.37 -31.02
N LYS B 268 -21.99 -8.27 -31.04
CA LYS B 268 -21.82 -9.65 -31.48
C LYS B 268 -22.72 -9.94 -32.68
N LYS B 269 -22.80 -9.00 -33.61
CA LYS B 269 -23.58 -9.18 -34.82
C LYS B 269 -22.74 -9.87 -35.90
N LYS B 270 -23.43 -10.64 -36.75
CA LYS B 270 -22.77 -11.32 -37.87
C LYS B 270 -22.43 -10.29 -38.96
N THR B 271 -21.45 -9.45 -38.64
CA THR B 271 -21.02 -8.38 -39.52
C THR B 271 -19.73 -8.78 -40.23
N LYS B 272 -19.72 -8.66 -41.54
CA LYS B 272 -18.55 -9.00 -42.35
C LYS B 272 -17.67 -7.77 -42.54
N GLU B 273 -16.35 -7.99 -42.50
CA GLU B 273 -15.36 -6.93 -42.69
C GLU B 273 -15.58 -5.79 -41.68
N THR B 274 -15.38 -6.11 -40.41
CA THR B 274 -15.60 -5.12 -39.36
C THR B 274 -14.54 -4.03 -39.42
N TYR B 275 -15.00 -2.78 -39.46
CA TYR B 275 -14.16 -1.59 -39.34
C TYR B 275 -14.58 -0.82 -38.11
N ILE B 276 -13.62 -0.11 -37.51
CA ILE B 276 -13.82 0.60 -36.26
C ILE B 276 -13.92 2.08 -36.55
N ASP B 277 -14.93 2.74 -36.00
CA ASP B 277 -14.98 4.20 -36.02
C ASP B 277 -14.15 4.73 -34.86
N VAL B 278 -13.08 5.45 -35.16
CA VAL B 278 -12.19 6.00 -34.15
C VAL B 278 -12.34 7.51 -34.14
N PHE B 279 -12.71 8.05 -32.98
CA PHE B 279 -12.79 9.49 -32.76
C PHE B 279 -11.72 9.86 -31.74
N LYS B 280 -10.66 10.52 -32.20
CA LYS B 280 -9.58 10.97 -31.35
C LYS B 280 -9.66 12.49 -31.20
N ILE B 281 -9.64 12.95 -29.95
CA ILE B 281 -9.79 14.38 -29.69
C ILE B 281 -8.55 15.13 -30.16
N LYS B 282 -8.76 16.32 -30.70
CA LYS B 282 -7.63 17.10 -31.21
C LYS B 282 -7.02 18.02 -30.16
N ASN B 283 -7.85 18.62 -29.30
CA ASN B 283 -7.38 19.50 -28.25
C ASN B 283 -7.88 18.98 -26.91
N GLU B 284 -6.94 18.76 -25.97
CA GLU B 284 -7.28 18.19 -24.67
C GLU B 284 -7.85 19.20 -23.69
N ASP B 285 -7.87 20.49 -24.04
CA ASP B 285 -8.36 21.52 -23.12
C ASP B 285 -9.84 21.83 -23.30
N ILE B 286 -10.53 21.16 -24.21
CA ILE B 286 -11.93 21.50 -24.45
C ILE B 286 -12.78 21.08 -23.26
N CYS B 287 -13.91 21.76 -23.11
CA CYS B 287 -14.88 21.46 -22.07
C CYS B 287 -16.02 20.62 -22.66
N ILE B 288 -16.43 19.59 -21.90
CA ILE B 288 -17.42 18.64 -22.39
C ILE B 288 -18.81 19.24 -22.53
N ASN B 289 -19.04 20.43 -21.97
CA ASN B 289 -20.30 21.14 -22.12
C ASN B 289 -20.34 22.02 -23.35
N LYS B 290 -19.54 21.69 -24.38
CA LYS B 290 -19.50 22.52 -25.58
C LYS B 290 -20.84 22.57 -26.28
N PHE B 291 -21.50 21.41 -26.41
CA PHE B 291 -22.80 21.32 -27.06
C PHE B 291 -23.75 20.57 -26.14
N GLU B 292 -25.01 20.48 -26.57
CA GLU B 292 -26.02 19.75 -25.82
C GLU B 292 -25.85 18.24 -25.95
N THR B 293 -25.18 17.76 -27.00
CA THR B 293 -24.99 16.34 -27.23
C THR B 293 -23.53 16.06 -27.57
N LEU B 294 -23.11 14.82 -27.30
CA LEU B 294 -21.76 14.41 -27.63
C LEU B 294 -21.57 14.20 -29.12
N GLU B 295 -22.63 13.82 -29.83
CA GLU B 295 -22.53 13.61 -31.27
C GLU B 295 -22.09 14.89 -31.97
N GLU B 296 -22.66 16.03 -31.55
CA GLU B 296 -22.24 17.31 -32.13
C GLU B 296 -20.75 17.55 -31.88
N LEU B 297 -20.26 17.17 -30.70
CA LEU B 297 -18.84 17.35 -30.39
C LEU B 297 -17.98 16.48 -31.30
N LEU B 298 -18.36 15.22 -31.48
CA LEU B 298 -17.56 14.30 -32.30
C LEU B 298 -17.50 14.76 -33.75
N LYS B 299 -18.63 15.16 -34.32
CA LYS B 299 -18.67 15.55 -35.73
C LYS B 299 -17.98 16.88 -35.99
N SER B 300 -17.62 17.62 -34.95
CA SER B 300 -17.01 18.93 -35.12
C SER B 300 -15.52 18.80 -35.43
N SER B 301 -14.89 19.94 -35.70
CA SER B 301 -13.45 19.99 -35.94
C SER B 301 -12.64 19.66 -34.70
N LYS B 302 -13.28 19.61 -33.52
CA LYS B 302 -12.56 19.33 -32.29
C LYS B 302 -12.25 17.85 -32.11
N PHE B 303 -12.78 16.99 -32.99
CA PHE B 303 -12.46 15.57 -32.98
C PHE B 303 -12.05 15.13 -34.38
N GLU B 304 -11.05 14.26 -34.44
CA GLU B 304 -10.61 13.65 -35.67
C GLU B 304 -11.24 12.26 -35.80
N HIS B 305 -11.63 11.90 -37.02
CA HIS B 305 -12.24 10.61 -37.30
C HIS B 305 -11.44 9.84 -38.33
N PHE B 306 -11.30 8.53 -38.12
CA PHE B 306 -10.71 7.64 -39.09
C PHE B 306 -11.14 6.22 -38.75
N ASN B 307 -11.00 5.33 -39.74
CA ASN B 307 -11.38 3.94 -39.59
C ASN B 307 -10.15 3.06 -39.42
N ILE B 308 -10.28 2.01 -38.61
CA ILE B 308 -9.25 1.00 -38.43
C ILE B 308 -9.87 -0.36 -38.69
N ASN B 309 -9.21 -1.18 -39.52
CA ASN B 309 -9.66 -2.53 -39.78
C ASN B 309 -9.30 -3.42 -38.59
N GLN B 310 -10.31 -4.00 -37.94
CA GLN B 310 -10.07 -4.79 -36.74
C GLN B 310 -9.33 -6.07 -37.07
N ARG B 311 -9.62 -6.68 -38.22
CA ARG B 311 -8.96 -7.92 -38.61
C ARG B 311 -7.45 -7.74 -38.76
N LEU B 312 -7.00 -6.53 -39.13
CA LEU B 312 -5.59 -6.24 -39.32
C LEU B 312 -4.88 -5.82 -38.04
N LEU B 313 -5.55 -5.88 -36.90
CA LEU B 313 -4.89 -5.53 -35.65
C LEU B 313 -3.90 -6.62 -35.25
N SER B 314 -2.92 -6.22 -34.46
CA SER B 314 -1.90 -7.10 -33.88
C SER B 314 -2.07 -7.09 -32.37
N ASP B 315 -1.06 -7.61 -31.67
CA ASP B 315 -1.09 -7.56 -30.21
C ASP B 315 -1.19 -6.13 -29.70
N GLU B 316 -0.72 -5.16 -30.49
CA GLU B 316 -0.85 -3.73 -30.18
C GLU B 316 -1.91 -3.11 -31.06
N TRP B 317 -2.53 -2.04 -30.56
CA TRP B 317 -3.57 -1.31 -31.30
C TRP B 317 -3.04 0.08 -31.64
N ILE B 318 -2.55 0.23 -32.87
CA ILE B 318 -1.99 1.50 -33.32
C ILE B 318 -3.14 2.26 -33.99
N LEU B 319 -3.88 3.02 -33.17
CA LEU B 319 -5.04 3.77 -33.66
C LEU B 319 -4.58 5.16 -34.08
N VAL B 320 -4.01 5.23 -35.28
CA VAL B 320 -3.54 6.48 -35.87
C VAL B 320 -4.01 6.54 -37.32
N ASN B 321 -4.01 7.76 -37.86
CA ASN B 321 -4.45 7.96 -39.22
C ASN B 321 -3.41 7.42 -40.22
N LYS B 322 -3.75 7.52 -41.51
CA LYS B 322 -2.88 6.97 -42.55
C LYS B 322 -1.53 7.65 -42.57
N ASP B 323 -1.50 8.98 -42.39
CA ASP B 323 -0.23 9.69 -42.39
C ASP B 323 0.68 9.20 -41.27
N ASP B 324 0.13 9.00 -40.07
CA ASP B 324 0.95 8.54 -38.95
C ASP B 324 1.39 7.09 -39.15
N GLU B 325 0.53 6.25 -39.70
CA GLU B 325 0.88 4.84 -39.88
C GLU B 325 2.06 4.68 -40.82
N THR B 326 2.07 5.42 -41.94
CA THR B 326 3.18 5.31 -42.88
C THR B 326 4.43 5.99 -42.35
N PHE B 327 4.27 7.06 -41.58
CA PHE B 327 5.39 7.64 -40.87
C PHE B 327 6.00 6.63 -39.91
N TYR B 328 5.15 5.98 -39.11
CA TYR B 328 5.62 4.97 -38.17
C TYR B 328 6.28 3.80 -38.89
N ASN B 329 5.69 3.35 -40.00
CA ASN B 329 6.22 2.18 -40.70
C ASN B 329 7.57 2.48 -41.34
N LYS B 330 7.75 3.69 -41.88
CA LYS B 330 9.02 4.03 -42.51
C LYS B 330 10.16 3.98 -41.49
N ILE B 331 9.91 4.50 -40.29
CA ILE B 331 10.95 4.48 -39.25
C ILE B 331 11.24 3.05 -38.82
N GLN B 332 10.21 2.24 -38.61
CA GLN B 332 10.42 0.87 -38.17
C GLN B 332 11.24 0.08 -39.18
N GLU B 333 10.93 0.22 -40.46
CA GLU B 333 11.68 -0.52 -41.48
C GLU B 333 13.12 -0.04 -41.57
N LYS B 334 13.33 1.28 -41.59
CA LYS B 334 14.69 1.80 -41.80
C LYS B 334 15.62 1.44 -40.66
N CYS B 335 15.12 1.47 -39.41
CA CYS B 335 15.97 1.22 -38.25
C CYS B 335 16.23 -0.27 -38.07
N LYS B 336 17.50 -0.65 -37.92
CA LYS B 336 17.87 -2.05 -37.82
C LYS B 336 18.16 -2.48 -36.39
N TYR B 337 18.26 -1.55 -35.45
CA TYR B 337 18.55 -1.84 -34.06
C TYR B 337 17.45 -1.26 -33.19
N SER B 338 17.34 -1.76 -31.95
CA SER B 338 16.48 -1.17 -30.94
C SER B 338 17.31 -0.90 -29.69
N LEU B 339 16.82 0.01 -28.85
CA LEU B 339 17.55 0.33 -27.63
C LEU B 339 17.73 -0.91 -26.75
N GLU B 340 16.73 -1.78 -26.73
CA GLU B 340 16.87 -3.01 -25.95
C GLU B 340 18.09 -3.80 -26.39
N ASP B 341 18.34 -3.83 -27.71
CA ASP B 341 19.45 -4.61 -28.24
C ASP B 341 20.80 -4.06 -27.80
N ILE B 342 20.91 -2.74 -27.63
CA ILE B 342 22.20 -2.09 -27.43
C ILE B 342 22.39 -1.56 -26.03
N ALA B 343 21.38 -1.66 -25.16
CA ALA B 343 21.43 -0.99 -23.87
C ALA B 343 21.03 -1.92 -22.73
N ILE B 344 21.58 -1.64 -21.55
CA ILE B 344 21.11 -2.19 -20.29
C ILE B 344 20.26 -1.13 -19.62
N SER B 345 19.00 -1.45 -19.33
CA SER B 345 18.06 -0.52 -18.73
C SER B 345 17.75 -0.93 -17.28
N PHE B 346 17.44 0.05 -16.44
CA PHE B 346 17.08 -0.26 -15.07
C PHE B 346 16.27 0.86 -14.43
N GLN B 347 15.38 0.48 -13.53
CA GLN B 347 14.60 1.44 -12.74
C GLN B 347 15.48 2.04 -11.65
N GLY B 348 15.05 3.19 -11.14
CA GLY B 348 15.80 3.89 -10.12
C GLY B 348 15.69 3.21 -8.76
N ILE B 349 16.25 3.89 -7.76
CA ILE B 349 16.24 3.39 -6.39
C ILE B 349 14.82 3.47 -5.83
N ILE B 350 14.38 2.40 -5.17
CA ILE B 350 13.14 2.41 -4.41
C ILE B 350 13.51 2.22 -2.95
N THR B 351 13.53 3.32 -2.20
CA THR B 351 13.89 3.27 -0.79
C THR B 351 12.80 2.61 0.03
N GLY B 352 11.54 2.92 -0.28
CA GLY B 352 10.42 2.50 0.51
C GLY B 352 9.94 3.54 1.50
N CYS B 353 10.79 4.51 1.84
CA CYS B 353 10.35 5.68 2.60
C CYS B 353 11.35 6.81 2.35
N ASP B 354 11.05 7.66 1.36
CA ASP B 354 12.03 8.65 0.93
C ASP B 354 12.36 9.64 2.04
N LYS B 355 11.41 9.94 2.92
CA LYS B 355 11.66 10.90 3.99
C LYS B 355 12.74 10.41 4.96
N ALA B 356 12.96 9.11 5.04
CA ALA B 356 13.97 8.57 5.96
C ALA B 356 15.38 8.64 5.39
N PHE B 357 15.53 8.64 4.07
CA PHE B 357 16.84 8.51 3.43
C PHE B 357 17.25 9.71 2.59
N ILE B 358 16.33 10.58 2.21
CA ILE B 358 16.63 11.72 1.34
C ILE B 358 16.67 12.97 2.18
N LEU B 359 17.74 13.74 2.06
CA LEU B 359 17.91 14.99 2.78
C LEU B 359 18.25 16.11 1.81
N SER B 360 17.83 17.32 2.16
CA SER B 360 18.20 18.49 1.38
C SER B 360 19.70 18.72 1.47
N LYS B 361 20.26 19.28 0.39
CA LYS B 361 21.70 19.50 0.33
C LYS B 361 22.18 20.44 1.43
N ASP B 362 21.30 21.31 1.93
CA ASP B 362 21.64 22.28 2.95
C ASP B 362 21.25 21.83 4.36
N ASP B 363 20.87 20.57 4.52
CA ASP B 363 20.46 20.05 5.83
C ASP B 363 21.66 19.87 6.75
N VAL B 364 21.44 20.13 8.04
CA VAL B 364 22.50 20.01 9.03
C VAL B 364 22.79 18.57 9.43
N LYS B 365 21.84 17.66 9.23
CA LYS B 365 22.08 16.26 9.57
C LYS B 365 23.12 15.63 8.67
N LEU B 366 23.43 16.22 7.51
CA LEU B 366 24.46 15.69 6.63
C LEU B 366 25.84 15.76 7.25
N ASN B 367 26.02 16.53 8.32
CA ASN B 367 27.27 16.51 9.06
C ASN B 367 27.42 15.25 9.89
N LEU B 368 26.31 14.55 10.15
CA LEU B 368 26.35 13.30 10.89
C LEU B 368 26.55 12.10 9.99
N VAL B 369 26.54 12.27 8.67
CA VAL B 369 26.71 11.17 7.73
C VAL B 369 28.04 11.32 7.02
N ASP B 370 28.88 10.30 7.11
CA ASP B 370 30.14 10.30 6.38
C ASP B 370 29.87 10.32 4.89
N ASP B 371 30.72 11.06 4.17
CA ASP B 371 30.52 11.25 2.74
C ASP B 371 30.61 9.95 1.94
N LYS B 372 31.18 8.89 2.52
CA LYS B 372 31.18 7.59 1.85
C LYS B 372 29.76 7.07 1.63
N PHE B 373 28.80 7.49 2.45
CA PHE B 373 27.42 7.03 2.33
C PHE B 373 26.56 7.92 1.43
N LEU B 374 27.01 9.14 1.13
CA LEU B 374 26.16 10.10 0.45
C LEU B 374 26.28 9.98 -1.07
N LYS B 375 25.12 10.02 -1.73
CA LYS B 375 25.04 10.01 -3.17
C LYS B 375 24.21 11.21 -3.63
N CYS B 376 24.38 11.60 -4.88
CA CYS B 376 23.59 12.68 -5.44
C CYS B 376 22.23 12.16 -5.91
N TRP B 377 21.19 12.96 -5.66
CA TRP B 377 19.81 12.53 -5.83
C TRP B 377 19.09 13.54 -6.68
N ILE B 378 18.50 13.09 -7.78
CA ILE B 378 17.77 13.98 -8.67
C ILE B 378 16.34 13.49 -8.81
N LYS B 379 15.46 14.43 -9.14
CA LYS B 379 14.07 14.16 -9.42
C LYS B 379 13.82 14.27 -10.91
N SER B 380 12.62 13.85 -11.33
CA SER B 380 12.30 13.82 -12.75
C SER B 380 12.37 15.22 -13.35
N LYS B 381 12.09 16.26 -12.57
CA LYS B 381 12.14 17.62 -13.09
C LYS B 381 13.56 18.09 -13.35
N ASN B 382 14.57 17.41 -12.80
CA ASN B 382 15.95 17.81 -13.05
C ASN B 382 16.43 17.40 -14.44
N ILE B 383 15.72 16.52 -15.13
CA ILE B 383 16.15 16.05 -16.43
C ILE B 383 15.72 17.04 -17.49
N ASN B 384 16.68 17.60 -18.21
CA ASN B 384 16.41 18.39 -19.40
C ASN B 384 16.87 17.60 -20.62
N LYS B 385 16.73 18.20 -21.79
CA LYS B 385 17.35 17.61 -22.97
C LYS B 385 18.86 17.74 -22.85
N TYR B 386 19.53 16.61 -22.98
CA TYR B 386 20.99 16.44 -23.09
C TYR B 386 21.79 16.62 -21.80
N ILE B 387 21.23 17.21 -20.75
CA ILE B 387 21.97 17.40 -19.51
C ILE B 387 21.00 17.40 -18.33
N VAL B 388 21.56 17.22 -17.14
CA VAL B 388 20.81 17.13 -15.91
C VAL B 388 21.12 18.36 -15.07
N ASP B 389 20.09 18.93 -14.46
CA ASP B 389 20.29 20.03 -13.53
C ASP B 389 21.11 19.57 -12.33
N LYS B 390 21.80 20.51 -11.70
CA LYS B 390 22.52 20.20 -10.47
C LYS B 390 21.57 19.67 -9.41
N SER B 391 22.01 18.63 -8.72
CA SER B 391 21.16 17.97 -7.73
C SER B 391 20.99 18.84 -6.48
N GLU B 392 19.80 18.78 -5.88
CA GLU B 392 19.49 19.50 -4.67
C GLU B 392 19.28 18.59 -3.47
N TYR B 393 19.42 17.27 -3.63
CA TYR B 393 19.15 16.31 -2.59
C TYR B 393 20.28 15.29 -2.53
N ARG B 394 20.46 14.70 -1.34
CA ARG B 394 21.46 13.67 -1.12
C ARG B 394 20.78 12.41 -0.61
N LEU B 395 21.17 11.27 -1.15
CA LEU B 395 20.67 9.97 -0.72
C LEU B 395 21.66 9.33 0.24
N ILE B 396 21.14 8.80 1.34
CA ILE B 396 21.95 8.05 2.29
C ILE B 396 21.85 6.58 1.90
N TYR B 397 22.87 6.06 1.23
CA TYR B 397 22.89 4.67 0.78
C TYR B 397 23.14 3.78 1.99
N SER B 398 22.08 3.54 2.75
CA SER B 398 22.20 2.86 4.04
C SER B 398 22.59 1.40 3.92
N ASN B 399 22.48 0.80 2.72
CA ASN B 399 22.87 -0.60 2.56
C ASN B 399 24.34 -0.81 2.90
N ASP B 400 25.17 0.23 2.76
CA ASP B 400 26.58 0.13 3.07
C ASP B 400 26.88 0.25 4.56
N ILE B 401 25.88 0.53 5.38
CA ILE B 401 26.06 0.59 6.83
C ILE B 401 26.12 -0.85 7.35
N ASP B 402 27.31 -1.29 7.74
CA ASP B 402 27.52 -2.69 8.09
C ASP B 402 26.94 -3.02 9.46
N ASN B 403 27.47 -2.39 10.50
CA ASN B 403 27.09 -2.68 11.88
C ASN B 403 26.24 -1.55 12.45
N GLU B 404 25.27 -1.93 13.28
CA GLU B 404 24.39 -0.95 13.92
C GLU B 404 25.05 -0.21 15.08
N ASN B 405 26.22 -0.64 15.53
CA ASN B 405 26.92 0.06 16.60
C ASN B 405 27.97 1.04 16.09
N THR B 406 28.57 0.77 14.92
CA THR B 406 29.60 1.65 14.41
C THR B 406 29.04 3.03 14.04
N ASN B 407 27.92 3.04 13.31
CA ASN B 407 27.24 4.29 12.90
C ASN B 407 25.90 4.35 13.64
N LYS B 408 25.91 4.89 14.86
CA LYS B 408 24.70 4.90 15.67
C LYS B 408 23.85 6.14 15.46
N ARG B 409 24.47 7.32 15.43
CA ARG B 409 23.70 8.57 15.38
C ARG B 409 22.85 8.64 14.10
N ILE B 410 23.37 8.10 13.00
CA ILE B 410 22.59 8.08 11.76
C ILE B 410 21.33 7.25 11.94
N LEU B 411 21.46 6.10 12.60
CA LEU B 411 20.32 5.21 12.77
C LEU B 411 19.33 5.73 13.79
N ASP B 412 19.76 6.56 14.74
CA ASP B 412 18.88 7.04 15.80
C ASP B 412 18.29 8.42 15.52
N GLU B 413 19.00 9.28 14.79
CA GLU B 413 18.57 10.65 14.60
C GLU B 413 18.10 10.97 13.18
N ILE B 414 18.33 10.08 12.21
CA ILE B 414 17.91 10.36 10.85
C ILE B 414 16.97 9.27 10.36
N ILE B 415 17.48 8.05 10.26
CA ILE B 415 16.69 6.97 9.69
C ILE B 415 15.66 6.46 10.68
N GLY B 416 16.04 6.37 11.96
CA GLY B 416 15.17 5.79 12.96
C GLY B 416 13.87 6.54 13.18
N LEU B 417 13.80 7.81 12.77
CA LEU B 417 12.58 8.58 12.94
C LEU B 417 11.38 7.95 12.24
N TYR B 418 11.64 7.11 11.24
CA TYR B 418 10.59 6.43 10.51
C TYR B 418 10.71 4.91 10.64
N LYS B 419 11.22 4.44 11.78
CA LYS B 419 11.50 3.01 11.93
C LYS B 419 10.24 2.18 11.78
N THR B 420 9.15 2.61 12.42
CA THR B 420 7.91 1.82 12.35
C THR B 420 7.40 1.73 10.92
N LYS B 421 7.48 2.82 10.17
CA LYS B 421 7.10 2.77 8.76
C LYS B 421 8.03 1.85 7.96
N LEU B 422 9.34 1.93 8.26
CA LEU B 422 10.32 1.09 7.56
C LEU B 422 10.11 -0.38 7.87
N GLU B 423 9.76 -0.71 9.12
CA GLU B 423 9.57 -2.10 9.50
C GLU B 423 8.34 -2.72 8.87
N ASN B 424 7.44 -1.91 8.32
CA ASN B 424 6.21 -2.40 7.70
C ASN B 424 6.40 -2.76 6.24
N ARG B 425 7.58 -2.50 5.68
CA ARG B 425 7.87 -2.89 4.31
C ARG B 425 7.94 -4.40 4.18
N ARG B 426 7.58 -4.90 3.00
CA ARG B 426 7.39 -6.34 2.82
C ARG B 426 8.67 -7.13 3.12
N GLU B 427 9.81 -6.61 2.65
CA GLU B 427 11.07 -7.34 2.80
C GLU B 427 11.63 -7.27 4.22
N CYS B 428 11.20 -6.30 5.02
CA CYS B 428 11.55 -6.31 6.44
C CYS B 428 10.71 -7.29 7.24
N LYS B 429 9.42 -7.42 6.89
CA LYS B 429 8.56 -8.37 7.57
C LYS B 429 8.98 -9.82 7.28
N SER B 430 9.58 -10.06 6.12
CA SER B 430 10.06 -11.39 5.79
C SER B 430 11.47 -11.67 6.33
N GLY B 431 12.15 -10.66 6.85
CA GLY B 431 13.44 -10.84 7.47
C GLY B 431 14.64 -10.77 6.55
N ILE B 432 14.45 -10.52 5.25
CA ILE B 432 15.57 -10.46 4.33
C ILE B 432 16.14 -9.06 4.18
N ARG B 433 15.52 -8.05 4.80
CA ARG B 433 15.97 -6.68 4.70
C ARG B 433 16.00 -6.06 6.10
N LYS B 434 17.15 -5.49 6.47
CA LYS B 434 17.23 -4.79 7.75
C LYS B 434 16.39 -3.52 7.71
N TRP B 435 15.82 -3.16 8.87
CA TRP B 435 14.84 -2.08 8.90
C TRP B 435 15.40 -0.76 8.40
N TYR B 436 16.72 -0.56 8.52
CA TYR B 436 17.33 0.69 8.10
C TYR B 436 17.87 0.67 6.68
N GLU B 437 17.71 -0.45 5.97
CA GLU B 437 18.26 -0.58 4.63
C GLU B 437 17.26 -0.09 3.58
N LEU B 438 17.78 0.19 2.38
CA LEU B 438 16.91 0.54 1.27
C LEU B 438 16.13 -0.68 0.81
N GLN B 439 14.84 -0.49 0.52
CA GLN B 439 14.00 -1.61 0.12
C GLN B 439 14.51 -2.25 -1.16
N TRP B 440 14.84 -1.43 -2.17
CA TRP B 440 15.48 -1.90 -3.39
C TRP B 440 16.59 -0.92 -3.72
N GLY B 441 17.79 -1.21 -3.21
CA GLY B 441 18.93 -0.36 -3.42
C GLY B 441 19.64 -0.55 -4.73
N ARG B 442 19.17 -1.48 -5.55
CA ARG B 442 19.70 -1.73 -6.89
C ARG B 442 21.20 -2.02 -6.77
N GLU B 443 21.96 -1.67 -7.79
CA GLU B 443 23.41 -1.86 -7.81
C GLU B 443 24.07 -0.52 -8.08
N LYS B 444 24.95 -0.10 -7.15
CA LYS B 444 25.66 1.16 -7.31
C LYS B 444 26.50 1.18 -8.57
N LEU B 445 27.03 0.03 -8.98
CA LEU B 445 27.86 -0.02 -10.18
C LEU B 445 27.09 0.37 -11.43
N PHE B 446 25.76 0.36 -11.38
CA PHE B 446 24.95 0.77 -12.51
C PHE B 446 24.71 2.28 -12.53
N PHE B 447 24.74 2.93 -11.37
CA PHE B 447 24.52 4.37 -11.29
C PHE B 447 25.80 5.18 -11.36
N GLU B 448 26.90 4.67 -10.79
CA GLU B 448 28.16 5.41 -10.72
C GLU B 448 28.98 5.18 -11.99
N ARG B 449 28.40 5.58 -13.11
CA ARG B 449 29.01 5.47 -14.42
C ARG B 449 28.31 6.45 -15.35
N LYS B 450 28.92 6.70 -16.50
CA LYS B 450 28.26 7.49 -17.53
C LYS B 450 27.04 6.75 -18.04
N LYS B 451 25.92 7.46 -18.14
CA LYS B 451 24.65 6.83 -18.51
C LYS B 451 23.69 7.90 -18.99
N ILE B 452 22.60 7.45 -19.59
CA ILE B 452 21.50 8.31 -20.05
C ILE B 452 20.34 8.15 -19.10
N MET B 453 19.70 9.27 -18.74
CA MET B 453 18.56 9.26 -17.83
C MET B 453 17.39 10.01 -18.46
N TYR B 454 16.18 9.66 -18.06
CA TYR B 454 15.00 10.32 -18.58
C TYR B 454 13.86 10.23 -17.59
N PRO B 455 13.00 11.24 -17.51
CA PRO B 455 11.88 11.20 -16.57
C PRO B 455 10.88 10.13 -16.97
N TYR B 456 10.22 9.56 -15.96
CA TYR B 456 9.28 8.48 -16.23
C TYR B 456 7.96 8.99 -16.76
N LYS B 457 7.70 10.28 -16.62
CA LYS B 457 6.48 10.90 -17.10
C LYS B 457 6.82 12.31 -17.57
N SER B 458 6.57 12.59 -18.85
CA SER B 458 6.97 13.87 -19.42
C SER B 458 6.04 14.21 -20.56
N ASN B 459 6.05 15.50 -20.93
CA ASN B 459 5.34 15.99 -22.09
C ASN B 459 6.12 15.79 -23.38
N GLU B 460 7.41 15.50 -23.30
CA GLU B 460 8.25 15.41 -24.49
C GLU B 460 9.45 14.53 -24.17
N ASN B 461 10.20 14.20 -25.20
CA ASN B 461 11.43 13.43 -25.04
C ASN B 461 12.47 14.28 -24.33
N ARG B 462 12.96 13.79 -23.19
CA ARG B 462 14.01 14.44 -22.40
C ARG B 462 15.02 13.38 -22.00
N PHE B 463 16.03 13.17 -22.84
CA PHE B 463 17.10 12.21 -22.57
C PHE B 463 18.39 12.98 -22.33
N ALA B 464 19.06 12.66 -21.22
CA ALA B 464 20.19 13.44 -20.75
C ALA B 464 21.36 12.53 -20.45
N ILE B 465 22.56 13.05 -20.69
CA ILE B 465 23.77 12.35 -20.27
C ILE B 465 24.10 12.77 -18.85
N ASP B 466 24.22 11.79 -17.97
CA ASP B 466 24.62 12.01 -16.60
C ASP B 466 26.12 11.79 -16.49
N TYR B 467 26.84 12.81 -16.05
CA TYR B 467 28.27 12.69 -15.81
C TYR B 467 28.61 12.61 -14.32
N ASP B 468 27.61 12.79 -13.44
CA ASP B 468 27.85 13.07 -12.03
C ASP B 468 27.38 11.95 -11.12
N ASN B 469 27.26 10.73 -11.64
CA ASN B 469 26.86 9.56 -10.83
C ASN B 469 25.57 9.84 -10.06
N ASN B 470 24.64 10.52 -10.70
CA ASN B 470 23.38 10.83 -10.06
C ASN B 470 22.59 9.55 -9.80
N PHE B 471 22.03 9.44 -8.60
CA PHE B 471 21.02 8.44 -8.29
C PHE B 471 19.65 9.08 -8.40
N SER B 472 18.62 8.23 -8.45
CA SER B 472 17.26 8.74 -8.58
C SER B 472 16.29 7.69 -8.07
N SER B 473 15.08 8.14 -7.79
CA SER B 473 13.98 7.24 -7.45
C SER B 473 13.43 6.65 -8.75
N ALA B 474 12.29 5.96 -8.65
CA ALA B 474 11.69 5.32 -9.82
C ALA B 474 10.94 6.31 -10.70
N ASP B 475 11.04 7.61 -10.44
CA ASP B 475 10.51 8.60 -11.37
C ASP B 475 11.49 8.90 -12.49
N VAL B 476 12.70 8.36 -12.42
CA VAL B 476 13.73 8.54 -13.43
C VAL B 476 14.27 7.18 -13.80
N TYR B 477 14.31 6.88 -15.10
CA TYR B 477 14.92 5.65 -15.58
C TYR B 477 16.29 5.95 -16.17
N SER B 478 17.07 4.89 -16.31
CA SER B 478 18.45 5.01 -16.77
C SER B 478 18.77 3.88 -17.72
N PHE B 479 19.78 4.11 -18.55
CA PHE B 479 20.37 3.01 -19.30
C PHE B 479 21.76 3.40 -19.72
N PHE B 480 22.58 2.39 -19.98
CA PHE B 480 23.92 2.57 -20.52
C PHE B 480 24.13 1.57 -21.64
N ILE B 481 25.02 1.92 -22.56
CA ILE B 481 25.22 1.13 -23.76
C ILE B 481 26.04 -0.11 -23.42
N LYS B 482 25.59 -1.27 -23.90
CA LYS B 482 26.34 -2.49 -23.73
C LYS B 482 27.77 -2.32 -24.25
N GLU B 483 28.68 -3.11 -23.69
CA GLU B 483 30.08 -2.98 -24.07
C GLU B 483 30.28 -3.25 -25.56
N GLU B 484 29.63 -4.30 -26.09
CA GLU B 484 29.86 -4.71 -27.47
C GLU B 484 29.24 -3.77 -28.49
N TYR B 485 28.41 -2.81 -28.07
CA TYR B 485 27.83 -1.84 -28.99
C TYR B 485 28.50 -0.47 -28.89
N LEU B 486 29.49 -0.31 -28.02
CA LEU B 486 30.14 0.98 -27.82
C LEU B 486 30.84 1.47 -29.08
N ASP B 487 31.39 0.54 -29.86
CA ASP B 487 32.02 0.94 -31.11
C ASP B 487 31.01 1.29 -32.19
N LYS B 488 29.74 0.95 -32.01
CA LYS B 488 28.69 1.31 -32.97
C LYS B 488 27.89 2.53 -32.55
N PHE B 489 27.63 2.70 -31.25
CA PHE B 489 26.78 3.79 -30.77
C PHE B 489 27.44 4.50 -29.60
N SER B 490 27.22 5.81 -29.54
CA SER B 490 27.78 6.65 -28.47
C SER B 490 26.67 7.41 -27.77
N TYR B 491 26.90 7.73 -26.51
CA TYR B 491 25.87 8.44 -25.73
C TYR B 491 25.48 9.75 -26.39
N GLU B 492 26.43 10.43 -27.03
CA GLU B 492 26.16 11.70 -27.67
C GLU B 492 25.30 11.54 -28.92
N TYR B 493 25.51 10.45 -29.68
CA TYR B 493 24.65 10.17 -30.82
C TYR B 493 23.23 9.84 -30.36
N LEU B 494 23.09 9.06 -29.29
CA LEU B 494 21.77 8.62 -28.86
C LEU B 494 20.91 9.78 -28.37
N VAL B 495 21.48 10.66 -27.54
CA VAL B 495 20.68 11.80 -27.09
C VAL B 495 20.38 12.73 -28.25
N GLY B 496 21.26 12.75 -29.26
CA GLY B 496 20.99 13.56 -30.43
C GLY B 496 19.72 13.13 -31.15
N ILE B 497 19.56 11.83 -31.37
CA ILE B 497 18.37 11.40 -32.10
C ILE B 497 17.16 11.29 -31.18
N LEU B 498 17.36 10.93 -29.90
CA LEU B 498 16.21 10.71 -29.03
C LEU B 498 15.52 12.02 -28.64
N ASN B 499 16.26 13.13 -28.64
CA ASN B 499 15.68 14.43 -28.34
C ASN B 499 15.19 15.16 -29.59
N SER B 500 15.28 14.53 -30.75
CA SER B 500 14.87 15.16 -31.99
C SER B 500 13.36 15.25 -32.09
N SER B 501 12.89 16.26 -32.83
CA SER B 501 11.46 16.37 -33.09
C SER B 501 10.93 15.14 -33.81
N VAL B 502 11.77 14.48 -34.61
CA VAL B 502 11.36 13.26 -35.30
C VAL B 502 11.05 12.17 -34.28
N TYR B 503 11.98 11.92 -33.35
CA TYR B 503 11.77 10.85 -32.40
C TYR B 503 10.72 11.21 -31.35
N ASP B 504 10.49 12.50 -31.10
CA ASP B 504 9.40 12.88 -30.21
C ASP B 504 8.05 12.49 -30.80
N LYS B 505 7.85 12.78 -32.10
CA LYS B 505 6.64 12.35 -32.77
C LYS B 505 6.59 10.83 -32.88
N TYR B 506 7.72 10.20 -33.18
CA TYR B 506 7.77 8.75 -33.35
C TYR B 506 7.37 8.03 -32.07
N PHE B 507 7.94 8.44 -30.94
CA PHE B 507 7.64 7.78 -29.69
C PHE B 507 6.16 7.88 -29.33
N LYS B 508 5.59 9.08 -29.51
CA LYS B 508 4.23 9.35 -29.07
C LYS B 508 3.18 8.68 -29.94
N ILE B 509 3.56 8.12 -31.09
CA ILE B 509 2.60 7.36 -31.88
C ILE B 509 2.02 6.22 -31.06
N THR B 510 2.88 5.53 -30.31
CA THR B 510 2.51 4.34 -29.56
C THR B 510 2.63 4.51 -28.07
N ALA B 511 3.07 5.67 -27.59
CA ALA B 511 3.29 5.86 -26.16
C ALA B 511 1.97 5.85 -25.39
N LYS B 512 2.08 5.64 -24.08
CA LYS B 512 0.93 5.56 -23.19
C LYS B 512 0.62 6.95 -22.67
N LYS B 513 -0.53 7.49 -23.05
CA LYS B 513 -0.96 8.83 -22.64
C LYS B 513 -1.66 8.74 -21.28
N MET B 514 -1.06 9.37 -20.28
CA MET B 514 -1.52 9.21 -18.89
C MET B 514 -2.51 10.28 -18.48
N SER B 515 -2.12 11.54 -18.59
CA SER B 515 -2.99 12.67 -18.29
C SER B 515 -2.67 13.77 -19.29
N LYS B 516 -3.27 14.94 -19.10
CA LYS B 516 -3.06 16.04 -20.02
C LYS B 516 -1.57 16.38 -20.09
N ASN B 517 -1.02 16.36 -21.31
CA ASN B 517 0.38 16.67 -21.58
C ASN B 517 1.34 15.77 -20.82
N ILE B 518 0.98 14.51 -20.58
CA ILE B 518 1.89 13.59 -19.90
C ILE B 518 1.82 12.23 -20.58
N TYR B 519 2.97 11.73 -21.04
CA TYR B 519 3.10 10.36 -21.52
C TYR B 519 4.00 9.57 -20.57
N ASP B 520 3.80 8.26 -20.54
CA ASP B 520 4.68 7.38 -19.79
C ASP B 520 5.95 7.15 -20.60
N TYR B 521 7.11 7.47 -20.00
CA TYR B 521 8.40 7.08 -20.55
C TYR B 521 8.94 5.92 -19.71
N TYR B 522 8.36 4.74 -19.96
CA TYR B 522 8.80 3.54 -19.25
C TYR B 522 9.54 2.59 -20.20
N PRO B 523 10.45 1.79 -19.66
CA PRO B 523 11.24 0.90 -20.52
C PRO B 523 10.42 -0.05 -21.37
N ASN B 524 9.24 -0.49 -20.92
CA ASN B 524 8.47 -1.40 -21.75
C ASN B 524 8.13 -0.79 -23.10
N LYS B 525 8.15 0.54 -23.20
CA LYS B 525 8.01 1.19 -24.49
C LYS B 525 9.26 1.92 -24.96
N VAL B 526 10.04 2.50 -24.05
CA VAL B 526 11.23 3.22 -24.48
C VAL B 526 12.28 2.24 -25.04
N MET B 527 12.42 1.07 -24.40
CA MET B 527 13.36 0.09 -24.94
C MET B 527 12.90 -0.51 -26.26
N LYS B 528 11.67 -0.26 -26.70
CA LYS B 528 11.23 -0.70 -28.02
C LYS B 528 11.56 0.31 -29.10
N ILE B 529 12.00 1.52 -28.73
CA ILE B 529 12.39 2.51 -29.71
C ILE B 529 13.50 1.95 -30.59
N ARG B 530 13.37 2.15 -31.90
CA ARG B 530 14.33 1.61 -32.85
C ARG B 530 15.31 2.68 -33.29
N ILE B 531 16.55 2.25 -33.55
CA ILE B 531 17.69 3.14 -33.81
C ILE B 531 18.29 2.75 -35.15
N PHE B 532 18.80 3.76 -35.86
CA PHE B 532 19.43 3.55 -37.15
C PHE B 532 20.89 3.98 -37.09
N ARG B 533 21.66 3.53 -38.09
CA ARG B 533 23.07 3.89 -38.20
C ARG B 533 23.43 3.98 -39.68
N ASP B 534 23.76 5.17 -40.15
CA ASP B 534 24.06 5.35 -41.57
C ASP B 534 25.09 6.47 -41.72
N ASN B 535 25.23 6.97 -42.95
CA ASN B 535 26.28 7.95 -43.28
C ASN B 535 26.15 9.24 -42.47
N ASN B 536 24.98 9.54 -41.95
CA ASN B 536 24.80 10.77 -41.20
C ASN B 536 25.26 10.68 -39.76
N TYR B 537 25.80 9.53 -39.35
CA TYR B 537 26.17 9.33 -37.95
C TYR B 537 27.14 10.40 -37.46
N GLU B 538 28.21 10.65 -38.23
CA GLU B 538 29.27 11.53 -37.75
C GLU B 538 28.77 12.96 -37.59
N GLU B 539 27.93 13.45 -38.52
CA GLU B 539 27.43 14.82 -38.42
C GLU B 539 26.39 14.95 -37.31
N ILE B 540 25.52 13.95 -37.15
CA ILE B 540 24.55 13.98 -36.06
C ILE B 540 25.27 14.01 -34.72
N GLU B 541 26.26 13.15 -34.56
CA GLU B 541 27.01 13.08 -33.30
C GLU B 541 27.73 14.40 -33.04
N ASN B 542 28.31 15.00 -34.07
CA ASN B 542 29.02 16.25 -33.86
C ASN B 542 28.06 17.37 -33.49
N LEU B 543 26.87 17.40 -34.11
CA LEU B 543 25.88 18.42 -33.74
C LEU B 543 25.46 18.27 -32.29
N SER B 544 25.31 17.03 -31.82
CA SER B 544 24.93 16.79 -30.44
C SER B 544 26.02 17.25 -29.47
N LYS B 545 27.29 17.02 -29.83
CA LYS B 545 28.38 17.43 -28.95
C LYS B 545 28.46 18.95 -28.85
N GLN B 546 28.17 19.66 -29.94
CA GLN B 546 28.14 21.12 -29.87
C GLN B 546 27.04 21.61 -28.95
N ILE B 547 25.85 21.01 -29.04
CA ILE B 547 24.74 21.40 -28.19
C ILE B 547 25.10 21.21 -26.73
N ILE B 548 25.72 20.07 -26.41
CA ILE B 548 26.12 19.80 -25.03
C ILE B 548 27.10 20.84 -24.54
N SER B 549 28.09 21.19 -25.36
CA SER B 549 29.09 22.16 -24.92
C SER B 549 28.47 23.54 -24.71
N ILE B 550 27.43 23.88 -25.49
CA ILE B 550 26.76 25.17 -25.28
C ILE B 550 25.94 25.15 -24.01
N LEU B 551 25.23 24.05 -23.76
CA LEU B 551 24.41 23.96 -22.56
C LEU B 551 25.26 24.00 -21.29
N LEU B 552 26.51 23.55 -21.35
CA LEU B 552 27.38 23.55 -20.19
C LEU B 552 28.20 24.82 -20.06
N ASN B 553 28.01 25.79 -20.95
CA ASN B 553 28.77 27.03 -20.90
C ASN B 553 28.20 27.96 -19.83
N LYS B 554 28.97 28.99 -19.51
CA LYS B 554 28.50 30.02 -18.59
C LYS B 554 27.35 30.82 -19.20
N SER B 555 27.53 31.30 -20.43
CA SER B 555 26.49 32.01 -21.16
C SER B 555 25.89 31.05 -22.19
N ILE B 556 24.61 30.73 -22.02
CA ILE B 556 23.91 29.83 -22.92
C ILE B 556 23.30 30.65 -24.04
N ASP B 557 23.61 30.27 -25.28
CA ASP B 557 23.05 30.91 -26.48
C ASP B 557 21.89 30.02 -26.93
N LYS B 558 20.69 30.30 -26.40
CA LYS B 558 19.54 29.45 -26.72
C LYS B 558 19.22 29.48 -28.21
N GLY B 559 19.49 30.60 -28.88
CA GLY B 559 19.22 30.66 -30.31
C GLY B 559 20.07 29.70 -31.12
N LYS B 560 21.37 29.62 -30.79
CA LYS B 560 22.27 28.72 -31.51
C LYS B 560 21.91 27.25 -31.28
N VAL B 561 21.45 26.91 -30.07
CA VAL B 561 21.01 25.55 -29.81
C VAL B 561 19.84 25.19 -30.72
N GLU B 562 18.88 26.10 -30.89
CA GLU B 562 17.75 25.83 -31.76
C GLU B 562 18.20 25.64 -33.21
N LYS B 563 19.13 26.48 -33.67
CA LYS B 563 19.64 26.31 -35.04
C LYS B 563 20.34 24.97 -35.19
N LEU B 564 21.12 24.56 -34.19
CA LEU B 564 21.76 23.25 -34.24
C LEU B 564 20.74 22.12 -34.18
N GLN B 565 19.72 22.27 -33.34
CA GLN B 565 18.70 21.22 -33.24
C GLN B 565 17.93 21.08 -34.54
N ILE B 566 17.54 22.20 -35.15
CA ILE B 566 16.84 22.15 -36.43
C ILE B 566 17.71 21.49 -37.48
N LYS B 567 19.00 21.84 -37.50
CA LYS B 567 19.93 21.25 -38.46
C LYS B 567 20.03 19.74 -38.24
N MET B 568 20.05 19.31 -36.97
CA MET B 568 20.04 17.89 -36.67
C MET B 568 18.72 17.24 -37.07
N ASP B 569 17.60 17.91 -36.81
CA ASP B 569 16.30 17.34 -37.13
C ASP B 569 16.19 17.02 -38.60
N ASN B 570 16.65 17.93 -39.46
CA ASN B 570 16.59 17.71 -40.90
C ASN B 570 17.48 16.54 -41.33
N LEU B 571 18.64 16.38 -40.70
CA LEU B 571 19.51 15.24 -41.04
C LEU B 571 18.82 13.92 -40.72
N ILE B 572 18.11 13.86 -39.61
CA ILE B 572 17.42 12.63 -39.24
C ILE B 572 16.23 12.39 -40.15
N MET B 573 15.54 13.46 -40.57
CA MET B 573 14.49 13.30 -41.57
C MET B 573 15.06 12.73 -42.86
N ASP B 574 16.20 13.24 -43.30
CA ASP B 574 16.83 12.73 -44.52
C ASP B 574 17.21 11.25 -44.34
N SER B 575 17.77 10.90 -43.18
CA SER B 575 18.23 9.53 -42.95
C SER B 575 17.07 8.53 -43.01
N LEU B 576 15.93 8.89 -42.44
CA LEU B 576 14.80 7.97 -42.36
C LEU B 576 13.90 8.03 -43.59
N GLY B 577 14.15 8.94 -44.52
CA GLY B 577 13.34 9.01 -45.73
C GLY B 577 11.95 9.54 -45.52
N ILE B 578 11.74 10.34 -44.49
CA ILE B 578 10.44 10.95 -44.23
C ILE B 578 10.45 12.39 -44.75
N TYR C 31 -20.40 39.37 32.75
CA TYR C 31 -19.85 38.03 32.67
C TYR C 31 -19.96 37.29 34.00
N TYR C 32 -20.76 37.85 34.91
CA TYR C 32 -21.05 37.22 36.19
C TYR C 32 -22.32 36.39 36.05
N THR C 33 -22.19 35.08 36.23
CA THR C 33 -23.34 34.18 36.17
C THR C 33 -24.27 34.47 37.35
N PRO C 34 -25.57 34.60 37.13
CA PRO C 34 -26.48 34.94 38.24
C PRO C 34 -26.47 33.89 39.33
N LYS C 35 -26.57 34.36 40.59
CA LYS C 35 -26.49 33.46 41.73
C LYS C 35 -27.56 32.38 41.68
N ILE C 36 -28.72 32.70 41.10
CA ILE C 36 -29.77 31.69 40.94
C ILE C 36 -29.30 30.56 40.04
N ILE C 37 -28.62 30.89 38.93
CA ILE C 37 -28.09 29.86 38.04
C ILE C 37 -27.00 29.05 38.74
N VAL C 38 -26.09 29.72 39.46
CA VAL C 38 -24.97 29.04 40.08
C VAL C 38 -25.46 28.06 41.15
N ASP C 39 -26.43 28.48 41.96
CA ASP C 39 -26.95 27.60 43.00
C ASP C 39 -27.61 26.37 42.39
N TYR C 40 -28.35 26.55 41.28
CA TYR C 40 -28.99 25.42 40.61
C TYR C 40 -27.96 24.43 40.09
N ILE C 41 -26.87 24.93 39.51
CA ILE C 41 -25.86 24.06 38.93
C ILE C 41 -25.16 23.24 40.01
N VAL C 42 -24.76 23.90 41.10
CA VAL C 42 -24.11 23.18 42.20
C VAL C 42 -25.05 22.15 42.79
N LYS C 43 -26.32 22.53 42.98
CA LYS C 43 -27.32 21.56 43.45
C LYS C 43 -27.47 20.40 42.50
N LYS C 44 -27.50 20.67 41.19
CA LYS C 44 -27.74 19.62 40.22
C LYS C 44 -26.63 18.58 40.22
N THR C 45 -25.47 18.91 40.78
CA THR C 45 -24.33 17.99 40.83
C THR C 45 -24.12 17.38 42.21
N LEU C 46 -24.35 18.13 43.28
CA LEU C 46 -24.02 17.69 44.64
C LEU C 46 -25.26 17.35 45.46
N LYS C 47 -26.41 17.14 44.81
CA LYS C 47 -27.64 16.87 45.56
C LYS C 47 -27.60 15.49 46.21
N ASN C 48 -27.09 14.49 45.51
CA ASN C 48 -27.18 13.10 45.96
C ASN C 48 -25.80 12.48 46.12
N HIS C 49 -24.86 13.21 46.71
CA HIS C 49 -23.51 12.70 46.94
C HIS C 49 -23.47 12.03 48.30
N ASP C 50 -23.02 10.77 48.33
CA ASP C 50 -22.87 10.03 49.57
C ASP C 50 -21.55 10.44 50.21
N ILE C 51 -21.62 11.44 51.10
CA ILE C 51 -20.42 11.94 51.75
C ILE C 51 -19.81 10.91 52.69
N ILE C 52 -20.57 9.87 53.06
CA ILE C 52 -20.01 8.80 53.88
C ILE C 52 -19.32 7.76 53.01
N LYS C 53 -19.92 7.39 51.89
CA LYS C 53 -19.31 6.40 51.00
C LYS C 53 -18.05 6.95 50.35
N ASN C 54 -18.11 8.18 49.84
CA ASN C 54 -16.97 8.84 49.22
C ASN C 54 -16.74 10.18 49.92
N PRO C 55 -15.95 10.20 50.99
CA PRO C 55 -15.71 11.44 51.72
C PRO C 55 -14.73 12.38 51.05
N TYR C 56 -14.17 12.03 49.91
CA TYR C 56 -13.18 12.85 49.22
C TYR C 56 -13.56 13.03 47.75
N PRO C 57 -14.62 13.79 47.49
CA PRO C 57 -15.01 14.06 46.10
C PRO C 57 -14.10 15.12 45.47
N ARG C 58 -14.04 15.09 44.14
CA ARG C 58 -13.23 16.02 43.38
C ARG C 58 -14.14 16.85 42.47
N ILE C 59 -14.26 18.13 42.78
CA ILE C 59 -15.11 19.07 42.04
C ILE C 59 -14.21 20.05 41.31
N LEU C 60 -14.46 20.20 40.00
CA LEU C 60 -13.60 21.00 39.13
C LEU C 60 -14.40 22.06 38.39
N ASP C 61 -13.80 23.24 38.24
CA ASP C 61 -14.33 24.31 37.40
C ASP C 61 -13.21 24.78 36.49
N ILE C 62 -13.28 24.40 35.21
CA ILE C 62 -12.21 24.75 34.26
C ILE C 62 -12.30 26.17 33.74
N SER C 63 -13.34 26.91 34.11
CA SER C 63 -13.46 28.33 33.75
C SER C 63 -13.96 29.11 34.96
N CYS C 64 -13.33 28.87 36.11
CA CYS C 64 -13.83 29.39 37.38
C CYS C 64 -13.79 30.92 37.43
N GLY C 65 -12.73 31.53 36.92
CA GLY C 65 -12.61 32.97 37.01
C GLY C 65 -12.52 33.41 38.46
N CYS C 66 -13.38 34.34 38.85
CA CYS C 66 -13.40 34.83 40.23
C CYS C 66 -13.88 33.78 41.22
N GLY C 67 -14.46 32.67 40.74
CA GLY C 67 -14.94 31.64 41.63
C GLY C 67 -16.40 31.77 41.98
N ASN C 68 -17.23 32.14 41.01
CA ASN C 68 -18.66 32.23 41.25
C ASN C 68 -19.23 30.88 41.65
N PHE C 69 -18.76 29.81 41.01
CA PHE C 69 -19.23 28.46 41.29
C PHE C 69 -18.48 27.82 42.47
N LEU C 70 -17.15 28.00 42.53
CA LEU C 70 -16.36 27.31 43.54
C LEU C 70 -16.67 27.84 44.94
N LEU C 71 -16.95 29.14 45.07
CA LEU C 71 -17.32 29.67 46.38
C LEU C 71 -18.62 29.07 46.88
N GLU C 72 -19.58 28.84 45.98
CA GLU C 72 -20.80 28.14 46.38
C GLU C 72 -20.54 26.66 46.65
N VAL C 73 -19.58 26.06 45.94
CA VAL C 73 -19.20 24.68 46.24
C VAL C 73 -18.58 24.58 47.63
N TYR C 74 -17.79 25.58 48.02
CA TYR C 74 -17.23 25.60 49.36
C TYR C 74 -18.32 25.66 50.42
N ASP C 75 -19.35 26.51 50.21
CA ASP C 75 -20.44 26.63 51.17
C ASP C 75 -21.24 25.34 51.27
N ILE C 76 -21.54 24.71 50.13
CA ILE C 76 -22.33 23.49 50.14
C ILE C 76 -21.59 22.34 50.81
N LEU C 77 -20.30 22.18 50.50
CA LEU C 77 -19.50 21.14 51.13
C LEU C 77 -19.35 21.38 52.62
N TYR C 78 -19.17 22.64 53.03
CA TYR C 78 -19.00 22.95 54.44
C TYR C 78 -20.21 22.53 55.26
N ASP C 79 -21.41 22.79 54.74
CA ASP C 79 -22.63 22.38 55.44
C ASP C 79 -22.80 20.86 55.40
N LEU C 80 -22.40 20.22 54.30
CA LEU C 80 -22.55 18.77 54.19
C LEU C 80 -21.61 18.04 55.14
N PHE C 81 -20.35 18.48 55.22
CA PHE C 81 -19.42 17.88 56.17
C PHE C 81 -19.83 18.15 57.61
N GLU C 82 -20.30 19.37 57.90
CA GLU C 82 -20.73 19.70 59.25
C GLU C 82 -21.92 18.86 59.68
N GLU C 83 -22.85 18.58 58.76
CA GLU C 83 -24.03 17.81 59.09
C GLU C 83 -23.70 16.35 59.39
N ASN C 84 -22.69 15.79 58.71
CA ASN C 84 -22.33 14.38 58.87
C ASN C 84 -21.00 14.19 59.60
N ILE C 85 -20.57 15.18 60.39
CA ILE C 85 -19.27 15.09 61.04
C ILE C 85 -19.25 13.97 62.08
N TYR C 86 -20.37 13.76 62.78
CA TYR C 86 -20.43 12.68 63.76
C TYR C 86 -20.34 11.32 63.07
N GLU C 87 -21.04 11.15 61.94
CA GLU C 87 -20.97 9.89 61.21
C GLU C 87 -19.58 9.68 60.63
N LEU C 88 -18.94 10.75 60.15
CA LEU C 88 -17.60 10.62 59.58
C LEU C 88 -16.57 10.29 60.65
N LYS C 89 -16.70 10.87 61.85
CA LYS C 89 -15.75 10.61 62.93
C LYS C 89 -15.87 9.18 63.46
N LYS C 90 -17.09 8.61 63.45
CA LYS C 90 -17.27 7.25 63.93
C LYS C 90 -16.78 6.22 62.93
N LYS C 91 -16.85 6.54 61.63
CA LYS C 91 -16.44 5.59 60.59
C LYS C 91 -14.95 5.59 60.34
N TYR C 92 -14.26 6.71 60.55
CA TYR C 92 -12.84 6.81 60.26
C TYR C 92 -12.06 7.29 61.47
N ASP C 93 -10.80 7.68 61.27
CA ASP C 93 -9.98 8.21 62.35
C ASP C 93 -10.65 9.43 62.96
N GLU C 94 -11.02 9.33 64.24
CA GLU C 94 -11.78 10.39 64.90
C GLU C 94 -10.96 11.66 65.02
N ASN C 95 -9.63 11.55 65.17
CA ASN C 95 -8.80 12.74 65.33
C ASN C 95 -8.78 13.58 64.05
N TYR C 96 -8.70 12.93 62.88
CA TYR C 96 -8.60 13.66 61.63
C TYR C 96 -9.88 14.44 61.33
N TRP C 97 -11.04 13.85 61.61
CA TRP C 97 -12.33 14.46 61.28
C TRP C 97 -12.77 15.31 62.46
N THR C 98 -12.58 16.62 62.34
CA THR C 98 -12.97 17.59 63.37
C THR C 98 -13.53 18.83 62.70
N VAL C 99 -14.30 19.60 63.47
CA VAL C 99 -14.90 20.83 62.94
C VAL C 99 -13.87 21.93 62.73
N ASP C 100 -12.61 21.71 63.11
CA ASP C 100 -11.55 22.67 62.87
C ASP C 100 -10.75 22.39 61.61
N ASN C 101 -10.69 21.13 61.17
CA ASN C 101 -9.96 20.75 59.97
C ASN C 101 -10.85 20.61 58.75
N ILE C 102 -12.16 20.89 58.88
CA ILE C 102 -13.07 20.74 57.75
C ILE C 102 -12.69 21.72 56.63
N HIS C 103 -12.34 22.95 57.00
CA HIS C 103 -11.92 23.94 56.01
C HIS C 103 -10.66 23.50 55.29
N ARG C 104 -9.70 22.92 56.02
CA ARG C 104 -8.47 22.44 55.39
C ARG C 104 -8.76 21.33 54.40
N HIS C 105 -9.64 20.39 54.76
CA HIS C 105 -9.91 19.25 53.89
C HIS C 105 -10.56 19.69 52.59
N ILE C 106 -11.45 20.69 52.63
CA ILE C 106 -12.10 21.16 51.42
C ILE C 106 -11.08 21.74 50.44
N LEU C 107 -10.18 22.58 50.95
CA LEU C 107 -9.18 23.19 50.07
C LEU C 107 -8.12 22.19 49.63
N ASN C 108 -7.91 21.11 50.38
CA ASN C 108 -6.79 20.22 50.12
C ASN C 108 -7.06 19.27 48.96
N TYR C 109 -8.17 18.53 49.01
CA TYR C 109 -8.41 17.50 48.01
C TYR C 109 -9.86 17.43 47.55
N CYS C 110 -10.58 18.55 47.60
CA CYS C 110 -11.99 18.57 47.20
C CYS C 110 -12.24 19.46 45.99
N ILE C 111 -11.88 20.74 46.05
CA ILE C 111 -12.19 21.69 44.98
C ILE C 111 -10.94 21.90 44.12
N TYR C 112 -11.15 22.01 42.81
CA TYR C 112 -10.10 22.26 41.84
C TYR C 112 -10.55 23.35 40.87
N GLY C 113 -9.64 24.24 40.52
CA GLY C 113 -9.96 25.32 39.62
C GLY C 113 -8.87 25.51 38.57
N ALA C 114 -9.27 26.10 37.45
CA ALA C 114 -8.35 26.34 36.36
C ALA C 114 -8.81 27.57 35.58
N ASP C 115 -7.86 28.44 35.24
CA ASP C 115 -8.16 29.63 34.46
C ASP C 115 -6.87 30.18 33.88
N ILE C 116 -6.99 31.03 32.87
CA ILE C 116 -5.82 31.61 32.20
C ILE C 116 -5.44 32.98 32.74
N ASP C 117 -6.32 33.66 33.47
CA ASP C 117 -6.03 34.99 33.98
C ASP C 117 -5.40 34.86 35.36
N GLU C 118 -4.18 35.40 35.50
CA GLU C 118 -3.47 35.33 36.78
C GLU C 118 -4.18 36.15 37.85
N LYS C 119 -4.74 37.31 37.47
CA LYS C 119 -5.44 38.15 38.44
C LYS C 119 -6.66 37.43 39.01
N ALA C 120 -7.40 36.72 38.15
CA ALA C 120 -8.60 36.02 38.62
C ALA C 120 -8.25 34.92 39.62
N ILE C 121 -7.19 34.15 39.33
CA ILE C 121 -6.79 33.08 40.24
C ILE C 121 -6.34 33.66 41.58
N SER C 122 -5.59 34.77 41.54
CA SER C 122 -5.14 35.40 42.78
C SER C 122 -6.32 35.92 43.59
N ILE C 123 -7.32 36.49 42.93
CA ILE C 123 -8.50 36.98 43.63
C ILE C 123 -9.26 35.82 44.27
N LEU C 124 -9.40 34.71 43.53
CA LEU C 124 -10.11 33.55 44.07
C LEU C 124 -9.35 32.93 45.24
N LYS C 125 -8.03 32.82 45.13
CA LYS C 125 -7.24 32.22 46.20
C LYS C 125 -7.30 33.08 47.47
N ASP C 126 -7.25 34.41 47.31
CA ASP C 126 -7.35 35.30 48.45
C ASP C 126 -8.73 35.20 49.10
N SER C 127 -9.78 35.12 48.28
CA SER C 127 -11.13 34.98 48.83
C SER C 127 -11.33 33.64 49.51
N LEU C 128 -10.74 32.58 48.96
CA LEU C 128 -10.83 31.27 49.62
C LEU C 128 -10.14 31.27 50.97
N THR C 129 -9.01 31.99 51.08
CA THR C 129 -8.33 32.10 52.37
C THR C 129 -9.18 32.90 53.36
N ASN C 130 -10.01 33.82 52.87
CA ASN C 130 -10.87 34.63 53.72
C ASN C 130 -12.27 34.01 53.85
N ILE C 142 -2.08 25.27 53.18
CA ILE C 142 -2.98 24.38 52.46
C ILE C 142 -2.85 24.60 50.96
N LYS C 143 -2.68 23.51 50.21
CA LYS C 143 -2.56 23.58 48.76
C LYS C 143 -3.94 23.78 48.16
N ILE C 144 -4.18 24.97 47.60
CA ILE C 144 -5.51 25.31 47.11
C ILE C 144 -5.90 24.50 45.88
N ASN C 145 -4.94 23.91 45.17
CA ASN C 145 -5.20 23.15 43.95
C ASN C 145 -5.85 24.00 42.86
N LEU C 146 -5.37 25.23 42.71
CA LEU C 146 -5.76 26.09 41.60
C LEU C 146 -4.64 26.11 40.56
N PHE C 147 -5.01 26.17 39.29
CA PHE C 147 -4.05 26.13 38.20
C PHE C 147 -4.26 27.33 37.28
N CYS C 148 -3.19 28.08 37.04
CA CYS C 148 -3.22 29.21 36.10
C CYS C 148 -2.57 28.77 34.80
N CYS C 149 -3.36 28.11 33.96
CA CYS C 149 -2.89 27.58 32.69
C CYS C 149 -4.07 27.46 31.74
N ASP C 150 -3.78 27.05 30.51
CA ASP C 150 -4.83 26.82 29.52
C ASP C 150 -5.55 25.51 29.85
N SER C 151 -6.85 25.61 30.14
CA SER C 151 -7.60 24.43 30.52
C SER C 151 -7.70 23.41 29.39
N LEU C 152 -7.64 23.87 28.14
CA LEU C 152 -7.68 22.96 27.01
C LEU C 152 -6.33 22.33 26.72
N LYS C 153 -5.25 22.79 27.36
CA LYS C 153 -3.91 22.26 27.14
C LYS C 153 -3.32 21.55 28.36
N LYS C 154 -3.92 21.71 29.54
CA LYS C 154 -3.38 21.11 30.76
C LYS C 154 -3.69 19.63 30.78
N LYS C 155 -2.65 18.80 30.74
CA LYS C 155 -2.83 17.35 30.85
C LYS C 155 -3.20 17.00 32.29
N TRP C 156 -4.28 16.23 32.44
CA TRP C 156 -4.81 15.87 33.75
C TRP C 156 -4.43 14.44 34.10
N ARG C 157 -3.81 14.26 35.26
CA ARG C 157 -3.35 12.95 35.71
C ARG C 157 -4.40 12.18 36.51
N TYR C 158 -5.55 12.79 36.80
CA TYR C 158 -6.62 12.12 37.52
C TYR C 158 -7.94 12.79 37.20
N LYS C 159 -9.00 11.99 37.11
CA LYS C 159 -10.31 12.49 36.73
C LYS C 159 -11.05 13.05 37.94
N PHE C 160 -12.22 13.63 37.69
CA PHE C 160 -12.96 14.37 38.71
C PHE C 160 -14.37 13.79 38.88
N ASP C 161 -14.87 13.86 40.11
CA ASP C 161 -16.21 13.34 40.40
C ASP C 161 -17.29 14.26 39.85
N TYR C 162 -17.13 15.58 39.98
CA TYR C 162 -18.13 16.54 39.54
C TYR C 162 -17.47 17.71 38.84
N ILE C 163 -18.12 18.20 37.79
CA ILE C 163 -17.62 19.34 37.01
C ILE C 163 -18.74 20.35 36.84
N VAL C 164 -18.45 21.62 37.16
CA VAL C 164 -19.40 22.72 37.01
C VAL C 164 -18.68 23.87 36.33
N GLY C 165 -19.42 24.94 36.03
CA GLY C 165 -18.81 26.18 35.59
C GLY C 165 -19.53 26.76 34.39
N ASN C 166 -18.92 27.84 33.85
CA ASN C 166 -19.48 28.57 32.73
C ASN C 166 -18.35 28.95 31.78
N PRO C 167 -18.17 28.19 30.70
CA PRO C 167 -16.99 28.38 29.83
C PRO C 167 -17.12 29.66 29.01
N PRO C 168 -16.02 30.12 28.41
CA PRO C 168 -16.11 31.31 27.54
C PRO C 168 -16.65 30.95 26.16
N TYR C 169 -17.44 31.87 25.60
CA TYR C 169 -18.02 31.71 24.27
C TYR C 169 -17.28 32.65 23.33
N ILE C 170 -16.54 32.09 22.37
CA ILE C 170 -15.83 32.89 21.37
C ILE C 170 -16.11 32.30 19.99
N GLY C 171 -16.66 33.11 19.10
CA GLY C 171 -17.00 32.66 17.77
C GLY C 171 -15.81 32.62 16.83
N HIS C 172 -16.09 32.23 15.59
CA HIS C 172 -15.03 32.05 14.62
C HIS C 172 -14.40 33.37 14.20
N LYS C 173 -15.16 34.47 14.24
CA LYS C 173 -14.59 35.76 13.88
C LYS C 173 -13.71 36.34 14.98
N LYS C 174 -13.96 35.97 16.24
CA LYS C 174 -13.31 36.59 17.38
C LYS C 174 -12.17 35.74 17.95
N LEU C 175 -11.82 34.63 17.30
CA LEU C 175 -10.73 33.77 17.75
C LEU C 175 -9.48 34.05 16.93
N GLU C 176 -8.32 34.01 17.60
CA GLU C 176 -7.06 34.22 16.90
C GLU C 176 -6.75 33.03 16.00
N LYS C 177 -6.04 33.30 14.90
CA LYS C 177 -5.73 32.25 13.94
C LYS C 177 -4.84 31.18 14.55
N LYS C 178 -3.83 31.58 15.33
CA LYS C 178 -2.90 30.62 15.89
C LYS C 178 -3.59 29.66 16.85
N TYR C 179 -4.46 30.18 17.71
CA TYR C 179 -5.24 29.32 18.61
C TYR C 179 -6.18 28.42 17.81
N LYS C 180 -6.77 28.94 16.73
CA LYS C 180 -7.72 28.17 15.96
C LYS C 180 -7.06 26.96 15.30
N LYS C 181 -5.81 27.13 14.83
CA LYS C 181 -5.09 26.00 14.25
C LYS C 181 -4.91 24.87 15.27
N PHE C 182 -4.66 25.24 16.53
CA PHE C 182 -4.53 24.23 17.58
C PHE C 182 -5.84 23.50 17.83
N LEU C 183 -6.97 24.24 17.85
CA LEU C 183 -8.26 23.60 18.09
C LEU C 183 -8.63 22.66 16.95
N LEU C 184 -8.33 23.04 15.71
CA LEU C 184 -8.68 22.20 14.57
C LEU C 184 -7.94 20.87 14.60
N GLU C 185 -6.69 20.86 15.08
CA GLU C 185 -5.89 19.64 15.05
C GLU C 185 -6.29 18.68 16.18
N LYS C 186 -6.38 19.19 17.41
CA LYS C 186 -6.55 18.32 18.57
C LYS C 186 -8.00 18.18 19.02
N TYR C 187 -8.89 19.08 18.63
CA TYR C 187 -10.30 19.01 18.99
C TYR C 187 -11.17 18.82 17.75
N SER C 188 -10.65 18.11 16.76
CA SER C 188 -11.37 17.92 15.50
C SER C 188 -12.67 17.14 15.68
N GLU C 189 -12.81 16.40 16.79
CA GLU C 189 -14.02 15.61 16.99
C GLU C 189 -15.25 16.48 17.17
N VAL C 190 -15.08 17.71 17.66
CA VAL C 190 -16.22 18.62 17.83
C VAL C 190 -16.03 19.97 17.18
N TYR C 191 -14.79 20.43 16.94
CA TYR C 191 -14.53 21.78 16.44
C TYR C 191 -14.10 21.72 14.98
N LYS C 192 -14.83 22.41 14.13
CA LYS C 192 -14.47 22.56 12.73
C LYS C 192 -15.35 23.65 12.12
N ASP C 193 -14.81 24.33 11.11
CA ASP C 193 -15.53 25.34 10.33
C ASP C 193 -15.97 26.45 11.28
N LYS C 194 -17.25 26.80 11.35
CA LYS C 194 -17.71 27.96 12.10
C LYS C 194 -18.04 27.64 13.55
N ALA C 195 -17.48 26.57 14.11
CA ALA C 195 -17.78 26.16 15.47
C ALA C 195 -17.27 27.18 16.49
N ASP C 196 -17.75 27.05 17.71
CA ASP C 196 -17.43 27.97 18.80
C ASP C 196 -16.51 27.30 19.81
N LEU C 197 -15.82 28.14 20.60
CA LEU C 197 -14.83 27.65 21.54
C LEU C 197 -15.47 26.76 22.62
N TYR C 198 -16.69 27.10 23.04
CA TYR C 198 -17.32 26.29 24.10
C TYR C 198 -17.64 24.88 23.63
N PHE C 199 -17.57 24.61 22.32
CA PHE C 199 -17.66 23.22 21.86
C PHE C 199 -16.52 22.40 22.45
N CYS C 200 -15.32 22.98 22.48
CA CYS C 200 -14.14 22.25 22.96
C CYS C 200 -14.18 22.07 24.48
N PHE C 201 -14.72 23.05 25.20
CA PHE C 201 -14.87 22.90 26.65
C PHE C 201 -15.84 21.77 26.99
N TYR C 202 -16.89 21.60 26.19
CA TYR C 202 -17.78 20.45 26.38
C TYR C 202 -17.00 19.14 26.25
N LYS C 203 -16.17 19.02 25.21
CA LYS C 203 -15.43 17.79 25.01
C LYS C 203 -14.39 17.57 26.11
N LYS C 204 -13.73 18.64 26.55
CA LYS C 204 -12.77 18.50 27.64
C LYS C 204 -13.44 18.09 28.94
N ILE C 205 -14.62 18.66 29.22
CA ILE C 205 -15.34 18.32 30.45
C ILE C 205 -15.74 16.85 30.45
N ILE C 206 -16.23 16.35 29.31
CA ILE C 206 -16.64 14.95 29.23
C ILE C 206 -15.44 14.03 29.38
N ASP C 207 -14.31 14.39 28.77
CA ASP C 207 -13.15 13.49 28.77
C ASP C 207 -12.59 13.27 30.17
N ILE C 208 -12.50 14.32 30.96
CA ILE C 208 -11.85 14.24 32.28
C ILE C 208 -12.89 13.98 33.39
N LEU C 209 -14.10 13.58 33.03
CA LEU C 209 -15.12 13.24 34.00
C LEU C 209 -14.96 11.77 34.39
N LYS C 210 -14.84 11.51 35.68
CA LYS C 210 -14.66 10.15 36.15
C LYS C 210 -15.92 9.33 35.90
N GLN C 211 -15.74 8.01 35.75
CA GLN C 211 -16.86 7.13 35.49
C GLN C 211 -17.81 7.13 36.68
N GLY C 212 -19.06 7.53 36.44
CA GLY C 212 -20.03 7.73 37.50
C GLY C 212 -20.17 9.15 37.96
N GLY C 213 -19.47 10.11 37.34
CA GLY C 213 -19.55 11.49 37.74
C GLY C 213 -20.70 12.24 37.08
N ILE C 214 -20.91 13.47 37.54
CA ILE C 214 -22.01 14.32 37.10
C ILE C 214 -21.44 15.66 36.66
N GLY C 215 -21.88 16.16 35.51
CA GLY C 215 -21.46 17.46 35.03
C GLY C 215 -22.62 18.37 34.69
N SER C 216 -22.59 19.60 35.20
CA SER C 216 -23.60 20.60 34.91
C SER C 216 -22.92 21.91 34.50
N VAL C 217 -23.39 22.49 33.41
CA VAL C 217 -22.75 23.66 32.81
C VAL C 217 -23.83 24.52 32.18
N ILE C 218 -23.53 25.82 32.03
CA ILE C 218 -24.40 26.75 31.32
C ILE C 218 -23.63 27.28 30.12
N THR C 219 -24.17 27.07 28.93
CA THR C 219 -23.54 27.42 27.67
C THR C 219 -24.59 28.05 26.75
N PRO C 220 -24.21 28.60 25.59
CA PRO C 220 -25.24 29.04 24.64
C PRO C 220 -26.09 27.86 24.19
N ARG C 221 -27.32 28.17 23.81
CA ARG C 221 -28.25 27.15 23.35
C ARG C 221 -28.09 26.80 21.88
N TYR C 222 -27.22 27.49 21.15
CA TYR C 222 -27.25 27.43 19.70
C TYR C 222 -26.82 26.06 19.17
N PHE C 223 -25.92 25.36 19.88
CA PHE C 223 -25.45 24.07 19.42
C PHE C 223 -26.55 23.01 19.40
N LEU C 224 -27.70 23.27 20.03
CA LEU C 224 -28.80 22.30 20.02
C LEU C 224 -29.43 22.16 18.64
N GLU C 225 -29.31 23.19 17.80
CA GLU C 225 -29.92 23.17 16.47
C GLU C 225 -28.98 23.58 15.34
N SER C 226 -27.88 24.27 15.65
CA SER C 226 -27.03 24.82 14.60
C SER C 226 -26.31 23.71 13.83
N LEU C 227 -26.02 24.00 12.56
CA LEU C 227 -25.30 23.05 11.73
C LEU C 227 -23.91 22.78 12.31
N SER C 228 -23.25 23.81 12.84
CA SER C 228 -21.92 23.64 13.41
C SER C 228 -21.90 22.69 14.59
N GLY C 229 -23.04 22.51 15.27
CA GLY C 229 -23.08 21.66 16.44
C GLY C 229 -23.36 20.20 16.18
N LYS C 230 -23.42 19.77 14.91
CA LYS C 230 -23.81 18.39 14.64
C LYS C 230 -22.84 17.39 15.29
N ASP C 231 -21.53 17.64 15.18
CA ASP C 231 -20.55 16.74 15.75
C ASP C 231 -20.55 16.80 17.27
N LEU C 232 -20.78 17.99 17.83
CA LEU C 232 -20.85 18.12 19.29
C LEU C 232 -22.03 17.32 19.85
N ARG C 233 -23.20 17.41 19.21
CA ARG C 233 -24.36 16.67 19.67
C ARG C 233 -24.13 15.17 19.60
N GLU C 234 -23.49 14.69 18.52
CA GLU C 234 -23.17 13.27 18.43
C GLU C 234 -22.17 12.86 19.51
N TYR C 235 -21.19 13.73 19.81
CA TYR C 235 -20.23 13.41 20.85
C TYR C 235 -20.89 13.30 22.22
N ILE C 236 -21.77 14.25 22.55
CA ILE C 236 -22.48 14.20 23.83
C ILE C 236 -23.41 13.01 23.88
N LYS C 237 -24.16 12.77 22.80
CA LYS C 237 -25.15 11.70 22.79
C LYS C 237 -24.50 10.32 22.96
N SER C 238 -23.26 10.17 22.51
CA SER C 238 -22.60 8.86 22.51
C SER C 238 -21.76 8.59 23.76
N ASN C 239 -21.35 9.62 24.48
CA ASN C 239 -20.43 9.44 25.60
C ASN C 239 -21.08 9.54 26.97
N VAL C 240 -22.09 10.40 27.15
CA VAL C 240 -22.70 10.62 28.45
C VAL C 240 -24.21 10.48 28.33
N ASN C 241 -24.84 10.20 29.47
CA ASN C 241 -26.29 10.22 29.58
C ASN C 241 -26.73 11.62 29.97
N VAL C 242 -27.55 12.25 29.13
CA VAL C 242 -28.03 13.60 29.42
C VAL C 242 -29.21 13.50 30.39
N GLN C 243 -29.07 14.13 31.55
CA GLN C 243 -30.12 14.09 32.56
C GLN C 243 -31.24 15.08 32.23
N GLU C 244 -30.89 16.35 32.07
CA GLU C 244 -31.90 17.36 31.80
C GLU C 244 -31.28 18.50 31.00
N ILE C 245 -32.15 19.23 30.30
CA ILE C 245 -31.79 20.39 29.53
C ILE C 245 -32.74 21.52 29.91
N VAL C 246 -32.19 22.66 30.30
CA VAL C 246 -32.98 23.85 30.62
C VAL C 246 -32.75 24.85 29.50
N ASP C 247 -33.73 25.00 28.62
CA ASP C 247 -33.63 25.85 27.44
C ASP C 247 -34.39 27.14 27.68
N PHE C 248 -33.67 28.26 27.65
CA PHE C 248 -34.28 29.56 27.91
C PHE C 248 -34.75 30.27 26.64
N LEU C 249 -34.47 29.72 25.46
CA LEU C 249 -35.08 30.11 24.19
C LEU C 249 -35.11 31.63 24.00
N GLY C 250 -33.93 32.24 24.00
CA GLY C 250 -33.88 33.66 23.72
C GLY C 250 -34.22 34.59 24.87
N ALA C 251 -34.32 34.07 26.09
CA ALA C 251 -34.43 34.94 27.25
C ALA C 251 -33.08 35.59 27.55
N ASN C 252 -33.12 36.75 28.20
CA ASN C 252 -31.92 37.52 28.53
C ASN C 252 -31.47 37.17 29.94
N ILE C 253 -30.74 36.06 30.05
CA ILE C 253 -30.22 35.61 31.34
C ILE C 253 -29.08 36.52 31.80
N PHE C 254 -28.22 36.93 30.88
CA PHE C 254 -27.08 37.80 31.20
C PHE C 254 -27.43 39.24 30.84
N LYS C 255 -27.38 40.12 31.83
CA LYS C 255 -27.73 41.52 31.61
C LYS C 255 -26.73 42.17 30.67
N ASN C 256 -27.27 42.94 29.71
CA ASN C 256 -26.45 43.69 28.75
C ASN C 256 -25.53 42.78 27.93
N ILE C 257 -25.91 41.51 27.78
CA ILE C 257 -25.15 40.56 26.98
C ILE C 257 -26.11 39.94 25.97
N GLY C 258 -25.74 39.98 24.70
CA GLY C 258 -26.57 39.46 23.64
C GLY C 258 -26.33 37.99 23.34
N VAL C 259 -26.69 37.10 24.26
CA VAL C 259 -26.57 35.67 24.06
C VAL C 259 -27.78 34.99 24.69
N SER C 260 -28.17 33.85 24.11
CA SER C 260 -29.24 33.02 24.64
C SER C 260 -28.64 31.74 25.20
N SER C 261 -28.98 31.44 26.46
CA SER C 261 -28.27 30.45 27.24
C SER C 261 -29.11 29.19 27.44
N CYS C 262 -28.45 28.16 27.98
CA CYS C 262 -29.12 26.94 28.39
C CYS C 262 -28.25 26.24 29.41
N ILE C 263 -28.86 25.30 30.15
CA ILE C 263 -28.18 24.55 31.19
C ILE C 263 -28.25 23.06 30.84
N LEU C 264 -27.10 22.40 30.84
CA LEU C 264 -26.99 21.00 30.45
C LEU C 264 -26.46 20.20 31.63
N THR C 265 -27.12 19.10 31.94
CA THR C 265 -26.71 18.20 33.03
C THR C 265 -26.57 16.79 32.47
N PHE C 266 -25.43 16.16 32.73
CA PHE C 266 -25.12 14.86 32.16
C PHE C 266 -24.29 14.07 33.15
N ASP C 267 -24.25 12.76 32.95
CA ASP C 267 -23.56 11.87 33.86
C ASP C 267 -22.98 10.69 33.09
N LYS C 268 -22.01 10.02 33.72
CA LYS C 268 -21.45 8.78 33.19
C LYS C 268 -21.85 7.58 34.05
N LYS C 269 -23.04 7.62 34.63
CA LYS C 269 -23.52 6.56 35.51
C LYS C 269 -23.96 5.35 34.68
N LYS C 270 -24.47 4.33 35.37
CA LYS C 270 -24.98 3.15 34.69
C LYS C 270 -26.18 3.53 33.83
N THR C 271 -26.05 3.32 32.52
CA THR C 271 -27.11 3.74 31.60
C THR C 271 -28.40 2.98 31.90
N LYS C 272 -29.51 3.72 31.97
CA LYS C 272 -30.81 3.17 32.28
C LYS C 272 -31.84 3.73 31.31
N GLU C 273 -33.10 3.31 31.50
CA GLU C 273 -34.19 3.74 30.64
C GLU C 273 -34.73 5.12 31.02
N THR C 274 -34.01 5.87 31.86
CA THR C 274 -34.45 7.21 32.23
C THR C 274 -34.33 8.14 31.02
N TYR C 275 -35.41 8.86 30.74
CA TYR C 275 -35.44 9.78 29.61
C TYR C 275 -34.73 11.08 29.97
N ILE C 276 -34.70 12.01 29.02
CA ILE C 276 -34.13 13.33 29.24
C ILE C 276 -35.25 14.30 29.56
N ASP C 277 -35.12 15.00 30.68
CA ASP C 277 -36.11 15.98 31.12
C ASP C 277 -35.78 17.33 30.50
N VAL C 278 -36.67 17.83 29.65
CA VAL C 278 -36.46 19.07 28.92
C VAL C 278 -37.37 20.14 29.50
N PHE C 279 -36.79 21.29 29.85
CA PHE C 279 -37.53 22.45 30.37
C PHE C 279 -37.36 23.60 29.39
N LYS C 280 -38.33 23.78 28.50
CA LYS C 280 -38.33 24.89 27.56
C LYS C 280 -39.21 26.01 28.09
N ILE C 281 -38.67 27.24 28.08
CA ILE C 281 -39.42 28.38 28.58
C ILE C 281 -40.58 28.68 27.63
N LYS C 282 -41.63 29.28 28.19
CA LYS C 282 -42.80 29.63 27.41
C LYS C 282 -42.98 31.13 27.24
N ASN C 283 -42.36 31.94 28.09
CA ASN C 283 -42.35 33.39 27.96
C ASN C 283 -40.90 33.86 27.99
N GLU C 284 -40.47 34.56 26.95
CA GLU C 284 -39.11 35.04 26.87
C GLU C 284 -38.87 36.34 27.61
N ASP C 285 -39.93 36.98 28.12
CA ASP C 285 -39.83 38.32 28.70
C ASP C 285 -39.57 38.28 30.20
N ILE C 286 -39.20 37.14 30.76
CA ILE C 286 -39.00 37.01 32.21
C ILE C 286 -37.68 37.65 32.62
N CYS C 287 -37.66 38.18 33.83
CA CYS C 287 -36.45 38.70 34.45
C CYS C 287 -35.91 37.66 35.43
N ILE C 288 -34.67 37.20 35.21
CA ILE C 288 -34.12 36.13 36.03
C ILE C 288 -33.94 36.59 37.47
N ASN C 289 -33.52 37.85 37.67
CA ASN C 289 -33.24 38.34 39.01
C ASN C 289 -34.49 38.53 39.87
N LYS C 290 -35.67 38.41 39.29
CA LYS C 290 -36.90 38.64 40.03
C LYS C 290 -37.38 37.40 40.79
N PHE C 291 -36.68 36.27 40.68
CA PHE C 291 -37.13 35.03 41.27
C PHE C 291 -36.12 34.53 42.31
N GLU C 292 -36.63 34.07 43.46
CA GLU C 292 -35.79 33.64 44.56
C GLU C 292 -34.99 32.38 44.24
N THR C 293 -35.40 31.63 43.22
CA THR C 293 -34.85 30.31 42.97
C THR C 293 -35.25 29.87 41.57
N LEU C 294 -34.40 29.06 40.93
CA LEU C 294 -34.70 28.60 39.58
C LEU C 294 -35.79 27.52 39.59
N GLU C 295 -35.84 26.71 40.64
CA GLU C 295 -36.86 25.68 40.73
C GLU C 295 -38.27 26.28 40.77
N GLU C 296 -38.41 27.49 41.32
CA GLU C 296 -39.69 28.18 41.29
C GLU C 296 -40.16 28.38 39.85
N LEU C 297 -39.23 28.61 38.93
CA LEU C 297 -39.58 28.79 37.52
C LEU C 297 -39.89 27.47 36.83
N LEU C 298 -39.00 26.49 36.98
CA LEU C 298 -39.17 25.23 36.26
C LEU C 298 -40.44 24.50 36.70
N LYS C 299 -40.75 24.54 37.98
CA LYS C 299 -41.92 23.83 38.50
C LYS C 299 -43.21 24.63 38.37
N SER C 300 -43.20 25.70 37.57
CA SER C 300 -44.36 26.57 37.41
C SER C 300 -44.89 26.47 35.98
N SER C 301 -45.92 27.27 35.71
CA SER C 301 -46.55 27.35 34.40
C SER C 301 -45.72 28.14 33.40
N LYS C 302 -44.55 28.66 33.79
CA LYS C 302 -43.72 29.42 32.88
C LYS C 302 -42.74 28.55 32.10
N PHE C 303 -42.67 27.26 32.40
CA PHE C 303 -41.83 26.32 31.68
C PHE C 303 -42.65 25.10 31.30
N GLU C 304 -42.38 24.56 30.11
CA GLU C 304 -42.98 23.32 29.66
C GLU C 304 -41.99 22.18 29.88
N HIS C 305 -42.49 21.06 30.38
CA HIS C 305 -41.68 19.87 30.58
C HIS C 305 -42.18 18.74 29.70
N PHE C 306 -41.24 17.99 29.13
CA PHE C 306 -41.56 16.77 28.40
C PHE C 306 -40.32 15.89 28.38
N ASN C 307 -40.52 14.63 28.02
CA ASN C 307 -39.48 13.61 28.02
C ASN C 307 -39.01 13.31 26.60
N ILE C 308 -37.71 13.14 26.44
CA ILE C 308 -37.12 12.74 25.17
C ILE C 308 -36.25 11.51 25.40
N ASN C 309 -36.44 10.48 24.60
CA ASN C 309 -35.63 9.27 24.70
C ASN C 309 -34.29 9.53 24.03
N GLN C 310 -33.21 9.37 24.81
CA GLN C 310 -31.88 9.66 24.28
C GLN C 310 -31.50 8.71 23.16
N ARG C 311 -31.87 7.43 23.28
CA ARG C 311 -31.52 6.45 22.27
C ARG C 311 -32.18 6.77 20.93
N LEU C 312 -33.34 7.43 20.96
CA LEU C 312 -34.07 7.75 19.74
C LEU C 312 -33.62 9.04 19.07
N LEU C 313 -32.63 9.73 19.64
CA LEU C 313 -32.12 10.94 19.00
C LEU C 313 -31.28 10.60 17.77
N SER C 314 -31.24 11.53 16.84
CA SER C 314 -30.44 11.46 15.63
C SER C 314 -29.43 12.60 15.63
N ASP C 315 -28.81 12.84 14.47
CA ASP C 315 -27.96 14.01 14.33
C ASP C 315 -28.71 15.31 14.61
N GLU C 316 -30.04 15.31 14.42
CA GLU C 316 -30.88 16.44 14.77
C GLU C 316 -31.62 16.12 16.07
N TRP C 317 -31.52 17.03 17.05
CA TRP C 317 -32.19 16.87 18.34
C TRP C 317 -33.52 17.61 18.28
N ILE C 318 -34.59 16.89 17.99
CA ILE C 318 -35.92 17.46 17.91
C ILE C 318 -36.54 17.40 19.30
N LEU C 319 -36.45 18.52 20.03
CA LEU C 319 -36.91 18.57 21.41
C LEU C 319 -38.29 19.23 21.43
N VAL C 320 -39.32 18.43 21.16
CA VAL C 320 -40.69 18.90 21.14
C VAL C 320 -41.59 17.86 21.81
N ASN C 321 -42.79 18.30 22.20
CA ASN C 321 -43.72 17.40 22.84
C ASN C 321 -44.32 16.42 21.81
N LYS C 322 -45.20 15.55 22.29
CA LYS C 322 -45.75 14.50 21.44
C LYS C 322 -46.59 15.06 20.30
N ASP C 323 -47.36 16.12 20.57
CA ASP C 323 -48.23 16.68 19.54
C ASP C 323 -47.41 17.27 18.40
N ASP C 324 -46.34 18.00 18.73
CA ASP C 324 -45.49 18.58 17.69
C ASP C 324 -44.73 17.48 16.93
N GLU C 325 -44.31 16.42 17.64
CA GLU C 325 -43.58 15.33 17.01
C GLU C 325 -44.43 14.64 15.95
N THR C 326 -45.70 14.35 16.27
CA THR C 326 -46.60 13.76 15.28
C THR C 326 -46.92 14.76 14.17
N PHE C 327 -47.05 16.03 14.52
CA PHE C 327 -47.30 17.06 13.52
C PHE C 327 -46.13 17.17 12.55
N TYR C 328 -44.90 17.20 13.07
CA TYR C 328 -43.72 17.31 12.23
C TYR C 328 -43.57 16.09 11.32
N ASN C 329 -43.74 14.90 11.88
CA ASN C 329 -43.56 13.68 11.09
C ASN C 329 -44.64 13.52 10.05
N LYS C 330 -45.87 13.98 10.35
CA LYS C 330 -46.95 13.87 9.39
C LYS C 330 -46.64 14.67 8.12
N ILE C 331 -46.12 15.89 8.29
CA ILE C 331 -45.75 16.69 7.13
C ILE C 331 -44.58 16.06 6.38
N GLN C 332 -43.62 15.50 7.12
CA GLN C 332 -42.45 14.90 6.48
C GLN C 332 -42.85 13.74 5.58
N GLU C 333 -43.76 12.88 6.04
CA GLU C 333 -44.16 11.73 5.24
C GLU C 333 -45.03 12.14 4.06
N LYS C 334 -45.87 13.16 4.22
CA LYS C 334 -46.78 13.55 3.14
C LYS C 334 -46.04 14.20 1.98
N CYS C 335 -45.05 15.04 2.28
CA CYS C 335 -44.38 15.81 1.24
C CYS C 335 -43.32 14.97 0.54
N LYS C 336 -43.35 14.98 -0.79
CA LYS C 336 -42.39 14.25 -1.59
C LYS C 336 -41.26 15.12 -2.11
N TYR C 337 -41.42 16.43 -2.09
CA TYR C 337 -40.41 17.37 -2.56
C TYR C 337 -39.80 18.13 -1.39
N SER C 338 -38.69 18.81 -1.67
CA SER C 338 -38.10 19.77 -0.75
C SER C 338 -37.64 20.97 -1.57
N LEU C 339 -37.45 22.10 -0.88
CA LEU C 339 -37.05 23.32 -1.59
C LEU C 339 -35.70 23.13 -2.27
N GLU C 340 -34.76 22.44 -1.63
CA GLU C 340 -33.47 22.19 -2.24
C GLU C 340 -33.60 21.38 -3.52
N ASP C 341 -34.63 20.52 -3.60
CA ASP C 341 -34.84 19.71 -4.79
C ASP C 341 -35.29 20.54 -5.98
N ILE C 342 -36.03 21.63 -5.75
CA ILE C 342 -36.67 22.36 -6.83
C ILE C 342 -36.18 23.78 -6.99
N ALA C 343 -35.25 24.24 -6.14
CA ALA C 343 -34.84 25.63 -6.17
C ALA C 343 -33.33 25.77 -6.08
N ILE C 344 -32.84 26.88 -6.59
CA ILE C 344 -31.43 27.28 -6.51
C ILE C 344 -31.35 28.38 -5.46
N SER C 345 -30.55 28.16 -4.42
CA SER C 345 -30.42 29.08 -3.31
C SER C 345 -29.09 29.83 -3.39
N PHE C 346 -29.08 31.06 -2.86
CA PHE C 346 -27.84 31.83 -2.81
C PHE C 346 -27.94 32.93 -1.76
N GLN C 347 -26.79 33.32 -1.23
CA GLN C 347 -26.65 34.40 -0.27
C GLN C 347 -26.46 35.73 -1.00
N GLY C 348 -26.73 36.82 -0.28
CA GLY C 348 -26.68 38.15 -0.88
C GLY C 348 -25.26 38.63 -1.11
N ILE C 349 -25.19 39.85 -1.66
CA ILE C 349 -23.90 40.51 -1.90
C ILE C 349 -23.21 40.78 -0.58
N ILE C 350 -21.91 40.51 -0.52
CA ILE C 350 -21.10 40.86 0.63
C ILE C 350 -20.03 41.81 0.12
N THR C 351 -20.21 43.10 0.37
CA THR C 351 -19.28 44.11 -0.15
C THR C 351 -17.95 44.09 0.60
N GLY C 352 -17.99 43.84 1.91
CA GLY C 352 -16.83 43.97 2.77
C GLY C 352 -16.72 45.32 3.45
N CYS C 353 -17.38 46.35 2.91
CA CYS C 353 -17.51 47.64 3.59
C CYS C 353 -18.72 48.34 2.98
N ASP C 354 -19.87 48.24 3.66
CA ASP C 354 -21.13 48.75 3.09
C ASP C 354 -21.10 50.26 2.90
N LYS C 355 -20.41 50.99 3.79
CA LYS C 355 -20.38 52.45 3.70
C LYS C 355 -19.67 52.96 2.47
N ALA C 356 -18.95 52.09 1.74
CA ALA C 356 -18.25 52.49 0.52
C ALA C 356 -19.06 52.25 -0.75
N PHE C 357 -20.07 51.36 -0.72
CA PHE C 357 -20.80 50.99 -1.92
C PHE C 357 -22.30 51.26 -1.84
N ILE C 358 -22.83 51.61 -0.68
CA ILE C 358 -24.27 51.78 -0.48
C ILE C 358 -24.57 53.25 -0.21
N LEU C 359 -25.50 53.81 -0.97
CA LEU C 359 -25.94 55.19 -0.81
C LEU C 359 -27.45 55.25 -0.75
N SER C 360 -27.97 56.26 -0.07
CA SER C 360 -29.42 56.47 -0.03
C SER C 360 -29.91 56.94 -1.39
N LYS C 361 -31.18 56.64 -1.69
CA LYS C 361 -31.75 56.94 -2.99
C LYS C 361 -31.74 58.43 -3.31
N ASP C 362 -31.74 59.28 -2.28
CA ASP C 362 -31.76 60.73 -2.46
C ASP C 362 -30.39 61.37 -2.31
N ASP C 363 -29.32 60.58 -2.21
CA ASP C 363 -27.99 61.13 -2.01
C ASP C 363 -27.51 61.87 -3.26
N VAL C 364 -26.86 63.01 -3.04
CA VAL C 364 -26.40 63.84 -4.15
C VAL C 364 -25.19 63.24 -4.85
N LYS C 365 -24.41 62.40 -4.17
CA LYS C 365 -23.25 61.79 -4.82
C LYS C 365 -23.65 60.84 -5.94
N LEU C 366 -24.92 60.43 -6.00
CA LEU C 366 -25.37 59.53 -7.06
C LEU C 366 -25.34 60.19 -8.44
N ASN C 367 -25.19 61.51 -8.50
CA ASN C 367 -24.98 62.17 -9.79
C ASN C 367 -23.61 61.84 -10.38
N LEU C 368 -22.68 61.35 -9.57
CA LEU C 368 -21.35 60.96 -10.03
C LEU C 368 -21.33 59.55 -10.62
N VAL C 369 -22.40 58.79 -10.45
CA VAL C 369 -22.46 57.38 -10.83
C VAL C 369 -23.45 57.21 -11.98
N ASP C 370 -23.04 56.50 -13.01
CA ASP C 370 -23.94 56.16 -14.11
C ASP C 370 -24.94 55.10 -13.66
N ASP C 371 -26.16 55.18 -14.22
CA ASP C 371 -27.23 54.29 -13.82
C ASP C 371 -26.94 52.82 -14.12
N LYS C 372 -26.01 52.54 -15.03
CA LYS C 372 -25.68 51.15 -15.37
C LYS C 372 -25.02 50.43 -14.20
N PHE C 373 -24.30 51.16 -13.34
CA PHE C 373 -23.67 50.57 -12.18
C PHE C 373 -24.58 50.47 -10.97
N LEU C 374 -25.70 51.20 -10.97
CA LEU C 374 -26.56 51.31 -9.79
C LEU C 374 -27.60 50.21 -9.77
N LYS C 375 -27.76 49.59 -8.60
CA LYS C 375 -28.73 48.52 -8.38
C LYS C 375 -29.59 48.88 -7.17
N CYS C 376 -30.84 48.43 -7.20
CA CYS C 376 -31.70 48.59 -6.04
C CYS C 376 -31.23 47.69 -4.90
N TRP C 377 -31.22 48.24 -3.69
CA TRP C 377 -30.64 47.60 -2.51
C TRP C 377 -31.67 47.57 -1.40
N ILE C 378 -32.03 46.37 -0.94
CA ILE C 378 -32.98 46.25 0.15
C ILE C 378 -32.31 45.64 1.37
N LYS C 379 -32.86 45.94 2.53
CA LYS C 379 -32.42 45.41 3.80
C LYS C 379 -33.50 44.47 4.36
N SER C 380 -33.15 43.77 5.42
CA SER C 380 -34.03 42.72 5.94
C SER C 380 -35.38 43.27 6.36
N LYS C 381 -35.43 44.53 6.83
CA LYS C 381 -36.70 45.11 7.27
C LYS C 381 -37.67 45.33 6.11
N ASN C 382 -37.20 45.28 4.87
CA ASN C 382 -38.05 45.57 3.72
C ASN C 382 -38.85 44.38 3.24
N ILE C 383 -38.61 43.18 3.77
CA ILE C 383 -39.28 41.97 3.31
C ILE C 383 -40.56 41.78 4.12
N ASN C 384 -41.68 41.68 3.43
CA ASN C 384 -42.98 41.41 4.03
C ASN C 384 -43.43 40.00 3.65
N LYS C 385 -44.62 39.62 4.11
CA LYS C 385 -45.07 38.24 3.96
C LYS C 385 -45.29 37.85 2.50
N TYR C 386 -45.56 38.81 1.62
CA TYR C 386 -45.79 38.44 0.23
C TYR C 386 -45.01 39.32 -0.75
N ILE C 387 -44.78 40.57 -0.38
CA ILE C 387 -44.19 41.55 -1.29
C ILE C 387 -42.98 42.18 -0.61
N VAL C 388 -42.25 42.98 -1.38
CA VAL C 388 -41.07 43.68 -0.89
C VAL C 388 -41.34 45.18 -0.94
N ASP C 389 -41.01 45.87 0.14
CA ASP C 389 -41.13 47.32 0.15
C ASP C 389 -40.20 47.94 -0.88
N LYS C 390 -40.60 49.10 -1.40
CA LYS C 390 -39.77 49.83 -2.34
C LYS C 390 -38.41 50.12 -1.71
N SER C 391 -37.35 49.92 -2.50
CA SER C 391 -36.00 50.13 -2.00
C SER C 391 -35.72 51.60 -1.76
N GLU C 392 -35.02 51.89 -0.66
CA GLU C 392 -34.61 53.24 -0.31
C GLU C 392 -33.10 53.43 -0.41
N TYR C 393 -32.37 52.42 -0.89
CA TYR C 393 -30.92 52.47 -1.03
C TYR C 393 -30.53 52.00 -2.43
N ARG C 394 -29.33 52.41 -2.84
CA ARG C 394 -28.75 52.02 -4.11
C ARG C 394 -27.39 51.36 -3.87
N LEU C 395 -27.07 50.38 -4.69
CA LEU C 395 -25.80 49.67 -4.62
C LEU C 395 -24.94 50.04 -5.81
N ILE C 396 -23.68 50.37 -5.56
CA ILE C 396 -22.70 50.64 -6.62
C ILE C 396 -22.03 49.31 -6.95
N TYR C 397 -22.42 48.69 -8.06
CA TYR C 397 -21.84 47.40 -8.44
C TYR C 397 -20.49 47.65 -9.12
N SER C 398 -19.48 47.88 -8.28
CA SER C 398 -18.18 48.33 -8.77
C SER C 398 -17.44 47.28 -9.60
N ASN C 399 -17.86 46.02 -9.56
CA ASN C 399 -17.20 45.00 -10.36
C ASN C 399 -17.34 45.24 -11.86
N ASP C 400 -18.32 46.05 -12.27
CA ASP C 400 -18.53 46.37 -13.67
C ASP C 400 -17.65 47.50 -14.17
N ILE C 401 -16.68 47.94 -13.38
CA ILE C 401 -15.69 48.94 -13.80
C ILE C 401 -14.42 48.20 -14.19
N ASP C 402 -13.99 48.38 -15.44
CA ASP C 402 -12.87 47.61 -15.96
C ASP C 402 -11.57 47.94 -15.21
N ASN C 403 -11.27 49.23 -15.05
CA ASN C 403 -10.04 49.65 -14.39
C ASN C 403 -10.27 50.99 -13.71
N GLU C 404 -9.21 51.51 -13.09
CA GLU C 404 -9.30 52.76 -12.33
C GLU C 404 -9.26 54.01 -13.20
N ASN C 405 -8.85 53.90 -14.46
CA ASN C 405 -8.73 55.06 -15.32
C ASN C 405 -9.99 55.36 -16.11
N THR C 406 -10.97 54.46 -16.14
CA THR C 406 -12.19 54.69 -16.90
C THR C 406 -13.15 55.61 -16.15
N ASN C 407 -13.59 55.19 -14.96
CA ASN C 407 -14.44 55.99 -14.10
C ASN C 407 -13.66 56.31 -12.83
N LYS C 408 -12.80 57.33 -12.91
CA LYS C 408 -11.99 57.70 -11.75
C LYS C 408 -12.80 58.47 -10.71
N ARG C 409 -13.80 59.24 -11.14
CA ARG C 409 -14.50 60.12 -10.22
C ARG C 409 -15.29 59.33 -9.18
N ILE C 410 -15.85 58.18 -9.58
CA ILE C 410 -16.55 57.35 -8.61
C ILE C 410 -15.59 56.83 -7.54
N LEU C 411 -14.42 56.35 -7.97
CA LEU C 411 -13.46 55.78 -7.02
C LEU C 411 -12.91 56.85 -6.09
N ASP C 412 -12.58 58.03 -6.62
CA ASP C 412 -11.92 59.04 -5.81
C ASP C 412 -12.87 59.70 -4.82
N GLU C 413 -14.17 59.77 -5.14
CA GLU C 413 -15.10 60.56 -4.34
C GLU C 413 -16.08 59.74 -3.53
N ILE C 414 -16.24 58.45 -3.80
CA ILE C 414 -17.20 57.65 -3.05
C ILE C 414 -16.51 56.46 -2.40
N ILE C 415 -16.01 55.54 -3.23
CA ILE C 415 -15.47 54.28 -2.72
C ILE C 415 -14.14 54.50 -2.02
N GLY C 416 -13.31 55.41 -2.54
CA GLY C 416 -11.98 55.63 -2.00
C GLY C 416 -11.95 56.21 -0.60
N LEU C 417 -13.08 56.71 -0.10
CA LEU C 417 -13.13 57.22 1.27
C LEU C 417 -12.82 56.13 2.28
N TYR C 418 -12.96 54.87 1.90
CA TYR C 418 -12.65 53.74 2.77
C TYR C 418 -11.61 52.83 2.13
N LYS C 419 -10.67 53.42 1.37
CA LYS C 419 -9.72 52.64 0.60
C LYS C 419 -8.84 51.79 1.51
N THR C 420 -8.34 52.38 2.60
CA THR C 420 -7.48 51.64 3.51
C THR C 420 -8.21 50.45 4.12
N LYS C 421 -9.47 50.64 4.53
CA LYS C 421 -10.24 49.53 5.06
C LYS C 421 -10.51 48.49 3.99
N LEU C 422 -10.76 48.93 2.75
CA LEU C 422 -10.99 47.99 1.65
C LEU C 422 -9.72 47.20 1.32
N GLU C 423 -8.55 47.81 1.47
CA GLU C 423 -7.31 47.12 1.17
C GLU C 423 -6.98 46.03 2.19
N ASN C 424 -7.55 46.09 3.39
CA ASN C 424 -7.28 45.09 4.40
C ASN C 424 -8.15 43.84 4.25
N ARG C 425 -9.07 43.81 3.31
CA ARG C 425 -9.86 42.62 3.08
C ARG C 425 -8.96 41.49 2.58
N ARG C 426 -9.37 40.25 2.90
CA ARG C 426 -8.50 39.10 2.67
C ARG C 426 -8.15 38.94 1.18
N GLU C 427 -9.14 39.10 0.31
CA GLU C 427 -8.89 38.89 -1.11
C GLU C 427 -8.09 40.02 -1.75
N CYS C 428 -8.13 41.23 -1.17
CA CYS C 428 -7.27 42.29 -1.67
C CYS C 428 -5.82 42.04 -1.29
N LYS C 429 -5.58 41.53 -0.08
CA LYS C 429 -4.22 41.23 0.35
C LYS C 429 -3.59 40.16 -0.53
N SER C 430 -4.37 39.14 -0.91
CA SER C 430 -3.89 38.10 -1.80
C SER C 430 -3.82 38.54 -3.25
N GLY C 431 -4.39 39.70 -3.59
CA GLY C 431 -4.23 40.27 -4.91
C GLY C 431 -5.25 39.83 -5.94
N ILE C 432 -6.15 38.91 -5.62
CA ILE C 432 -7.14 38.45 -6.59
C ILE C 432 -8.35 39.36 -6.68
N ARG C 433 -8.49 40.32 -5.77
CA ARG C 433 -9.60 41.27 -5.78
C ARG C 433 -9.04 42.68 -5.78
N LYS C 434 -9.54 43.52 -6.68
CA LYS C 434 -9.12 44.91 -6.71
C LYS C 434 -9.71 45.66 -5.51
N TRP C 435 -9.02 46.73 -5.09
CA TRP C 435 -9.42 47.41 -3.86
C TRP C 435 -10.81 48.01 -3.98
N TYR C 436 -11.22 48.43 -5.17
CA TYR C 436 -12.51 49.07 -5.37
C TYR C 436 -13.64 48.09 -5.67
N GLU C 437 -13.34 46.81 -5.86
CA GLU C 437 -14.36 45.83 -6.21
C GLU C 437 -15.06 45.29 -4.97
N LEU C 438 -16.30 44.82 -5.16
CA LEU C 438 -17.03 44.17 -4.08
C LEU C 438 -16.31 42.89 -3.67
N GLN C 439 -16.31 42.62 -2.35
CA GLN C 439 -15.59 41.44 -1.87
C GLN C 439 -16.19 40.16 -2.43
N TRP C 440 -17.52 40.04 -2.37
CA TRP C 440 -18.25 38.90 -2.97
C TRP C 440 -19.42 39.48 -3.74
N GLY C 441 -19.21 39.71 -5.04
CA GLY C 441 -20.23 40.28 -5.89
C GLY C 441 -21.23 39.30 -6.46
N ARG C 442 -21.02 38.01 -6.24
CA ARG C 442 -21.97 36.95 -6.64
C ARG C 442 -22.16 37.02 -8.16
N GLU C 443 -23.36 36.70 -8.65
CA GLU C 443 -23.68 36.79 -10.06
C GLU C 443 -24.92 37.65 -10.25
N LYS C 444 -24.81 38.68 -11.10
CA LYS C 444 -25.93 39.59 -11.30
C LYS C 444 -27.15 38.85 -11.86
N LEU C 445 -26.93 37.90 -12.78
CA LEU C 445 -28.03 37.18 -13.40
C LEU C 445 -28.85 36.39 -12.39
N PHE C 446 -28.32 36.14 -11.20
CA PHE C 446 -29.15 35.51 -10.16
C PHE C 446 -30.07 36.51 -9.48
N PHE C 447 -29.64 37.77 -9.32
CA PHE C 447 -30.49 38.75 -8.65
C PHE C 447 -31.49 39.40 -9.61
N GLU C 448 -31.07 39.63 -10.86
CA GLU C 448 -31.89 40.37 -11.82
C GLU C 448 -32.86 39.44 -12.55
N ARG C 449 -33.75 38.84 -11.76
CA ARG C 449 -34.75 37.90 -12.24
C ARG C 449 -35.83 37.78 -11.18
N LYS C 450 -36.95 37.21 -11.58
CA LYS C 450 -38.06 36.97 -10.64
C LYS C 450 -37.64 35.90 -9.64
N LYS C 451 -37.66 36.25 -8.37
CA LYS C 451 -37.17 35.35 -7.33
C LYS C 451 -37.92 35.63 -6.04
N ILE C 452 -37.71 34.74 -5.07
CA ILE C 452 -38.28 34.85 -3.73
C ILE C 452 -37.16 35.27 -2.78
N MET C 453 -37.46 36.20 -1.87
CA MET C 453 -36.51 36.68 -0.89
C MET C 453 -37.13 36.58 0.50
N TYR C 454 -36.26 36.46 1.51
CA TYR C 454 -36.72 36.38 2.89
C TYR C 454 -35.60 36.84 3.81
N PRO C 455 -35.92 37.49 4.92
CA PRO C 455 -34.88 37.95 5.85
C PRO C 455 -34.17 36.78 6.51
N TYR C 456 -32.89 37.01 6.85
CA TYR C 456 -32.09 35.95 7.46
C TYR C 456 -32.41 35.74 8.94
N LYS C 457 -33.01 36.74 9.59
CA LYS C 457 -33.46 36.62 10.98
C LYS C 457 -34.78 37.33 11.10
N SER C 458 -35.82 36.62 11.54
CA SER C 458 -37.15 37.19 11.61
C SER C 458 -37.93 36.49 12.72
N ASN C 459 -39.04 37.11 13.12
CA ASN C 459 -39.92 36.50 14.10
C ASN C 459 -40.90 35.52 13.48
N GLU C 460 -41.01 35.48 12.15
CA GLU C 460 -42.00 34.64 11.48
C GLU C 460 -41.56 34.44 10.03
N ASN C 461 -42.32 33.61 9.33
CA ASN C 461 -42.05 33.34 7.92
C ASN C 461 -42.47 34.54 7.08
N ARG C 462 -41.53 35.14 6.36
CA ARG C 462 -41.79 36.27 5.47
C ARG C 462 -41.06 35.99 4.15
N PHE C 463 -41.75 35.32 3.23
CA PHE C 463 -41.21 34.97 1.93
C PHE C 463 -41.92 35.80 0.87
N ALA C 464 -41.17 36.67 0.19
CA ALA C 464 -41.75 37.63 -0.74
C ALA C 464 -41.25 37.37 -2.14
N ILE C 465 -42.13 37.55 -3.12
CA ILE C 465 -41.73 37.55 -4.52
C ILE C 465 -41.15 38.91 -4.87
N ASP C 466 -39.97 38.92 -5.47
CA ASP C 466 -39.32 40.14 -5.92
C ASP C 466 -39.53 40.29 -7.42
N TYR C 467 -40.16 41.39 -7.83
CA TYR C 467 -40.36 41.70 -9.25
C TYR C 467 -39.42 42.79 -9.75
N ASP C 468 -38.62 43.40 -8.88
CA ASP C 468 -37.94 44.64 -9.19
C ASP C 468 -36.42 44.50 -9.25
N ASN C 469 -35.90 43.28 -9.42
CA ASN C 469 -34.46 43.03 -9.51
C ASN C 469 -33.72 43.63 -8.31
N ASN C 470 -34.18 43.27 -7.12
CA ASN C 470 -33.61 43.83 -5.89
C ASN C 470 -32.32 43.09 -5.51
N PHE C 471 -31.31 43.87 -5.16
CA PHE C 471 -30.09 43.34 -4.56
C PHE C 471 -30.15 43.51 -3.05
N SER C 472 -29.38 42.69 -2.35
CA SER C 472 -29.39 42.68 -0.90
C SER C 472 -28.05 42.18 -0.38
N SER C 473 -27.77 42.51 0.87
CA SER C 473 -26.60 41.98 1.55
C SER C 473 -26.91 40.56 2.04
N ALA C 474 -26.08 40.05 2.95
CA ALA C 474 -26.30 38.72 3.51
C ALA C 474 -27.44 38.68 4.51
N ASP C 475 -28.03 39.83 4.85
CA ASP C 475 -29.19 39.83 5.74
C ASP C 475 -30.48 39.44 5.03
N VAL C 476 -30.46 39.26 3.71
CA VAL C 476 -31.60 38.77 2.95
C VAL C 476 -31.12 37.64 2.05
N TYR C 477 -31.79 36.49 2.12
CA TYR C 477 -31.51 35.37 1.23
C TYR C 477 -32.52 35.32 0.10
N SER C 478 -32.15 34.63 -0.98
CA SER C 478 -32.98 34.54 -2.17
C SER C 478 -32.89 33.14 -2.76
N PHE C 479 -33.91 32.78 -3.53
CA PHE C 479 -33.87 31.57 -4.33
C PHE C 479 -34.83 31.73 -5.51
N PHE C 480 -34.63 30.89 -6.53
CA PHE C 480 -35.51 30.85 -7.68
C PHE C 480 -35.73 29.40 -8.08
N ILE C 481 -36.84 29.15 -8.77
CA ILE C 481 -37.22 27.79 -9.12
C ILE C 481 -36.38 27.31 -10.30
N LYS C 482 -36.03 26.03 -10.27
CA LYS C 482 -35.30 25.43 -11.39
C LYS C 482 -36.17 25.38 -12.64
N GLU C 483 -35.50 25.43 -13.80
CA GLU C 483 -36.22 25.45 -15.07
C GLU C 483 -37.07 24.20 -15.24
N GLU C 484 -36.57 23.05 -14.81
CA GLU C 484 -37.31 21.80 -14.98
C GLU C 484 -38.51 21.68 -14.06
N TYR C 485 -38.61 22.52 -13.03
CA TYR C 485 -39.72 22.45 -12.08
C TYR C 485 -40.72 23.59 -12.25
N LEU C 486 -40.57 24.43 -13.28
CA LEU C 486 -41.48 25.56 -13.46
C LEU C 486 -42.87 25.10 -13.86
N ASP C 487 -42.99 23.96 -14.53
CA ASP C 487 -44.30 23.44 -14.92
C ASP C 487 -45.03 22.76 -13.77
N LYS C 488 -44.36 22.50 -12.66
CA LYS C 488 -44.97 21.89 -11.48
C LYS C 488 -45.21 22.88 -10.35
N PHE C 489 -44.28 23.79 -10.10
CA PHE C 489 -44.38 24.76 -9.02
C PHE C 489 -44.26 26.17 -9.55
N SER C 490 -45.00 27.10 -8.94
CA SER C 490 -44.98 28.51 -9.29
C SER C 490 -44.55 29.33 -8.08
N TYR C 491 -44.09 30.56 -8.34
CA TYR C 491 -43.70 31.44 -7.25
C TYR C 491 -44.88 31.80 -6.36
N GLU C 492 -46.05 32.00 -6.97
CA GLU C 492 -47.24 32.38 -6.20
C GLU C 492 -47.68 31.25 -5.28
N TYR C 493 -47.65 30.01 -5.76
CA TYR C 493 -47.98 28.88 -4.90
C TYR C 493 -46.98 28.72 -3.76
N LEU C 494 -45.69 28.92 -4.05
CA LEU C 494 -44.66 28.74 -3.02
C LEU C 494 -44.84 29.76 -1.90
N VAL C 495 -44.95 31.05 -2.23
CA VAL C 495 -45.13 32.03 -1.17
C VAL C 495 -46.46 31.82 -0.46
N GLY C 496 -47.44 31.24 -1.15
CA GLY C 496 -48.70 30.93 -0.51
C GLY C 496 -48.54 29.94 0.64
N ILE C 497 -47.78 28.87 0.39
CA ILE C 497 -47.67 27.86 1.44
C ILE C 497 -46.58 28.21 2.44
N LEU C 498 -45.53 28.90 2.00
CA LEU C 498 -44.43 29.21 2.92
C LEU C 498 -44.85 30.22 4.00
N ASN C 499 -45.85 31.05 3.72
CA ASN C 499 -46.32 32.05 4.67
C ASN C 499 -47.52 31.59 5.48
N SER C 500 -47.96 30.34 5.30
CA SER C 500 -49.11 29.86 6.03
C SER C 500 -48.77 29.63 7.50
N SER C 501 -49.81 29.67 8.33
CA SER C 501 -49.64 29.32 9.74
C SER C 501 -49.14 27.90 9.90
N VAL C 502 -49.52 27.01 8.99
CA VAL C 502 -49.05 25.62 9.03
C VAL C 502 -47.54 25.56 8.84
N TYR C 503 -47.02 26.30 7.86
CA TYR C 503 -45.58 26.27 7.60
C TYR C 503 -44.77 27.17 8.52
N ASP C 504 -45.43 28.13 9.19
CA ASP C 504 -44.73 28.92 10.20
C ASP C 504 -44.42 28.06 11.42
N LYS C 505 -45.41 27.30 11.88
CA LYS C 505 -45.18 26.35 12.96
C LYS C 505 -44.19 25.26 12.54
N TYR C 506 -44.34 24.76 11.30
CA TYR C 506 -43.51 23.66 10.83
C TYR C 506 -42.04 24.05 10.81
N PHE C 507 -41.71 25.24 10.29
CA PHE C 507 -40.32 25.65 10.27
C PHE C 507 -39.77 25.83 11.67
N LYS C 508 -40.56 26.46 12.55
CA LYS C 508 -40.08 26.82 13.89
C LYS C 508 -39.87 25.62 14.80
N ILE C 509 -40.32 24.43 14.39
CA ILE C 509 -40.06 23.22 15.18
C ILE C 509 -38.56 22.96 15.27
N THR C 510 -37.85 23.08 14.14
CA THR C 510 -36.42 22.81 14.07
C THR C 510 -35.59 24.06 13.89
N ALA C 511 -36.20 25.23 13.78
CA ALA C 511 -35.45 26.44 13.49
C ALA C 511 -34.52 26.79 14.65
N LYS C 512 -33.54 27.63 14.35
CA LYS C 512 -32.48 27.99 15.28
C LYS C 512 -32.86 29.27 16.01
N LYS C 513 -33.25 29.14 17.28
CA LYS C 513 -33.67 30.30 18.08
C LYS C 513 -32.45 31.13 18.46
N MET C 514 -32.40 32.37 17.96
CA MET C 514 -31.23 33.22 18.15
C MET C 514 -31.37 34.13 19.37
N SER C 515 -32.37 35.00 19.38
CA SER C 515 -32.63 35.89 20.49
C SER C 515 -34.13 35.99 20.66
N LYS C 516 -34.57 36.93 21.49
CA LYS C 516 -35.99 37.10 21.74
C LYS C 516 -36.72 37.44 20.44
N ASN C 517 -37.75 36.64 20.13
CA ASN C 517 -38.59 36.84 18.95
C ASN C 517 -37.78 36.87 17.66
N ILE C 518 -36.72 36.06 17.59
CA ILE C 518 -35.86 36.00 16.41
C ILE C 518 -35.46 34.57 16.15
N TYR C 519 -35.78 34.05 14.98
CA TYR C 519 -35.30 32.77 14.50
C TYR C 519 -34.32 32.98 13.35
N ASP C 520 -33.44 32.00 13.16
CA ASP C 520 -32.49 32.00 12.06
C ASP C 520 -33.18 31.43 10.82
N TYR C 521 -33.35 32.27 9.80
CA TYR C 521 -33.83 31.81 8.50
C TYR C 521 -32.65 31.73 7.53
N TYR C 522 -31.86 30.67 7.69
CA TYR C 522 -30.73 30.44 6.80
C TYR C 522 -31.03 29.26 5.87
N PRO C 523 -30.40 29.21 4.69
CA PRO C 523 -30.71 28.12 3.74
C PRO C 523 -30.44 26.73 4.30
N ASN C 524 -29.51 26.59 5.25
CA ASN C 524 -29.19 25.26 5.76
C ASN C 524 -30.38 24.61 6.44
N LYS C 525 -31.40 25.38 6.80
CA LYS C 525 -32.67 24.81 7.25
C LYS C 525 -33.85 25.17 6.35
N VAL C 526 -33.82 26.32 5.70
CA VAL C 526 -34.93 26.73 4.83
C VAL C 526 -35.01 25.83 3.60
N MET C 527 -33.86 25.42 3.06
CA MET C 527 -33.87 24.56 1.89
C MET C 527 -34.31 23.15 2.20
N LYS C 528 -34.33 22.75 3.47
CA LYS C 528 -34.79 21.42 3.85
C LYS C 528 -36.30 21.36 4.06
N ILE C 529 -36.99 22.50 3.96
CA ILE C 529 -38.44 22.52 4.08
C ILE C 529 -39.05 21.69 2.96
N ARG C 530 -39.95 20.79 3.32
CA ARG C 530 -40.53 19.87 2.35
C ARG C 530 -41.84 20.42 1.79
N ILE C 531 -42.07 20.17 0.50
CA ILE C 531 -43.18 20.73 -0.25
C ILE C 531 -44.03 19.60 -0.81
N PHE C 532 -45.32 19.88 -1.02
CA PHE C 532 -46.25 18.92 -1.57
C PHE C 532 -46.91 19.48 -2.82
N ARG C 533 -47.64 18.62 -3.53
CA ARG C 533 -48.41 19.04 -4.70
C ARG C 533 -49.56 18.07 -4.88
N ASP C 534 -50.79 18.58 -4.84
CA ASP C 534 -51.98 17.73 -4.96
C ASP C 534 -53.09 18.56 -5.59
N ASN C 535 -54.33 18.06 -5.49
CA ASN C 535 -55.47 18.65 -6.19
C ASN C 535 -55.85 20.04 -5.69
N ASN C 536 -55.38 20.44 -4.51
CA ASN C 536 -55.66 21.78 -4.00
C ASN C 536 -54.67 22.82 -4.48
N TYR C 537 -53.83 22.47 -5.46
CA TYR C 537 -52.80 23.41 -5.94
C TYR C 537 -53.43 24.65 -6.55
N GLU C 538 -54.43 24.46 -7.42
CA GLU C 538 -55.02 25.59 -8.14
C GLU C 538 -55.67 26.58 -7.20
N GLU C 539 -56.41 26.09 -6.20
CA GLU C 539 -57.06 26.98 -5.24
C GLU C 539 -56.04 27.74 -4.41
N ILE C 540 -54.98 27.06 -3.94
CA ILE C 540 -53.97 27.74 -3.14
C ILE C 540 -53.25 28.80 -3.95
N GLU C 541 -52.89 28.47 -5.20
CA GLU C 541 -52.23 29.45 -6.06
C GLU C 541 -53.12 30.67 -6.29
N ASN C 542 -54.41 30.44 -6.56
CA ASN C 542 -55.30 31.56 -6.85
C ASN C 542 -55.51 32.42 -5.61
N LEU C 543 -55.62 31.81 -4.43
CA LEU C 543 -55.74 32.58 -3.20
C LEU C 543 -54.54 33.47 -2.98
N SER C 544 -53.34 32.94 -3.22
CA SER C 544 -52.12 33.73 -3.08
C SER C 544 -52.09 34.89 -4.08
N LYS C 545 -52.51 34.63 -5.33
CA LYS C 545 -52.54 35.69 -6.33
C LYS C 545 -53.49 36.82 -5.92
N GLN C 546 -54.62 36.47 -5.29
CA GLN C 546 -55.53 37.50 -4.79
C GLN C 546 -54.90 38.30 -3.66
N ILE C 547 -54.17 37.62 -2.76
CA ILE C 547 -53.51 38.30 -1.66
C ILE C 547 -52.47 39.28 -2.18
N ILE C 548 -51.69 38.87 -3.18
CA ILE C 548 -50.70 39.77 -3.78
C ILE C 548 -51.39 40.95 -4.45
N SER C 549 -52.53 40.70 -5.11
CA SER C 549 -53.25 41.78 -5.78
C SER C 549 -53.69 42.83 -4.77
N ILE C 550 -54.22 42.41 -3.62
CA ILE C 550 -54.69 43.36 -2.62
C ILE C 550 -53.54 44.12 -1.97
N LEU C 551 -52.42 43.42 -1.71
CA LEU C 551 -51.29 44.06 -1.03
C LEU C 551 -50.60 45.10 -1.90
N LEU C 552 -50.81 45.06 -3.21
CA LEU C 552 -50.25 46.05 -4.12
C LEU C 552 -51.25 47.15 -4.47
N ASN C 553 -52.46 47.10 -3.93
CA ASN C 553 -53.48 48.09 -4.23
C ASN C 553 -53.36 49.29 -3.29
N LYS C 554 -54.04 50.37 -3.67
CA LYS C 554 -54.07 51.56 -2.82
C LYS C 554 -54.90 51.31 -1.56
N SER C 555 -56.10 50.75 -1.73
CA SER C 555 -56.99 50.46 -0.62
C SER C 555 -56.82 48.99 -0.23
N ILE C 556 -55.93 48.75 0.74
CA ILE C 556 -55.65 47.41 1.22
C ILE C 556 -56.61 47.09 2.37
N ASP C 557 -57.58 46.21 2.11
CA ASP C 557 -58.50 45.75 3.15
C ASP C 557 -57.86 44.53 3.82
N LYS C 558 -57.36 44.73 5.04
CA LYS C 558 -56.67 43.65 5.75
C LYS C 558 -57.63 42.53 6.14
N GLY C 559 -58.90 42.85 6.36
CA GLY C 559 -59.87 41.81 6.66
C GLY C 559 -60.03 40.82 5.53
N LYS C 560 -60.08 41.33 4.29
CA LYS C 560 -60.20 40.44 3.13
C LYS C 560 -58.96 39.56 2.99
N VAL C 561 -57.77 40.11 3.27
CA VAL C 561 -56.55 39.31 3.20
C VAL C 561 -56.57 38.21 4.26
N GLU C 562 -57.00 38.55 5.48
CA GLU C 562 -57.02 37.55 6.55
C GLU C 562 -57.97 36.41 6.23
N LYS C 563 -59.15 36.71 5.70
CA LYS C 563 -60.09 35.66 5.29
C LYS C 563 -59.49 34.79 4.19
N LEU C 564 -58.77 35.39 3.24
CA LEU C 564 -58.10 34.61 2.20
C LEU C 564 -57.01 33.72 2.81
N GLN C 565 -56.25 34.26 3.77
CA GLN C 565 -55.20 33.46 4.39
C GLN C 565 -55.77 32.25 5.11
N ILE C 566 -56.92 32.42 5.78
CA ILE C 566 -57.52 31.30 6.50
C ILE C 566 -57.97 30.20 5.55
N LYS C 567 -58.62 30.57 4.44
CA LYS C 567 -59.06 29.57 3.48
C LYS C 567 -57.87 28.82 2.88
N MET C 568 -56.75 29.51 2.66
CA MET C 568 -55.55 28.84 2.21
C MET C 568 -55.05 27.85 3.27
N ASP C 569 -55.04 28.28 4.54
CA ASP C 569 -54.56 27.40 5.60
C ASP C 569 -55.42 26.14 5.72
N ASN C 570 -56.73 26.28 5.54
CA ASN C 570 -57.62 25.11 5.60
C ASN C 570 -57.29 24.12 4.48
N LEU C 571 -56.99 24.62 3.28
CA LEU C 571 -56.63 23.73 2.18
C LEU C 571 -55.32 23.01 2.46
N ILE C 572 -54.34 23.72 3.04
CA ILE C 572 -53.04 23.11 3.33
C ILE C 572 -53.19 22.00 4.36
N MET C 573 -53.99 22.24 5.40
CA MET C 573 -54.21 21.21 6.41
C MET C 573 -54.95 20.01 5.84
N ASP C 574 -55.92 20.24 4.94
CA ASP C 574 -56.58 19.13 4.26
C ASP C 574 -55.61 18.35 3.40
N SER C 575 -54.70 19.05 2.71
CA SER C 575 -53.70 18.37 1.90
C SER C 575 -52.78 17.51 2.74
N LEU C 576 -52.30 18.05 3.86
CA LEU C 576 -51.31 17.37 4.69
C LEU C 576 -51.94 16.48 5.75
N GLY C 577 -53.27 16.46 5.86
CA GLY C 577 -53.92 15.62 6.85
C GLY C 577 -53.79 16.10 8.27
N ILE C 578 -53.47 17.37 8.48
CA ILE C 578 -53.32 17.90 9.83
C ILE C 578 -54.69 18.32 10.36
#